data_3AUP
#
_entry.id   3AUP
#
_cell.length_a   135.240
_cell.length_b   161.168
_cell.length_c   84.750
_cell.angle_alpha   90.00
_cell.angle_beta   90.00
_cell.angle_gamma   90.00
#
_symmetry.space_group_name_H-M   'P 21 21 2'
#
loop_
_entity.id
_entity.type
_entity.pdbx_description
1 polymer 'Basic 7S globulin'
2 water water
#
_entity_poly.entity_id   1
_entity_poly.type   'polypeptide(L)'
_entity_poly.pdbx_seq_one_letter_code
;VTPTKPINLVVLPVQNDGSTGLHWANLQKRTPLMQVPVLVDLNGNHLWVNCEQQYSSKTYQAPFCHSTQCSRANTHQCLS
CPAASRPGCHKNTCGLMSTNPITQQTGLGELGEDVLAIHATQGSTQQLGPLVTVPQFLFSCAPSFLVQKGLPRNTQGVAG
LGHAPISLPNQLASHFGLQRQFTTCLSRYPTSKGAIIFGDAPNNMRQFQNQDIFHDLAFTPLTITLQGEYNVRVNSIRIN
QHSVFPLNKISSTIVGSTSGGTMISTSTPHMVLQQSVYQAFTQVFAQQLPKQAQVKSVAPFGLCFNSNKINAYPSVDLVM
DKPNGPVWRISGEDLMVQAQPGVTCLGVMNGGMQPRAEITLGARQLEENLVVFDLARSRVGFSTSSLHSHGVKCADLFNF
ANA
;
_entity_poly.pdbx_strand_id   A,B,C,D
#
# COMPACT_ATOMS: atom_id res chain seq x y z
N PRO A 6 -2.48 -2.51 38.70
CA PRO A 6 -3.04 -3.66 37.96
C PRO A 6 -4.29 -3.29 37.13
N ILE A 7 -4.09 -2.60 36.01
CA ILE A 7 -5.20 -2.12 35.16
C ILE A 7 -5.63 -3.21 34.16
N ASN A 8 -6.89 -3.59 34.25
CA ASN A 8 -7.47 -4.59 33.37
C ASN A 8 -8.54 -4.04 32.43
N LEU A 9 -9.14 -2.92 32.77
CA LEU A 9 -10.12 -2.29 31.90
C LEU A 9 -10.03 -0.79 31.96
N VAL A 10 -10.41 -0.13 30.91
CA VAL A 10 -10.56 1.30 30.91
C VAL A 10 -11.88 1.54 30.18
N VAL A 11 -12.55 2.65 30.46
CA VAL A 11 -13.87 2.81 30.11
CA VAL A 11 -13.89 2.82 30.17
C VAL A 11 -14.17 4.21 29.66
N LEU A 12 -14.84 4.37 28.53
CA LEU A 12 -15.09 5.69 27.98
C LEU A 12 -16.60 5.89 27.93
N PRO A 13 -17.10 6.95 28.56
CA PRO A 13 -18.52 7.29 28.43
C PRO A 13 -18.85 7.81 27.03
N VAL A 14 -19.98 7.38 26.49
CA VAL A 14 -20.41 7.72 25.14
CA VAL A 14 -20.41 7.74 25.15
C VAL A 14 -21.89 8.09 25.18
N GLN A 15 -22.26 9.15 24.47
CA GLN A 15 -23.65 9.60 24.51
C GLN A 15 -24.30 9.55 23.17
N ASN A 16 -25.63 9.43 23.20
CA ASN A 16 -26.41 9.28 21.99
C ASN A 16 -26.91 10.68 21.69
N ASP A 17 -26.72 11.13 20.45
CA ASP A 17 -27.11 12.44 20.05
C ASP A 17 -28.47 12.34 19.40
N GLY A 18 -29.44 12.92 20.08
CA GLY A 18 -30.85 12.82 19.73
C GLY A 18 -31.14 13.35 18.34
N SER A 19 -30.55 14.48 17.97
CA SER A 19 -30.80 15.07 16.69
C SER A 19 -30.29 14.23 15.51
N THR A 20 -29.14 13.58 15.67
CA THR A 20 -28.54 12.81 14.55
C THR A 20 -28.67 11.30 14.67
N GLY A 21 -29.00 10.80 15.85
CA GLY A 21 -28.89 9.38 16.15
C GLY A 21 -27.46 8.87 16.24
N LEU A 22 -26.47 9.76 16.17
CA LEU A 22 -25.08 9.30 16.24
C LEU A 22 -24.57 9.37 17.65
N HIS A 23 -23.50 8.62 17.90
CA HIS A 23 -22.87 8.50 19.20
C HIS A 23 -21.55 9.30 19.25
N TRP A 24 -21.32 9.98 20.36
CA TRP A 24 -20.18 10.89 20.53
C TRP A 24 -19.71 10.94 21.96
N ALA A 25 -18.51 11.47 22.19
CA ALA A 25 -17.88 11.40 23.50
C ALA A 25 -17.11 12.66 23.78
N ASN A 26 -16.99 13.00 25.06
CA ASN A 26 -16.04 14.03 25.50
C ASN A 26 -14.78 13.35 25.93
N LEU A 27 -13.73 13.52 25.13
CA LEU A 27 -12.44 12.95 25.42
C LEU A 27 -11.65 13.93 26.30
N GLN A 28 -10.89 13.38 27.24
CA GLN A 28 -10.05 14.21 28.05
C GLN A 28 -8.67 14.19 27.47
N LYS A 29 -8.25 15.33 26.93
CA LYS A 29 -6.92 15.44 26.36
C LYS A 29 -6.24 16.69 26.87
N ARG A 30 -4.94 16.67 26.75
CA ARG A 30 -4.11 17.86 26.69
C ARG A 30 -3.63 18.18 28.11
N THR A 31 -2.72 19.14 28.27
CA THR A 31 -2.29 19.54 29.58
C THR A 31 -2.41 21.06 29.65
N PRO A 32 -3.26 21.59 30.55
CA PRO A 32 -4.21 20.89 31.43
C PRO A 32 -5.24 20.10 30.64
N LEU A 33 -5.79 19.06 31.26
CA LEU A 33 -6.93 18.34 30.69
C LEU A 33 -8.11 19.25 30.28
N MET A 34 -8.64 18.99 29.11
CA MET A 34 -9.84 19.65 28.64
C MET A 34 -10.70 18.64 27.85
N GLN A 35 -11.99 18.93 27.73
CA GLN A 35 -12.96 18.02 27.16
C GLN A 35 -13.00 18.32 25.67
N VAL A 36 -12.81 17.31 24.83
CA VAL A 36 -12.86 17.49 23.38
C VAL A 36 -13.97 16.59 22.85
N PRO A 37 -15.04 17.19 22.30
CA PRO A 37 -16.15 16.39 21.83
C PRO A 37 -15.85 15.82 20.44
N VAL A 38 -16.09 14.54 20.28
CA VAL A 38 -15.74 13.84 19.09
CA VAL A 38 -15.74 13.82 19.07
C VAL A 38 -16.84 12.78 18.77
N LEU A 39 -17.13 12.58 17.50
CA LEU A 39 -17.97 11.46 17.07
C LEU A 39 -17.28 10.18 17.42
N VAL A 40 -18.05 9.15 17.79
CA VAL A 40 -17.50 7.81 17.92
C VAL A 40 -17.76 7.02 16.61
N ASP A 41 -16.69 6.67 15.92
CA ASP A 41 -16.72 6.03 14.60
C ASP A 41 -16.10 4.66 14.78
N LEU A 42 -16.95 3.64 14.89
CA LEU A 42 -16.53 2.26 15.09
C LEU A 42 -15.46 1.86 14.12
N ASN A 43 -15.59 2.30 12.87
CA ASN A 43 -14.68 1.84 11.83
C ASN A 43 -13.55 2.80 11.58
N GLY A 44 -13.42 3.84 12.39
CA GLY A 44 -12.43 4.86 12.04
C GLY A 44 -11.01 4.44 12.33
N ASN A 45 -10.11 4.80 11.42
CA ASN A 45 -8.70 4.49 11.50
C ASN A 45 -8.02 5.03 12.76
N HIS A 46 -8.35 6.25 13.18
CA HIS A 46 -7.60 6.90 14.22
C HIS A 46 -8.47 7.94 14.91
N LEU A 47 -7.88 8.63 15.86
CA LEU A 47 -8.45 9.86 16.46
C LEU A 47 -7.96 11.06 15.71
N TRP A 48 -8.90 11.91 15.24
CA TRP A 48 -8.54 13.18 14.65
C TRP A 48 -9.42 14.26 15.24
N VAL A 49 -8.83 15.42 15.37
CA VAL A 49 -9.51 16.58 15.87
C VAL A 49 -9.11 17.79 15.02
N ASN A 50 -9.93 18.83 15.09
CA ASN A 50 -9.62 20.12 14.47
C ASN A 50 -8.75 20.89 15.44
N CYS A 51 -7.49 21.06 15.07
CA CYS A 51 -6.56 21.86 15.84
C CYS A 51 -6.45 23.31 15.32
N GLU A 52 -7.00 23.63 14.14
CA GLU A 52 -6.81 24.97 13.44
C GLU A 52 -7.18 26.07 14.39
N GLN A 53 -7.98 25.65 15.36
CA GLN A 53 -8.70 26.45 16.31
C GLN A 53 -7.76 26.68 17.49
N GLN A 54 -8.36 27.24 18.54
CA GLN A 54 -7.99 26.96 19.94
C GLN A 54 -7.29 25.64 20.09
N TYR A 55 -6.07 25.68 20.56
CA TYR A 55 -5.43 24.47 21.06
C TYR A 55 -4.43 24.93 22.10
N SER A 56 -4.68 24.54 23.34
CA SER A 56 -3.79 24.83 24.45
C SER A 56 -3.33 23.53 25.05
N SER A 57 -2.02 23.32 25.08
CA SER A 57 -1.48 22.16 25.76
C SER A 57 -0.03 22.36 26.04
N LYS A 58 0.44 21.89 27.19
CA LYS A 58 1.88 21.93 27.51
C LYS A 58 2.60 20.70 26.98
N THR A 59 1.85 19.72 26.51
CA THR A 59 2.39 18.40 26.21
C THR A 59 2.18 17.96 24.78
N TYR A 60 1.84 18.89 23.91
CA TYR A 60 1.65 18.58 22.52
C TYR A 60 2.97 18.53 21.75
N GLN A 61 3.11 17.52 20.89
CA GLN A 61 4.32 17.34 20.07
C GLN A 61 3.93 16.79 18.70
N ALA A 62 4.60 17.25 17.65
CA ALA A 62 4.35 16.64 16.35
C ALA A 62 5.56 15.80 15.99
N PRO A 63 5.40 14.48 15.85
CA PRO A 63 6.52 13.59 15.48
C PRO A 63 7.18 14.01 14.18
N PHE A 64 8.44 13.71 14.00
CA PHE A 64 9.11 14.12 12.76
C PHE A 64 8.92 13.05 11.65
N CYS A 65 9.02 13.49 10.40
CA CYS A 65 8.89 12.58 9.25
C CYS A 65 9.88 11.44 9.36
N HIS A 66 9.42 10.24 9.02
CA HIS A 66 10.18 8.99 9.07
C HIS A 66 10.47 8.50 10.50
N SER A 67 9.86 9.13 11.51
CA SER A 67 9.99 8.71 12.93
C SER A 67 9.32 7.38 13.16
N THR A 68 9.67 6.74 14.27
CA THR A 68 8.91 5.59 14.73
C THR A 68 7.43 5.86 14.88
N GLN A 69 7.04 7.04 15.37
CA GLN A 69 5.60 7.34 15.48
C GLN A 69 4.93 7.40 14.11
N CYS A 70 5.58 8.00 13.12
CA CYS A 70 5.00 8.03 11.78
C CYS A 70 4.93 6.62 11.21
N SER A 71 5.98 5.81 11.39
CA SER A 71 5.97 4.39 10.97
C SER A 71 4.81 3.63 11.63
N ARG A 72 4.61 3.85 12.92
CA ARG A 72 3.52 3.15 13.64
C ARG A 72 2.20 3.57 13.07
N ALA A 73 2.05 4.87 12.84
CA ALA A 73 0.86 5.40 12.15
C ALA A 73 0.74 4.99 10.67
N ASN A 74 1.73 4.30 10.12
CA ASN A 74 1.73 3.90 8.71
C ASN A 74 1.71 5.07 7.72
N THR A 75 2.47 6.13 7.99
CA THR A 75 2.61 7.16 6.98
C THR A 75 4.06 7.50 6.79
N HIS A 76 4.52 7.48 5.56
CA HIS A 76 5.84 8.02 5.21
C HIS A 76 5.72 9.29 4.33
N GLN A 77 4.60 10.00 4.47
CA GLN A 77 4.38 11.25 3.75
C GLN A 77 4.83 12.41 4.60
N CYS A 78 5.80 13.18 4.13
CA CYS A 78 6.35 14.28 4.94
C CYS A 78 5.61 15.55 4.63
N LEU A 79 5.37 16.40 5.62
CA LEU A 79 4.67 17.67 5.42
C LEU A 79 5.42 18.82 5.99
N SER A 80 5.14 19.99 5.43
CA SER A 80 5.63 21.24 6.00
C SER A 80 4.59 22.35 5.85
N CYS A 81 4.65 23.31 6.77
CA CYS A 81 3.70 24.40 6.83
C CYS A 81 4.50 25.69 6.73
N PRO A 82 4.07 26.62 5.87
CA PRO A 82 4.77 27.87 5.71
C PRO A 82 4.20 28.90 6.67
N ALA A 83 4.62 28.84 7.92
CA ALA A 83 4.07 29.77 8.90
C ALA A 83 4.58 29.41 10.28
N ALA A 84 4.43 30.33 11.23
CA ALA A 84 4.86 30.07 12.60
C ALA A 84 4.31 28.72 13.06
N SER A 85 5.14 27.95 13.75
CA SER A 85 4.74 26.61 14.17
C SER A 85 3.67 26.60 15.32
N ARG A 86 2.76 25.64 15.25
CA ARG A 86 1.70 25.50 16.24
C ARG A 86 1.05 24.16 15.94
N PRO A 87 0.22 23.66 16.87
CA PRO A 87 -0.44 22.38 16.54
C PRO A 87 -1.14 22.42 15.17
N GLY A 88 -0.75 21.48 14.31
CA GLY A 88 -1.26 21.44 12.94
C GLY A 88 -0.38 22.02 11.85
N CYS A 89 0.71 22.69 12.24
CA CYS A 89 1.53 23.48 11.34
C CYS A 89 3.01 23.46 11.82
N HIS A 90 3.81 22.64 11.16
CA HIS A 90 5.22 22.48 11.52
C HIS A 90 6.06 22.28 10.27
N LYS A 91 7.37 22.34 10.44
CA LYS A 91 8.30 21.95 9.40
C LYS A 91 8.63 20.46 9.61
N ASN A 92 8.64 19.65 8.55
CA ASN A 92 9.07 18.25 8.66
C ASN A 92 8.28 17.29 9.58
N THR A 93 6.97 17.19 9.34
CA THR A 93 6.08 16.30 10.08
C THR A 93 5.54 15.27 9.09
N CYS A 94 4.60 14.45 9.58
CA CYS A 94 3.98 13.30 8.91
C CYS A 94 2.53 13.61 8.60
N GLY A 95 2.10 13.27 7.39
CA GLY A 95 0.76 13.54 6.92
C GLY A 95 -0.09 12.28 6.98
N LEU A 96 -1.34 12.44 7.38
CA LEU A 96 -2.33 11.32 7.50
C LEU A 96 -3.67 11.76 6.93
N MET A 97 -4.34 10.93 6.14
CA MET A 97 -5.69 11.21 5.62
C MET A 97 -6.70 10.88 6.74
N SER A 98 -7.57 11.84 7.05
CA SER A 98 -8.66 11.62 8.03
C SER A 98 -9.95 11.64 7.33
N THR A 99 -10.90 10.85 7.85
CA THR A 99 -12.18 10.69 7.26
C THR A 99 -13.34 11.09 8.20
N ASN A 100 -14.26 11.88 7.66
CA ASN A 100 -15.56 12.13 8.26
C ASN A 100 -16.40 11.02 7.71
N PRO A 101 -16.82 10.08 8.56
CA PRO A 101 -17.49 8.88 8.05
C PRO A 101 -18.94 9.11 7.71
N ILE A 102 -19.48 10.25 8.11
CA ILE A 102 -20.88 10.56 7.80
C ILE A 102 -21.02 11.07 6.36
N THR A 103 -20.16 11.99 5.96
CA THR A 103 -20.19 12.53 4.60
C THR A 103 -19.26 11.74 3.63
N GLN A 104 -18.37 10.95 4.23
CA GLN A 104 -17.31 10.23 3.54
C GLN A 104 -16.22 11.11 3.00
N GLN A 105 -16.15 12.36 3.49
CA GLN A 105 -15.07 13.25 3.12
C GLN A 105 -13.79 12.78 3.70
N THR A 106 -12.71 13.07 3.00
CA THR A 106 -11.39 12.77 3.56
C THR A 106 -10.41 13.89 3.23
N GLY A 107 -9.54 14.19 4.18
CA GLY A 107 -8.60 15.31 4.04
C GLY A 107 -7.29 15.04 4.72
N LEU A 108 -6.28 15.78 4.29
CA LEU A 108 -4.93 15.59 4.68
C LEU A 108 -4.59 16.43 5.95
N GLY A 109 -4.17 15.74 7.03
CA GLY A 109 -3.69 16.43 8.24
C GLY A 109 -2.38 15.90 8.79
N GLU A 110 -1.94 16.43 9.92
CA GLU A 110 -0.66 16.02 10.51
C GLU A 110 -0.78 15.21 11.75
N LEU A 111 0.16 14.29 11.89
CA LEU A 111 0.21 13.44 13.05
C LEU A 111 0.67 14.27 14.27
N GLY A 112 -0.03 14.12 15.38
CA GLY A 112 0.35 14.78 16.64
C GLY A 112 0.37 13.76 17.78
N GLU A 113 0.97 14.16 18.91
CA GLU A 113 0.98 13.39 20.13
C GLU A 113 0.53 14.28 21.26
N ASP A 114 -0.30 13.79 22.16
CA ASP A 114 -0.58 14.60 23.38
C ASP A 114 -1.18 13.68 24.41
N VAL A 115 -1.45 14.22 25.60
CA VAL A 115 -2.08 13.48 26.68
C VAL A 115 -3.51 13.12 26.34
N LEU A 116 -3.85 11.86 26.58
CA LEU A 116 -5.23 11.40 26.67
C LEU A 116 -5.39 10.76 28.04
N ALA A 117 -6.48 11.05 28.73
CA ALA A 117 -6.75 10.52 30.04
C ALA A 117 -8.06 9.80 29.99
N ILE A 118 -8.19 8.72 30.74
CA ILE A 118 -9.37 7.87 30.67
C ILE A 118 -9.49 7.07 31.99
N HIS A 119 -10.71 6.77 32.44
CA HIS A 119 -10.88 6.06 33.72
C HIS A 119 -10.55 4.58 33.61
N ALA A 120 -9.70 4.09 34.51
CA ALA A 120 -9.55 2.66 34.75
C ALA A 120 -10.76 2.16 35.53
N THR A 121 -10.97 0.85 35.52
CA THR A 121 -12.11 0.22 36.19
C THR A 121 -11.78 -1.23 36.49
N GLN A 122 -11.88 -1.63 37.76
CA GLN A 122 -11.62 -3.03 38.13
C GLN A 122 -12.69 -4.01 37.61
N GLY A 123 -13.93 -3.53 37.59
CA GLY A 123 -15.07 -4.34 37.12
C GLY A 123 -15.83 -4.93 38.30
N LEU A 128 -15.07 5.13 37.15
CA LEU A 128 -15.13 4.62 38.52
C LEU A 128 -13.76 4.59 39.21
N GLY A 129 -12.78 3.95 38.57
CA GLY A 129 -11.42 3.90 39.14
C GLY A 129 -10.67 5.19 38.85
N PRO A 130 -9.35 5.19 39.12
CA PRO A 130 -8.57 6.40 38.88
C PRO A 130 -8.43 6.75 37.39
N LEU A 131 -8.15 8.01 37.16
CA LEU A 131 -7.97 8.53 35.82
C LEU A 131 -6.52 8.28 35.46
N VAL A 132 -6.30 7.56 34.38
CA VAL A 132 -4.95 7.22 33.96
C VAL A 132 -4.75 7.81 32.58
N THR A 133 -3.48 7.95 32.15
CA THR A 133 -3.13 8.67 30.95
C THR A 133 -2.20 7.90 30.02
N VAL A 134 -2.39 8.18 28.74
CA VAL A 134 -1.41 7.87 27.71
C VAL A 134 -0.75 9.19 27.44
N PRO A 135 0.50 9.37 27.93
CA PRO A 135 1.06 10.71 27.89
C PRO A 135 1.37 11.26 26.50
N GLN A 136 1.63 10.36 25.56
CA GLN A 136 1.91 10.64 24.15
C GLN A 136 0.93 9.82 23.28
N PHE A 137 -0.38 10.10 23.41
CA PHE A 137 -1.40 9.47 22.59
C PHE A 137 -1.31 10.04 21.20
N LEU A 138 -1.21 9.17 20.19
CA LEU A 138 -1.08 9.60 18.83
C LEU A 138 -2.46 9.88 18.20
N PHE A 139 -2.53 10.91 17.38
CA PHE A 139 -3.79 11.38 16.76
C PHE A 139 -3.45 12.30 15.61
N SER A 140 -4.44 12.73 14.87
CA SER A 140 -4.22 13.67 13.78
C SER A 140 -4.91 15.03 13.99
N CYS A 141 -4.13 16.10 13.77
CA CYS A 141 -4.68 17.42 13.52
C CYS A 141 -5.13 17.48 12.08
N ALA A 142 -6.43 17.24 11.90
CA ALA A 142 -7.09 17.14 10.64
C ALA A 142 -7.64 18.51 10.22
N PRO A 143 -7.77 18.75 8.91
CA PRO A 143 -8.31 20.04 8.48
C PRO A 143 -9.81 20.33 8.83
N SER A 144 -10.10 21.58 9.13
CA SER A 144 -11.42 21.97 9.64
C SER A 144 -12.62 21.74 8.73
N PHE A 145 -12.45 21.66 7.41
CA PHE A 145 -13.62 21.47 6.53
C PHE A 145 -14.30 20.15 6.87
N LEU A 146 -13.54 19.24 7.46
CA LEU A 146 -14.03 17.90 7.76
C LEU A 146 -15.08 17.82 8.87
N VAL A 147 -15.16 18.85 9.71
CA VAL A 147 -16.14 18.88 10.78
C VAL A 147 -17.37 19.66 10.44
N GLN A 148 -17.42 20.23 9.24
CA GLN A 148 -18.48 21.16 8.88
C GLN A 148 -19.83 20.51 8.67
N LYS A 149 -19.84 19.30 8.10
CA LYS A 149 -21.09 18.63 7.86
C LYS A 149 -21.24 17.24 8.47
N GLY A 150 -22.48 16.95 8.82
CA GLY A 150 -22.94 15.64 9.20
C GLY A 150 -22.76 15.21 10.63
N LEU A 151 -21.98 15.95 11.42
CA LEU A 151 -21.64 15.48 12.76
C LEU A 151 -22.61 16.16 13.75
N PRO A 152 -22.76 15.61 14.96
CA PRO A 152 -23.55 16.25 16.02
C PRO A 152 -23.02 17.65 16.30
N ARG A 153 -23.90 18.54 16.64
CA ARG A 153 -23.52 19.93 16.89
C ARG A 153 -22.26 20.07 17.73
N ASN A 154 -21.36 20.95 17.27
CA ASN A 154 -20.12 21.32 17.99
C ASN A 154 -19.08 20.22 18.24
N THR A 155 -19.23 19.10 17.56
CA THR A 155 -18.21 18.04 17.58
C THR A 155 -16.94 18.64 16.92
N GLN A 156 -15.78 18.28 17.45
CA GLN A 156 -14.54 18.83 16.97
C GLN A 156 -13.62 17.77 16.37
N GLY A 157 -14.13 16.56 16.19
CA GLY A 157 -13.26 15.46 15.78
C GLY A 157 -14.01 14.13 15.71
N VAL A 158 -13.24 13.06 15.48
CA VAL A 158 -13.73 11.66 15.40
C VAL A 158 -12.71 10.74 16.13
N ALA A 159 -13.22 9.95 17.06
CA ALA A 159 -12.43 8.89 17.74
C ALA A 159 -12.74 7.58 17.02
N GLY A 160 -11.81 7.08 16.23
CA GLY A 160 -11.98 5.80 15.56
C GLY A 160 -11.61 4.59 16.45
N LEU A 161 -12.49 3.56 16.40
CA LEU A 161 -12.27 2.33 17.10
C LEU A 161 -11.90 1.17 16.18
N GLY A 162 -11.42 1.49 14.98
CA GLY A 162 -11.19 0.51 13.99
C GLY A 162 -10.00 -0.31 14.31
N HIS A 163 -9.85 -1.43 13.60
CA HIS A 163 -8.63 -2.24 13.76
C HIS A 163 -7.55 -1.70 12.87
N ALA A 164 -6.92 -0.65 13.35
CA ALA A 164 -5.82 0.07 12.69
C ALA A 164 -4.80 0.45 13.76
N PRO A 165 -3.53 0.67 13.37
CA PRO A 165 -2.50 0.60 14.41
C PRO A 165 -2.54 1.72 15.44
N ILE A 166 -3.14 2.88 15.14
CA ILE A 166 -3.24 3.94 16.15
C ILE A 166 -4.68 4.27 16.54
N SER A 167 -5.60 3.36 16.31
CA SER A 167 -6.97 3.50 16.81
C SER A 167 -7.02 3.47 18.32
N LEU A 168 -8.16 3.95 18.82
CA LEU A 168 -8.37 3.96 20.29
C LEU A 168 -8.13 2.61 20.95
N PRO A 169 -8.81 1.55 20.47
CA PRO A 169 -8.67 0.26 21.17
C PRO A 169 -7.29 -0.31 21.11
N ASN A 170 -6.61 -0.07 19.99
CA ASN A 170 -5.27 -0.61 19.88
C ASN A 170 -4.27 0.15 20.72
N GLN A 171 -4.37 1.46 20.74
CA GLN A 171 -3.41 2.30 21.50
C GLN A 171 -3.61 2.10 22.99
N LEU A 172 -4.86 1.96 23.44
CA LEU A 172 -5.15 1.79 24.85
C LEU A 172 -4.68 0.42 25.34
N ALA A 173 -5.05 -0.63 24.63
CA ALA A 173 -4.65 -2.01 24.95
C ALA A 173 -3.14 -2.17 25.06
N SER A 174 -2.43 -1.58 24.12
CA SER A 174 -0.99 -1.61 24.05
C SER A 174 -0.29 -0.89 25.18
N HIS A 175 -0.81 0.28 25.53
CA HIS A 175 -0.17 1.11 26.56
C HIS A 175 -0.37 0.50 27.94
N PHE A 176 -1.55 -0.05 28.19
CA PHE A 176 -1.89 -0.57 29.51
C PHE A 176 -1.79 -2.09 29.60
N GLY A 177 -1.39 -2.74 28.52
CA GLY A 177 -1.32 -4.20 28.51
C GLY A 177 -2.66 -4.88 28.71
N LEU A 178 -3.69 -4.37 28.05
CA LEU A 178 -5.03 -4.94 28.18
C LEU A 178 -5.18 -6.06 27.19
N GLN A 179 -6.20 -6.88 27.36
CA GLN A 179 -6.53 -7.82 26.31
C GLN A 179 -6.96 -6.99 25.12
N ARG A 180 -6.65 -7.48 23.92
CA ARG A 180 -6.85 -6.71 22.71
C ARG A 180 -8.26 -6.92 22.19
N GLN A 181 -9.17 -6.37 22.94
CA GLN A 181 -10.58 -6.40 22.60
C GLN A 181 -11.25 -5.19 23.24
N PHE A 182 -12.47 -4.93 22.81
CA PHE A 182 -13.27 -3.92 23.45
C PHE A 182 -14.73 -4.25 23.31
N THR A 183 -15.51 -3.74 24.25
CA THR A 183 -16.96 -3.98 24.31
C THR A 183 -17.72 -2.67 24.26
N THR A 184 -18.66 -2.61 23.33
CA THR A 184 -19.53 -1.41 23.27
C THR A 184 -20.85 -1.74 24.02
N CYS A 185 -21.30 -0.76 24.80
CA CYS A 185 -22.65 -0.75 25.34
C CYS A 185 -23.23 0.66 25.10
N LEU A 186 -23.67 0.86 23.88
CA LEU A 186 -24.22 2.14 23.47
C LEU A 186 -25.61 2.34 24.03
N SER A 187 -25.92 3.56 24.46
CA SER A 187 -27.22 3.89 25.00
C SER A 187 -28.26 4.18 23.93
N ARG A 188 -29.46 3.64 24.13
CA ARG A 188 -30.64 3.98 23.33
C ARG A 188 -31.20 5.35 23.62
N TYR A 189 -30.84 5.91 24.77
CA TYR A 189 -31.49 7.11 25.32
C TYR A 189 -30.48 8.24 25.41
N PRO A 190 -30.73 9.34 24.70
CA PRO A 190 -29.95 10.58 24.82
C PRO A 190 -29.75 11.09 26.24
N THR A 191 -30.73 10.87 27.09
CA THR A 191 -30.69 11.36 28.45
C THR A 191 -29.63 10.67 29.31
N SER A 192 -29.07 9.55 28.87
CA SER A 192 -28.15 8.78 29.73
C SER A 192 -27.01 8.07 28.96
N LYS A 193 -25.78 8.30 29.43
CA LYS A 193 -24.55 7.94 28.72
C LYS A 193 -24.36 6.46 28.74
N GLY A 194 -24.04 5.87 27.59
CA GLY A 194 -23.55 4.51 27.54
C GLY A 194 -22.03 4.51 27.77
N ALA A 195 -21.38 3.43 27.38
CA ALA A 195 -19.95 3.17 27.63
C ALA A 195 -19.32 2.43 26.49
N ILE A 196 -18.02 2.67 26.29
CA ILE A 196 -17.16 1.74 25.56
C ILE A 196 -16.08 1.26 26.56
N ILE A 197 -15.93 -0.05 26.65
CA ILE A 197 -15.05 -0.70 27.63
C ILE A 197 -13.89 -1.33 26.88
N PHE A 198 -12.67 -0.89 27.16
CA PHE A 198 -11.48 -1.43 26.49
C PHE A 198 -10.77 -2.46 27.41
N GLY A 199 -10.40 -3.60 26.85
CA GLY A 199 -9.91 -4.72 27.63
C GLY A 199 -10.95 -5.79 27.66
N ASP A 200 -10.71 -6.84 28.42
CA ASP A 200 -11.58 -8.01 28.42
C ASP A 200 -12.75 -7.87 29.38
N ALA A 201 -13.84 -7.31 28.89
CA ALA A 201 -14.99 -7.01 29.73
C ALA A 201 -15.64 -8.29 30.21
N PRO A 202 -15.87 -9.26 29.29
CA PRO A 202 -16.58 -10.45 29.71
C PRO A 202 -15.96 -11.18 30.86
N ASN A 203 -14.64 -11.16 30.95
CA ASN A 203 -13.93 -11.86 32.04
C ASN A 203 -13.62 -10.97 33.23
N ASN A 204 -13.38 -9.68 33.02
CA ASN A 204 -13.07 -8.75 34.12
C ASN A 204 -14.23 -7.95 34.63
N MET A 205 -15.41 -8.16 34.06
CA MET A 205 -16.59 -7.44 34.48
C MET A 205 -17.80 -8.37 34.38
N PHE A 208 -21.46 -7.91 36.98
CA PHE A 208 -22.08 -6.64 37.34
C PHE A 208 -23.25 -6.78 38.33
N GLN A 209 -22.97 -6.59 39.61
CA GLN A 209 -24.03 -6.53 40.64
C GLN A 209 -24.92 -7.79 40.65
N ASN A 210 -24.29 -8.95 40.74
CA ASN A 210 -24.96 -10.28 40.72
C ASN A 210 -25.50 -10.76 39.35
N GLN A 211 -25.59 -9.88 38.37
CA GLN A 211 -26.21 -10.22 37.10
C GLN A 211 -25.15 -10.82 36.17
N ASP A 212 -25.40 -11.98 35.56
CA ASP A 212 -24.46 -12.49 34.52
C ASP A 212 -24.84 -11.99 33.12
N ILE A 213 -24.42 -10.76 32.83
CA ILE A 213 -24.87 -10.08 31.63
C ILE A 213 -24.24 -10.67 30.37
N PHE A 214 -23.19 -11.46 30.54
CA PHE A 214 -22.48 -12.09 29.42
C PHE A 214 -22.79 -13.55 29.22
N HIS A 215 -23.70 -14.08 30.04
CA HIS A 215 -23.98 -15.50 30.09
C HIS A 215 -24.31 -16.09 28.73
N ASP A 216 -25.02 -15.32 27.91
CA ASP A 216 -25.49 -15.81 26.62
C ASP A 216 -24.61 -15.34 25.45
N LEU A 217 -23.37 -14.95 25.73
CA LEU A 217 -22.46 -14.47 24.69
C LEU A 217 -22.25 -15.59 23.67
N ALA A 218 -22.48 -15.30 22.41
CA ALA A 218 -22.12 -16.18 21.28
C ALA A 218 -21.14 -15.43 20.34
N PHE A 219 -20.43 -16.16 19.49
CA PHE A 219 -19.36 -15.57 18.72
C PHE A 219 -19.50 -15.87 17.25
N THR A 220 -19.12 -14.90 16.42
CA THR A 220 -19.08 -15.11 14.96
C THR A 220 -17.77 -14.54 14.38
N PRO A 221 -17.23 -15.15 13.32
CA PRO A 221 -15.94 -14.62 12.86
C PRO A 221 -15.99 -13.17 12.38
N LEU A 222 -14.89 -12.47 12.64
CA LEU A 222 -14.72 -11.09 12.29
C LEU A 222 -13.65 -10.94 11.21
N THR A 223 -13.97 -10.17 10.17
CA THR A 223 -13.02 -9.78 9.14
C THR A 223 -12.89 -8.26 9.13
N ILE A 224 -11.81 -7.77 8.51
CA ILE A 224 -11.55 -6.37 8.33
C ILE A 224 -11.47 -6.06 6.83
N THR A 225 -12.17 -5.06 6.36
CA THR A 225 -12.12 -4.79 4.92
C THR A 225 -10.86 -4.01 4.57
N LEU A 226 -10.55 -3.82 3.30
CA LEU A 226 -9.34 -3.04 2.96
C LEU A 226 -9.46 -1.58 3.37
N GLN A 227 -10.69 -1.08 3.50
CA GLN A 227 -10.93 0.24 4.08
C GLN A 227 -10.95 0.31 5.62
N GLY A 228 -10.62 -0.80 6.28
CA GLY A 228 -10.52 -0.84 7.76
C GLY A 228 -11.85 -0.91 8.52
N GLU A 229 -12.86 -1.46 7.88
CA GLU A 229 -14.12 -1.70 8.54
C GLU A 229 -14.27 -3.12 9.05
N TYR A 230 -15.01 -3.23 10.15
CA TYR A 230 -15.40 -4.53 10.72
C TYR A 230 -16.55 -5.12 9.94
N ASN A 231 -16.35 -6.37 9.55
CA ASN A 231 -17.34 -7.15 8.84
C ASN A 231 -17.60 -8.49 9.57
N VAL A 232 -18.86 -8.93 9.51
CA VAL A 232 -19.26 -10.27 9.93
C VAL A 232 -20.00 -10.86 8.74
N ARG A 233 -20.42 -12.10 8.84
CA ARG A 233 -21.11 -12.71 7.70
C ARG A 233 -22.45 -13.22 8.13
N VAL A 234 -23.50 -12.75 7.47
CA VAL A 234 -24.87 -13.21 7.71
C VAL A 234 -25.18 -14.34 6.75
N ASN A 235 -25.48 -15.53 7.28
CA ASN A 235 -25.91 -16.66 6.45
C ASN A 235 -27.36 -16.53 5.94
N SER A 236 -28.29 -16.13 6.81
CA SER A 236 -29.59 -15.71 6.37
C SER A 236 -30.18 -14.65 7.26
N ILE A 237 -31.10 -13.89 6.68
CA ILE A 237 -32.03 -13.08 7.42
C ILE A 237 -33.42 -13.75 7.37
N ARG A 238 -33.96 -14.09 8.52
CA ARG A 238 -35.36 -14.51 8.60
C ARG A 238 -36.21 -13.45 9.33
N ILE A 239 -37.41 -13.21 8.83
CA ILE A 239 -38.43 -12.40 9.50
C ILE A 239 -39.59 -13.37 9.81
N ASN A 240 -39.91 -13.52 11.10
CA ASN A 240 -40.83 -14.57 11.56
C ASN A 240 -40.60 -15.89 10.85
N GLN A 241 -39.37 -16.40 10.87
CA GLN A 241 -39.09 -17.67 10.21
C GLN A 241 -39.09 -17.64 8.67
N HIS A 242 -39.71 -16.64 8.04
CA HIS A 242 -39.58 -16.48 6.58
C HIS A 242 -38.24 -15.85 6.19
N SER A 243 -37.50 -16.59 5.36
CA SER A 243 -36.22 -16.14 4.86
C SER A 243 -36.40 -15.08 3.76
N VAL A 244 -35.63 -14.01 3.88
CA VAL A 244 -35.63 -12.91 2.92
C VAL A 244 -34.24 -12.77 2.26
N PHE A 245 -33.28 -13.53 2.75
CA PHE A 245 -31.90 -13.40 2.34
C PHE A 245 -31.28 -14.73 2.73
N PRO A 246 -30.50 -15.35 1.82
CA PRO A 246 -30.07 -14.78 0.54
C PRO A 246 -31.15 -14.68 -0.54
N LEU A 247 -30.83 -13.86 -1.55
CA LEU A 247 -31.50 -13.73 -2.86
C LEU A 247 -32.05 -12.31 -3.07
N GLY A 260 -16.35 -11.15 4.66
CA GLY A 260 -17.42 -11.07 5.67
C GLY A 260 -18.74 -10.81 4.98
N GLY A 261 -18.99 -9.56 4.59
CA GLY A 261 -20.24 -9.22 3.84
C GLY A 261 -21.22 -8.29 4.60
N THR A 262 -21.15 -8.30 5.91
CA THR A 262 -22.03 -7.46 6.71
C THR A 262 -21.21 -6.48 7.55
N MET A 263 -21.45 -5.18 7.36
CA MET A 263 -20.67 -4.19 8.08
C MET A 263 -21.38 -3.86 9.38
N ILE A 264 -20.60 -3.66 10.44
CA ILE A 264 -21.11 -3.07 11.66
C ILE A 264 -20.53 -1.67 11.77
N SER A 265 -21.37 -0.69 12.13
CA SER A 265 -20.98 0.69 11.94
C SER A 265 -21.69 1.57 12.91
N THR A 266 -21.02 2.63 13.33
CA THR A 266 -21.70 3.69 14.07
C THR A 266 -21.77 4.98 13.21
N SER A 267 -21.63 4.88 11.90
CA SER A 267 -21.76 6.10 11.10
C SER A 267 -23.08 6.21 10.38
N THR A 268 -23.99 5.25 10.62
CA THR A 268 -25.42 5.43 10.35
C THR A 268 -26.18 5.00 11.59
N PRO A 269 -27.31 5.66 11.87
CA PRO A 269 -28.15 5.19 12.98
C PRO A 269 -28.94 3.94 12.63
N HIS A 270 -29.25 3.75 11.34
CA HIS A 270 -30.16 2.70 10.90
C HIS A 270 -29.50 1.57 10.17
N MET A 271 -30.24 0.48 10.06
CA MET A 271 -29.80 -0.66 9.28
C MET A 271 -29.84 -0.23 7.83
N VAL A 272 -28.82 -0.63 7.05
CA VAL A 272 -28.79 -0.29 5.64
C VAL A 272 -28.66 -1.60 4.81
N LEU A 273 -29.51 -1.73 3.81
CA LEU A 273 -29.54 -2.94 2.98
C LEU A 273 -29.33 -2.57 1.52
N GLN A 274 -28.54 -3.37 0.81
CA GLN A 274 -28.42 -3.21 -0.65
C GLN A 274 -29.81 -3.27 -1.24
N GLN A 275 -30.03 -2.51 -2.31
CA GLN A 275 -31.38 -2.27 -2.83
C GLN A 275 -32.24 -3.51 -3.04
N SER A 276 -31.70 -4.57 -3.64
CA SER A 276 -32.52 -5.77 -3.85
C SER A 276 -32.85 -6.48 -2.54
N VAL A 277 -31.93 -6.40 -1.59
CA VAL A 277 -32.18 -6.97 -0.28
C VAL A 277 -33.21 -6.09 0.43
N TYR A 278 -33.10 -4.77 0.30
CA TYR A 278 -34.06 -3.83 0.88
C TYR A 278 -35.49 -4.12 0.46
N GLN A 279 -35.67 -4.37 -0.83
CA GLN A 279 -37.00 -4.56 -1.38
C GLN A 279 -37.59 -5.87 -0.84
N ALA A 280 -36.76 -6.91 -0.75
CA ALA A 280 -37.22 -8.21 -0.27
C ALA A 280 -37.55 -8.14 1.22
N PHE A 281 -36.67 -7.50 1.97
CA PHE A 281 -36.86 -7.28 3.39
C PHE A 281 -38.15 -6.54 3.65
N THR A 282 -38.26 -5.33 3.13
CA THR A 282 -39.41 -4.48 3.45
C THR A 282 -40.73 -5.07 3.06
N GLN A 283 -40.77 -5.75 1.91
CA GLN A 283 -41.98 -6.44 1.46
C GLN A 283 -42.40 -7.59 2.37
N VAL A 284 -41.45 -8.45 2.76
CA VAL A 284 -41.77 -9.53 3.70
C VAL A 284 -42.15 -8.97 5.06
N PHE A 285 -41.48 -7.90 5.49
CA PHE A 285 -41.86 -7.21 6.75
C PHE A 285 -43.33 -6.80 6.69
N ALA A 286 -43.67 -5.96 5.71
CA ALA A 286 -45.05 -5.48 5.53
C ALA A 286 -46.06 -6.62 5.62
N GLN A 287 -45.88 -7.60 4.75
CA GLN A 287 -46.65 -8.85 4.73
C GLN A 287 -46.91 -9.51 6.08
N GLN A 288 -45.98 -9.36 7.01
CA GLN A 288 -46.16 -9.92 8.37
C GLN A 288 -47.01 -9.03 9.29
N LEU A 289 -47.34 -7.85 8.82
CA LEU A 289 -48.27 -6.99 9.54
C LEU A 289 -49.59 -6.92 8.76
N PRO A 290 -50.64 -6.39 9.39
CA PRO A 290 -51.91 -6.25 8.65
C PRO A 290 -51.83 -5.15 7.58
N LYS A 291 -52.25 -5.51 6.37
CA LYS A 291 -52.17 -4.65 5.19
C LYS A 291 -52.77 -3.27 5.44
N GLN A 292 -53.90 -3.23 6.15
CA GLN A 292 -54.60 -1.98 6.48
C GLN A 292 -53.80 -1.04 7.41
N ALA A 293 -52.84 -1.58 8.16
CA ALA A 293 -52.06 -0.79 9.12
C ALA A 293 -51.06 0.18 8.45
N GLN A 294 -50.79 -0.03 7.18
CA GLN A 294 -49.86 0.84 6.43
C GLN A 294 -50.38 2.27 6.25
N VAL A 295 -49.52 3.23 6.56
CA VAL A 295 -49.80 4.65 6.39
C VAL A 295 -48.71 5.27 5.50
N LYS A 296 -48.94 6.52 5.06
CA LYS A 296 -47.94 7.24 4.29
C LYS A 296 -46.64 7.42 5.06
N SER A 297 -45.53 7.51 4.34
CA SER A 297 -44.21 7.53 4.94
C SER A 297 -43.78 8.97 5.27
N VAL A 298 -43.10 9.10 6.41
CA VAL A 298 -42.42 10.32 6.81
C VAL A 298 -40.93 10.16 6.52
N ALA A 299 -40.29 11.24 6.11
CA ALA A 299 -38.88 11.22 5.78
C ALA A 299 -38.04 10.86 7.01
N PRO A 300 -36.90 10.17 6.80
CA PRO A 300 -36.39 9.61 5.55
C PRO A 300 -36.80 8.15 5.34
N PHE A 301 -37.88 7.72 5.99
CA PHE A 301 -38.28 6.32 5.96
C PHE A 301 -39.13 5.99 4.76
N GLY A 302 -39.18 4.71 4.44
CA GLY A 302 -39.99 4.20 3.32
C GLY A 302 -41.27 3.51 3.76
N LEU A 303 -41.25 2.83 4.89
CA LEU A 303 -42.35 1.96 5.30
C LEU A 303 -42.78 2.36 6.72
N CYS A 304 -44.02 2.86 6.85
CA CYS A 304 -44.56 3.30 8.14
C CYS A 304 -45.95 2.76 8.46
N PHE A 305 -46.29 2.83 9.74
CA PHE A 305 -47.52 2.24 10.23
C PHE A 305 -48.16 3.13 11.27
N ASN A 306 -49.48 3.03 11.35
CA ASN A 306 -50.22 3.49 12.51
C ASN A 306 -49.92 2.52 13.64
N SER A 307 -49.17 2.98 14.64
CA SER A 307 -48.71 2.12 15.75
C SER A 307 -49.85 1.63 16.68
N ASN A 308 -50.91 2.44 16.77
CA ASN A 308 -52.10 2.06 17.53
C ASN A 308 -52.76 0.87 16.82
N LYS A 309 -52.49 0.75 15.52
CA LYS A 309 -53.17 -0.24 14.69
C LYS A 309 -52.65 -1.67 14.87
N ILE A 310 -51.40 -1.85 15.28
CA ILE A 310 -50.97 -3.17 15.74
C ILE A 310 -49.67 -3.11 16.48
N ASN A 311 -49.73 -3.53 17.76
CA ASN A 311 -48.53 -3.82 18.54
C ASN A 311 -48.27 -5.33 18.65
N ALA A 312 -47.23 -5.77 17.95
CA ALA A 312 -46.95 -7.19 17.73
C ALA A 312 -46.01 -7.29 16.52
N TYR A 313 -44.79 -6.77 16.66
CA TYR A 313 -43.86 -6.65 15.53
C TYR A 313 -43.12 -7.95 15.21
N PRO A 314 -42.87 -8.19 13.91
CA PRO A 314 -42.16 -9.40 13.49
C PRO A 314 -40.72 -9.41 14.04
N SER A 315 -40.21 -10.60 14.39
CA SER A 315 -38.85 -10.71 14.89
C SER A 315 -37.91 -10.98 13.73
N VAL A 316 -36.73 -10.39 13.83
CA VAL A 316 -35.71 -10.51 12.81
C VAL A 316 -34.57 -11.36 13.37
N ASP A 317 -34.37 -12.55 12.80
CA ASP A 317 -33.23 -13.41 13.11
C ASP A 317 -32.15 -13.23 12.05
N LEU A 318 -30.95 -12.75 12.43
CA LEU A 318 -29.75 -12.83 11.57
C LEU A 318 -28.98 -14.08 11.94
N VAL A 319 -29.03 -15.13 11.11
CA VAL A 319 -28.23 -16.32 11.33
C VAL A 319 -26.80 -16.02 10.84
N MET A 320 -25.82 -16.16 11.74
CA MET A 320 -24.47 -15.71 11.48
C MET A 320 -23.57 -16.84 11.06
N ASP A 321 -22.56 -16.46 10.27
CA ASP A 321 -21.47 -17.32 9.81
C ASP A 321 -21.98 -18.39 8.85
N LYS A 322 -22.89 -19.23 9.28
CA LYS A 322 -23.26 -20.45 8.49
C LYS A 322 -24.65 -20.95 8.92
N PRO A 323 -25.28 -21.88 8.16
CA PRO A 323 -26.68 -22.25 8.43
C PRO A 323 -26.95 -22.70 9.87
N ASN A 324 -25.95 -23.25 10.52
CA ASN A 324 -26.13 -23.72 11.89
C ASN A 324 -26.05 -22.70 13.02
N GLY A 325 -26.36 -21.43 12.76
CA GLY A 325 -26.49 -20.42 13.85
C GLY A 325 -25.09 -20.00 14.12
N PRO A 326 -24.82 -19.14 15.13
CA PRO A 326 -25.76 -18.58 16.11
C PRO A 326 -26.58 -17.42 15.58
N VAL A 327 -27.59 -17.02 16.33
CA VAL A 327 -28.58 -16.08 15.83
C VAL A 327 -28.45 -14.77 16.58
N TRP A 328 -28.27 -13.71 15.81
CA TRP A 328 -28.37 -12.35 16.29
C TRP A 328 -29.84 -11.96 16.13
N ARG A 329 -30.56 -11.87 17.25
CA ARG A 329 -31.98 -11.52 17.20
C ARG A 329 -32.25 -10.01 17.31
N ILE A 330 -33.03 -9.48 16.37
CA ILE A 330 -33.51 -8.10 16.46
C ILE A 330 -35.01 -8.19 16.63
N SER A 331 -35.51 -7.64 17.73
CA SER A 331 -36.96 -7.64 17.93
C SER A 331 -37.52 -6.56 16.99
N GLY A 332 -38.62 -6.87 16.30
CA GLY A 332 -39.39 -5.87 15.54
C GLY A 332 -39.46 -4.46 16.14
N GLU A 333 -39.87 -4.37 17.41
CA GLU A 333 -39.98 -3.08 18.12
C GLU A 333 -38.69 -2.23 18.03
N ASP A 334 -37.54 -2.84 18.30
CA ASP A 334 -36.25 -2.11 18.21
C ASP A 334 -35.81 -1.74 16.77
N LEU A 335 -36.33 -2.40 15.76
CA LEU A 335 -36.10 -1.93 14.37
C LEU A 335 -36.95 -0.68 14.06
N MET A 336 -38.04 -0.48 14.79
CA MET A 336 -39.00 0.57 14.48
C MET A 336 -38.61 1.91 15.07
N VAL A 337 -38.95 2.96 14.35
CA VAL A 337 -38.66 4.32 14.80
C VAL A 337 -39.99 5.04 15.04
N GLN A 338 -40.03 5.81 16.11
CA GLN A 338 -41.20 6.53 16.52
C GLN A 338 -41.12 7.85 15.76
N ALA A 339 -41.62 7.85 14.53
CA ALA A 339 -41.46 9.00 13.62
C ALA A 339 -42.73 9.84 13.57
N VAL A 343 -46.98 7.83 14.66
CA VAL A 343 -46.44 7.26 13.41
C VAL A 343 -45.15 6.48 13.64
N THR A 344 -45.19 5.16 13.45
CA THR A 344 -44.00 4.31 13.58
C THR A 344 -43.43 3.86 12.22
N CYS A 345 -42.11 3.87 12.08
CA CYS A 345 -41.46 3.59 10.77
C CYS A 345 -40.35 2.56 10.86
N LEU A 346 -40.20 1.77 9.81
CA LEU A 346 -39.21 0.71 9.81
C LEU A 346 -37.85 1.37 9.65
N GLY A 347 -36.96 1.13 10.59
CA GLY A 347 -35.66 1.80 10.62
C GLY A 347 -34.66 1.04 9.78
N VAL A 348 -35.01 0.87 8.51
CA VAL A 348 -34.20 0.18 7.53
C VAL A 348 -34.13 1.07 6.28
N MET A 349 -32.91 1.36 5.81
CA MET A 349 -32.66 2.31 4.74
C MET A 349 -32.24 1.58 3.47
N ASN A 350 -32.65 2.08 2.32
CA ASN A 350 -32.20 1.58 1.03
C ASN A 350 -30.82 2.13 0.73
N GLY A 351 -29.79 1.28 0.82
CA GLY A 351 -28.42 1.65 0.49
C GLY A 351 -28.06 1.77 -1.00
N GLY A 352 -29.03 1.55 -1.87
CA GLY A 352 -28.80 1.63 -3.31
C GLY A 352 -28.10 0.41 -3.90
N MET A 353 -27.55 0.59 -5.08
CA MET A 353 -26.95 -0.52 -5.82
C MET A 353 -25.63 -0.96 -5.21
N GLN A 354 -24.88 -0.03 -4.66
CA GLN A 354 -23.51 -0.26 -4.25
C GLN A 354 -23.17 0.33 -2.89
N PRO A 355 -23.90 -0.09 -1.82
CA PRO A 355 -23.35 0.25 -0.53
C PRO A 355 -22.06 -0.55 -0.33
N ARG A 356 -21.23 -0.09 0.57
CA ARG A 356 -20.00 -0.81 0.86
C ARG A 356 -20.18 -2.25 1.32
N ALA A 357 -21.27 -2.51 2.01
CA ALA A 357 -21.63 -3.84 2.45
C ALA A 357 -23.08 -4.07 2.07
N GLU A 358 -23.43 -5.31 1.70
CA GLU A 358 -24.80 -5.63 1.37
C GLU A 358 -25.73 -5.47 2.57
N ILE A 359 -25.25 -5.70 3.76
CA ILE A 359 -26.04 -5.41 4.96
C ILE A 359 -25.16 -4.59 5.87
N THR A 360 -25.73 -3.57 6.52
CA THR A 360 -25.02 -2.80 7.53
C THR A 360 -25.90 -2.66 8.75
N LEU A 361 -25.36 -3.09 9.87
CA LEU A 361 -25.95 -2.94 11.17
C LEU A 361 -25.42 -1.62 11.70
N GLY A 362 -26.33 -0.67 11.95
CA GLY A 362 -25.95 0.68 12.40
C GLY A 362 -26.10 0.89 13.90
N ALA A 363 -26.01 2.12 14.34
CA ALA A 363 -25.97 2.38 15.79
C ALA A 363 -27.19 1.84 16.53
N ARG A 364 -28.38 1.99 15.99
CA ARG A 364 -29.56 1.47 16.67
C ARG A 364 -29.51 -0.04 16.94
N GLN A 365 -28.79 -0.80 16.11
CA GLN A 365 -28.66 -2.24 16.26
C GLN A 365 -27.65 -2.56 17.35
N LEU A 366 -26.82 -1.59 17.70
CA LEU A 366 -25.83 -1.75 18.74
C LEU A 366 -26.33 -1.29 20.10
N GLU A 367 -27.32 -0.41 20.15
CA GLU A 367 -27.76 0.23 21.40
C GLU A 367 -28.38 -0.81 22.31
N GLU A 368 -28.01 -0.80 23.60
CA GLU A 368 -28.56 -1.69 24.63
C GLU A 368 -28.21 -3.14 24.36
N ASN A 369 -27.11 -3.37 23.65
CA ASN A 369 -26.58 -4.70 23.53
C ASN A 369 -25.10 -4.57 23.81
N LEU A 370 -24.55 -5.64 24.37
CA LEU A 370 -23.16 -5.76 24.66
C LEU A 370 -22.58 -6.35 23.39
N VAL A 371 -21.69 -5.64 22.72
CA VAL A 371 -21.08 -6.16 21.51
C VAL A 371 -19.59 -6.18 21.71
N VAL A 372 -18.99 -7.38 21.58
CA VAL A 372 -17.60 -7.60 21.91
C VAL A 372 -16.79 -7.73 20.63
N PHE A 373 -15.79 -6.89 20.50
CA PHE A 373 -14.96 -6.90 19.36
C PHE A 373 -13.64 -7.43 19.83
N ASP A 374 -13.41 -8.70 19.51
CA ASP A 374 -12.19 -9.37 19.97
C ASP A 374 -11.18 -9.42 18.87
N LEU A 375 -10.29 -8.44 18.93
CA LEU A 375 -9.20 -8.21 17.95
C LEU A 375 -8.13 -9.30 18.01
N ALA A 376 -7.94 -9.90 19.18
CA ALA A 376 -6.92 -10.95 19.36
C ALA A 376 -7.34 -12.26 18.72
N ARG A 377 -8.61 -12.59 18.86
CA ARG A 377 -9.14 -13.85 18.33
C ARG A 377 -10.01 -13.72 17.06
N SER A 378 -10.15 -12.50 16.57
CA SER A 378 -10.90 -12.20 15.35
C SER A 378 -12.33 -12.67 15.37
N ARG A 379 -13.09 -12.21 16.33
CA ARG A 379 -14.49 -12.59 16.42
C ARG A 379 -15.24 -11.46 17.08
N VAL A 380 -16.53 -11.38 16.78
CA VAL A 380 -17.44 -10.46 17.40
C VAL A 380 -18.28 -11.31 18.29
N GLY A 381 -18.40 -10.93 19.55
CA GLY A 381 -19.25 -11.63 20.50
C GLY A 381 -20.53 -10.85 20.70
N PHE A 382 -21.66 -11.56 20.78
CA PHE A 382 -22.92 -10.89 21.02
C PHE A 382 -23.81 -11.84 21.85
N SER A 383 -24.70 -11.26 22.63
CA SER A 383 -25.61 -12.01 23.49
C SER A 383 -26.77 -12.44 22.64
N THR A 384 -27.11 -13.71 22.69
CA THR A 384 -28.31 -14.17 22.02
C THR A 384 -29.59 -13.65 22.73
N SER A 385 -29.47 -13.34 24.01
CA SER A 385 -30.55 -12.72 24.82
C SER A 385 -30.31 -11.21 25.06
N SER A 386 -31.34 -10.53 25.53
CA SER A 386 -31.32 -9.07 25.67
C SER A 386 -30.58 -8.71 26.96
N LEU A 387 -29.75 -7.67 26.87
CA LEU A 387 -29.20 -7.04 28.09
C LEU A 387 -30.28 -6.69 29.13
N HIS A 388 -31.33 -6.01 28.66
CA HIS A 388 -32.41 -5.51 29.51
C HIS A 388 -33.17 -6.63 30.25
N SER A 389 -33.04 -7.87 29.77
CA SER A 389 -33.65 -9.00 30.46
C SER A 389 -33.02 -9.17 31.86
N HIS A 390 -31.78 -8.69 32.02
CA HIS A 390 -31.14 -8.59 33.35
C HIS A 390 -31.57 -7.38 34.21
N GLY A 391 -32.52 -6.58 33.70
CA GLY A 391 -32.96 -5.36 34.41
C GLY A 391 -31.89 -4.27 34.36
N VAL A 392 -31.06 -4.33 33.34
CA VAL A 392 -29.86 -3.51 33.25
C VAL A 392 -29.94 -2.74 31.92
N LYS A 393 -29.64 -1.45 31.95
CA LYS A 393 -29.45 -0.62 30.75
C LYS A 393 -27.96 -0.33 30.59
N CYS A 394 -27.54 -0.06 29.36
CA CYS A 394 -26.14 0.25 29.14
C CYS A 394 -25.68 1.38 30.07
N ALA A 395 -26.57 2.33 30.34
CA ALA A 395 -26.20 3.45 31.23
C ALA A 395 -26.03 3.07 32.66
N ASP A 396 -26.58 1.91 33.07
CA ASP A 396 -26.48 1.46 34.44
C ASP A 396 -25.10 0.93 34.76
N LEU A 397 -24.35 0.58 33.73
CA LEU A 397 -23.04 -0.07 33.90
C LEU A 397 -22.05 0.70 34.75
N PHE A 398 -21.98 2.00 34.57
CA PHE A 398 -20.94 2.78 35.23
C PHE A 398 -21.50 4.09 35.76
N ASN A 399 -20.98 4.54 36.89
CA ASN A 399 -21.39 5.81 37.42
C ASN A 399 -20.33 6.86 37.05
N PHE A 400 -20.60 7.55 35.95
CA PHE A 400 -19.70 8.62 35.48
C PHE A 400 -19.83 9.94 36.24
N ALA A 401 -20.91 10.08 37.01
CA ALA A 401 -21.12 11.28 37.81
C ALA A 401 -20.14 11.42 38.98
N ASN A 402 -19.58 10.32 39.47
CA ASN A 402 -18.61 10.39 40.59
C ASN A 402 -17.23 10.74 40.06
N ALA A 403 -16.66 9.81 39.30
CA ALA A 403 -15.36 9.99 38.59
C ALA A 403 -14.66 11.32 38.84
N PRO B 6 -1.13 6.82 -38.49
CA PRO B 6 -0.19 7.52 -37.58
C PRO B 6 -0.90 8.59 -36.73
N ILE B 7 -1.18 8.25 -35.48
CA ILE B 7 -1.84 9.16 -34.53
C ILE B 7 -0.75 9.75 -33.65
N ASN B 8 -0.70 11.08 -33.57
CA ASN B 8 0.27 11.82 -32.73
C ASN B 8 -0.37 12.63 -31.62
N LEU B 9 -1.64 12.99 -31.81
CA LEU B 9 -2.41 13.76 -30.85
C LEU B 9 -3.86 13.33 -30.89
N VAL B 10 -4.47 13.44 -29.74
CA VAL B 10 -5.88 13.23 -29.55
CA VAL B 10 -5.90 13.28 -29.58
C VAL B 10 -6.34 14.44 -28.72
N VAL B 11 -7.57 14.93 -28.96
CA VAL B 11 -8.04 16.15 -28.29
C VAL B 11 -9.48 16.02 -27.83
N LEU B 12 -9.73 16.57 -26.66
CA LEU B 12 -11.00 16.47 -25.98
C LEU B 12 -11.48 17.89 -25.78
N PRO B 13 -12.66 18.26 -26.36
CA PRO B 13 -13.16 19.59 -26.03
C PRO B 13 -13.62 19.60 -24.59
N VAL B 14 -13.28 20.68 -23.89
CA VAL B 14 -13.75 20.87 -22.54
C VAL B 14 -14.34 22.26 -22.39
N GLN B 15 -15.44 22.29 -21.66
CA GLN B 15 -16.29 23.46 -21.62
C GLN B 15 -16.25 24.07 -20.22
N ASN B 16 -16.21 25.39 -20.21
CA ASN B 16 -16.24 26.17 -18.99
C ASN B 16 -17.69 26.31 -18.48
N ASP B 17 -17.93 25.88 -17.23
CA ASP B 17 -19.22 26.09 -16.56
C ASP B 17 -19.19 27.41 -15.74
N GLY B 18 -20.01 28.37 -16.12
CA GLY B 18 -19.99 29.71 -15.50
C GLY B 18 -20.45 29.74 -14.06
N SER B 19 -21.46 28.95 -13.74
CA SER B 19 -21.92 28.80 -12.36
C SER B 19 -20.81 28.40 -11.36
N THR B 20 -20.17 27.25 -11.56
CA THR B 20 -19.18 26.72 -10.60
C THR B 20 -17.73 27.16 -10.82
N GLY B 21 -17.43 27.69 -12.00
CA GLY B 21 -16.07 28.03 -12.37
C GLY B 21 -15.22 26.81 -12.74
N LEU B 22 -15.89 25.64 -12.86
CA LEU B 22 -15.23 24.36 -13.18
C LEU B 22 -15.37 23.99 -14.68
N HIS B 23 -14.54 23.06 -15.15
CA HIS B 23 -14.56 22.63 -16.53
C HIS B 23 -15.03 21.20 -16.68
N TRP B 24 -15.78 20.94 -17.74
CA TRP B 24 -16.37 19.60 -17.95
C TRP B 24 -16.36 19.17 -19.44
N ALA B 25 -16.69 17.93 -19.72
CA ALA B 25 -16.51 17.41 -21.07
C ALA B 25 -17.60 16.38 -21.33
N ASN B 26 -17.98 16.24 -22.59
CA ASN B 26 -18.88 15.16 -22.96
C ASN B 26 -18.04 14.08 -23.54
N LEU B 27 -17.85 13.03 -22.78
CA LEU B 27 -17.06 11.92 -23.23
C LEU B 27 -17.96 11.04 -24.09
N GLN B 28 -17.39 10.48 -25.16
CA GLN B 28 -18.14 9.58 -26.01
C GLN B 28 -17.75 8.17 -25.60
N LYS B 29 -18.73 7.43 -25.08
CA LYS B 29 -18.53 6.08 -24.58
C LYS B 29 -19.64 5.13 -25.00
N ARG B 30 -19.32 3.86 -24.90
CA ARG B 30 -20.31 2.79 -24.92
C ARG B 30 -20.65 2.31 -26.36
N THR B 31 -21.37 1.22 -26.53
CA THR B 31 -21.84 0.80 -27.84
C THR B 31 -23.35 0.61 -27.80
N PRO B 32 -24.11 1.40 -28.59
CA PRO B 32 -23.63 2.49 -29.44
C PRO B 32 -23.13 3.66 -28.60
N LEU B 33 -22.40 4.57 -29.24
CA LEU B 33 -21.79 5.68 -28.54
C LEU B 33 -22.82 6.63 -27.98
N MET B 34 -22.61 7.07 -26.76
CA MET B 34 -23.43 8.14 -26.19
C MET B 34 -22.56 9.17 -25.47
N GLN B 35 -23.14 10.33 -25.20
CA GLN B 35 -22.43 11.45 -24.59
C GLN B 35 -22.55 11.29 -23.09
N VAL B 36 -21.42 11.27 -22.40
CA VAL B 36 -21.36 11.15 -20.92
C VAL B 36 -20.63 12.38 -20.32
N PRO B 37 -21.39 13.32 -19.75
CA PRO B 37 -20.83 14.56 -19.22
C PRO B 37 -20.18 14.33 -17.86
N VAL B 38 -18.94 14.79 -17.75
CA VAL B 38 -18.06 14.55 -16.62
C VAL B 38 -17.26 15.82 -16.34
N LEU B 39 -17.03 16.09 -15.07
CA LEU B 39 -16.11 17.11 -14.61
C LEU B 39 -14.68 16.74 -14.94
N VAL B 40 -13.85 17.72 -15.30
CA VAL B 40 -12.45 17.47 -15.61
C VAL B 40 -11.65 17.80 -14.36
N ASP B 41 -11.04 16.77 -13.77
CA ASP B 41 -10.29 16.89 -12.53
C ASP B 41 -8.85 16.52 -12.82
N LEU B 42 -8.00 17.53 -12.79
CA LEU B 42 -6.67 17.43 -13.30
C LEU B 42 -5.91 16.38 -12.42
N ASN B 43 -6.22 16.30 -11.12
CA ASN B 43 -5.54 15.38 -10.22
C ASN B 43 -6.30 14.10 -9.99
N GLY B 44 -7.42 13.92 -10.68
CA GLY B 44 -8.23 12.72 -10.50
C GLY B 44 -7.47 11.47 -10.93
N ASN B 45 -7.57 10.40 -10.15
CA ASN B 45 -6.85 9.11 -10.37
C ASN B 45 -7.37 8.36 -11.63
N HIS B 46 -8.63 8.59 -12.01
CA HIS B 46 -9.27 7.76 -13.03
C HIS B 46 -10.55 8.43 -13.51
N LEU B 47 -11.24 7.78 -14.43
CA LEU B 47 -12.54 8.23 -14.91
C LEU B 47 -13.55 7.42 -14.08
N TRP B 48 -14.48 8.09 -13.44
CA TRP B 48 -15.62 7.41 -12.82
C TRP B 48 -16.92 8.05 -13.18
N VAL B 49 -17.96 7.22 -13.19
CA VAL B 49 -19.25 7.58 -13.67
C VAL B 49 -20.29 6.88 -12.76
N ASN B 50 -21.49 7.45 -12.67
CA ASN B 50 -22.61 6.77 -12.04
C ASN B 50 -23.23 5.82 -13.08
N CYS B 51 -23.10 4.52 -12.85
CA CYS B 51 -23.65 3.52 -13.76
C CYS B 51 -25.12 3.14 -13.45
N GLU B 52 -25.66 3.61 -12.32
CA GLU B 52 -26.97 3.14 -11.77
C GLU B 52 -28.11 3.42 -12.74
N GLN B 53 -27.83 4.28 -13.70
CA GLN B 53 -28.82 5.20 -14.22
C GLN B 53 -29.39 4.76 -15.56
N GLN B 54 -28.55 4.86 -16.58
CA GLN B 54 -28.91 4.48 -17.92
C GLN B 54 -28.08 3.26 -18.22
N TYR B 55 -26.80 3.50 -18.43
CA TYR B 55 -25.90 2.50 -18.94
C TYR B 55 -26.51 1.53 -19.97
N SER B 56 -26.42 1.96 -21.21
CA SER B 56 -26.73 1.09 -22.30
C SER B 56 -25.42 0.87 -23.04
N SER B 57 -25.02 -0.39 -23.17
CA SER B 57 -23.88 -0.72 -23.98
C SER B 57 -23.85 -2.19 -24.31
N LYS B 58 -23.37 -2.50 -25.52
CA LYS B 58 -23.12 -3.86 -25.94
C LYS B 58 -21.70 -4.35 -25.62
N THR B 59 -20.81 -3.43 -25.21
CA THR B 59 -19.37 -3.70 -25.02
C THR B 59 -18.86 -3.42 -23.61
N TYR B 60 -19.75 -3.35 -22.64
CA TYR B 60 -19.34 -3.10 -21.27
C TYR B 60 -18.93 -4.43 -20.64
N GLN B 61 -17.92 -4.37 -19.79
CA GLN B 61 -17.51 -5.53 -19.06
C GLN B 61 -16.86 -5.12 -17.73
N ALA B 62 -17.04 -5.93 -16.70
CA ALA B 62 -16.45 -5.67 -15.41
C ALA B 62 -15.34 -6.70 -15.22
N PRO B 63 -14.09 -6.25 -15.17
CA PRO B 63 -13.04 -7.24 -14.98
C PRO B 63 -13.21 -8.04 -13.71
N PHE B 64 -12.65 -9.23 -13.70
CA PHE B 64 -12.72 -10.11 -12.57
C PHE B 64 -11.60 -9.84 -11.56
N CYS B 65 -11.84 -10.25 -10.33
CA CYS B 65 -10.88 -9.98 -9.22
C CYS B 65 -9.56 -10.62 -9.54
N HIS B 66 -8.47 -9.91 -9.24
CA HIS B 66 -7.10 -10.37 -9.53
C HIS B 66 -6.75 -10.45 -11.01
N SER B 67 -7.59 -9.86 -11.89
CA SER B 67 -7.31 -9.82 -13.31
C SER B 67 -6.15 -8.85 -13.56
N THR B 68 -5.59 -8.93 -14.74
CA THR B 68 -4.65 -7.95 -15.22
C THR B 68 -5.23 -6.53 -15.22
N GLN B 69 -6.50 -6.37 -15.58
CA GLN B 69 -7.10 -5.02 -15.52
C GLN B 69 -7.18 -4.46 -14.09
N CYS B 70 -7.60 -5.27 -13.13
CA CYS B 70 -7.61 -4.86 -11.69
C CYS B 70 -6.18 -4.55 -11.17
N SER B 71 -5.21 -5.32 -11.65
CA SER B 71 -3.82 -5.08 -11.26
C SER B 71 -3.30 -3.74 -11.80
N ARG B 72 -3.55 -3.48 -13.07
CA ARG B 72 -3.28 -2.18 -13.66
C ARG B 72 -3.88 -1.04 -12.87
N ALA B 73 -5.14 -1.18 -12.48
CA ALA B 73 -5.82 -0.14 -11.72
C ALA B 73 -5.37 -0.06 -10.26
N ASN B 74 -4.50 -0.97 -9.86
CA ASN B 74 -3.95 -1.01 -8.54
C ASN B 74 -4.93 -1.39 -7.49
N THR B 75 -5.82 -2.32 -7.81
CA THR B 75 -6.67 -2.82 -6.74
C THR B 75 -6.65 -4.32 -6.67
N HIS B 76 -6.50 -4.84 -5.48
CA HIS B 76 -6.63 -6.30 -5.26
C HIS B 76 -7.81 -6.64 -4.32
N GLN B 77 -8.72 -5.66 -4.19
CA GLN B 77 -9.94 -5.79 -3.38
C GLN B 77 -11.11 -6.31 -4.22
N CYS B 78 -11.69 -7.44 -3.82
CA CYS B 78 -12.75 -8.11 -4.59
C CYS B 78 -14.14 -7.71 -4.09
N LEU B 79 -15.06 -7.49 -5.01
CA LEU B 79 -16.43 -7.12 -4.69
C LEU B 79 -17.43 -8.19 -5.09
N SER B 80 -18.46 -8.37 -4.30
CA SER B 80 -19.67 -9.07 -4.76
C SER B 80 -20.88 -8.20 -4.52
N CYS B 81 -21.81 -8.23 -5.46
CA CYS B 81 -23.05 -7.50 -5.33
C CYS B 81 -24.12 -8.57 -5.15
N PRO B 82 -25.04 -8.36 -4.18
CA PRO B 82 -26.01 -9.42 -3.87
C PRO B 82 -27.15 -9.52 -4.89
N ALA B 83 -27.13 -8.67 -5.91
CA ALA B 83 -28.26 -8.49 -6.82
C ALA B 83 -27.99 -9.28 -8.10
N ALA B 84 -28.90 -9.14 -9.08
CA ALA B 84 -28.66 -9.67 -10.42
C ALA B 84 -27.65 -8.79 -11.21
N SER B 85 -26.93 -9.41 -12.13
CA SER B 85 -25.85 -8.75 -12.90
C SER B 85 -26.27 -7.48 -13.65
N ARG B 86 -25.53 -6.41 -13.43
CA ARG B 86 -25.67 -5.20 -14.22
C ARG B 86 -24.44 -4.33 -14.02
N PRO B 87 -24.29 -3.27 -14.82
CA PRO B 87 -23.12 -2.42 -14.61
C PRO B 87 -23.09 -1.85 -13.18
N GLY B 88 -21.97 -2.02 -12.48
CA GLY B 88 -21.88 -1.63 -11.08
C GLY B 88 -22.24 -2.73 -10.11
N CYS B 89 -22.75 -3.86 -10.60
CA CYS B 89 -23.21 -4.96 -9.71
C CYS B 89 -22.86 -6.32 -10.32
N HIS B 90 -21.79 -6.96 -9.84
CA HIS B 90 -21.44 -8.33 -10.28
C HIS B 90 -20.89 -9.09 -9.11
N LYS B 91 -20.71 -10.39 -9.29
CA LYS B 91 -19.93 -11.20 -8.35
C LYS B 91 -18.49 -11.21 -8.83
N ASN B 92 -17.56 -11.13 -7.90
CA ASN B 92 -16.14 -11.31 -8.20
C ASN B 92 -15.54 -10.25 -9.13
N THR B 93 -15.85 -8.99 -8.88
CA THR B 93 -15.24 -7.90 -9.61
C THR B 93 -14.28 -7.18 -8.66
N CYS B 94 -13.71 -6.06 -9.12
CA CYS B 94 -12.70 -5.31 -8.37
C CYS B 94 -13.21 -3.99 -7.90
N GLY B 95 -12.86 -3.65 -6.65
CA GLY B 95 -13.25 -2.40 -6.03
C GLY B 95 -12.20 -1.32 -6.12
N LEU B 96 -12.66 -0.11 -6.34
CA LEU B 96 -11.79 1.04 -6.51
C LEU B 96 -12.46 2.21 -5.82
N MET B 97 -11.67 2.96 -5.05
CA MET B 97 -12.18 4.17 -4.43
C MET B 97 -12.15 5.32 -5.39
N SER B 98 -13.28 5.99 -5.56
CA SER B 98 -13.39 7.20 -6.36
C SER B 98 -13.64 8.43 -5.47
N THR B 99 -13.14 9.58 -5.94
CA THR B 99 -13.18 10.84 -5.21
C THR B 99 -13.94 11.89 -6.04
N ASN B 100 -14.90 12.51 -5.38
CA ASN B 100 -15.50 13.75 -5.82
C ASN B 100 -14.54 14.83 -5.34
N PRO B 101 -13.82 15.52 -6.27
CA PRO B 101 -12.77 16.40 -5.78
C PRO B 101 -13.26 17.74 -5.25
N ILE B 102 -14.55 18.08 -5.46
CA ILE B 102 -15.08 19.33 -4.94
C ILE B 102 -15.46 19.13 -3.48
N THR B 103 -16.19 18.07 -3.16
CA THR B 103 -16.60 17.87 -1.76
C THR B 103 -15.53 17.15 -0.93
N GLN B 104 -14.59 16.51 -1.65
CA GLN B 104 -13.55 15.62 -1.12
C GLN B 104 -14.11 14.30 -0.55
N GLN B 105 -15.30 13.90 -1.01
CA GLN B 105 -15.91 12.63 -0.62
C GLN B 105 -15.26 11.54 -1.45
N THR B 106 -15.10 10.35 -0.85
CA THR B 106 -14.56 9.23 -1.54
C THR B 106 -15.48 8.04 -1.28
N GLY B 107 -15.63 7.16 -2.25
CA GLY B 107 -16.43 5.98 -2.05
C GLY B 107 -16.05 4.83 -2.95
N LEU B 108 -16.50 3.65 -2.51
CA LEU B 108 -16.11 2.40 -3.10
C LEU B 108 -17.01 2.04 -4.28
N GLY B 109 -16.41 1.88 -5.46
CA GLY B 109 -17.16 1.42 -6.65
C GLY B 109 -16.43 0.28 -7.33
N GLU B 110 -16.92 -0.10 -8.49
CA GLU B 110 -16.50 -1.30 -9.17
C GLU B 110 -15.76 -0.96 -10.45
N LEU B 111 -14.66 -1.63 -10.71
CA LEU B 111 -13.90 -1.40 -11.98
C LEU B 111 -14.71 -1.87 -13.15
N GLY B 112 -14.77 -1.04 -14.19
CA GLY B 112 -15.49 -1.38 -15.41
C GLY B 112 -14.67 -1.08 -16.66
N GLU B 113 -15.10 -1.69 -17.76
CA GLU B 113 -14.40 -1.53 -19.04
C GLU B 113 -15.45 -1.27 -20.09
N ASP B 114 -15.23 -0.26 -20.93
CA ASP B 114 -16.11 -0.07 -22.10
C ASP B 114 -15.36 0.76 -23.15
N VAL B 115 -16.05 1.06 -24.26
CA VAL B 115 -15.45 1.83 -25.33
C VAL B 115 -15.45 3.30 -24.99
N LEU B 116 -14.37 3.98 -25.40
CA LEU B 116 -14.29 5.43 -25.35
C LEU B 116 -13.80 5.89 -26.71
N ALA B 117 -14.53 6.83 -27.31
CA ALA B 117 -14.14 7.48 -28.54
C ALA B 117 -13.54 8.86 -28.25
N ILE B 118 -12.54 9.24 -29.05
CA ILE B 118 -11.89 10.54 -28.97
C ILE B 118 -11.38 10.94 -30.37
N HIS B 119 -11.50 12.23 -30.69
CA HIS B 119 -10.99 12.80 -31.94
C HIS B 119 -9.47 12.81 -32.00
N ALA B 120 -8.93 12.24 -33.06
CA ALA B 120 -7.51 12.29 -33.34
C ALA B 120 -7.17 13.52 -34.17
N THR B 121 -5.90 13.91 -34.11
CA THR B 121 -5.27 14.66 -35.20
C THR B 121 -3.94 13.97 -35.59
N LEU B 128 -11.01 18.00 -35.14
CA LEU B 128 -10.52 18.19 -36.49
C LEU B 128 -10.38 16.86 -37.27
N GLY B 129 -9.78 15.85 -36.65
CA GLY B 129 -9.63 14.53 -37.31
C GLY B 129 -10.80 13.61 -36.96
N PRO B 130 -10.76 12.36 -37.44
CA PRO B 130 -11.83 11.43 -37.14
C PRO B 130 -11.79 10.87 -35.71
N LEU B 131 -12.95 10.39 -35.28
CA LEU B 131 -13.14 9.72 -34.01
C LEU B 131 -12.37 8.39 -34.04
N VAL B 132 -11.41 8.23 -33.14
CA VAL B 132 -10.72 6.95 -32.92
C VAL B 132 -11.14 6.36 -31.55
N THR B 133 -11.06 5.04 -31.38
CA THR B 133 -11.59 4.44 -30.17
C THR B 133 -10.54 3.70 -29.34
N VAL B 134 -10.74 3.72 -28.02
CA VAL B 134 -10.13 2.75 -27.13
C VAL B 134 -11.23 1.73 -26.81
N PRO B 135 -11.15 0.48 -27.34
CA PRO B 135 -12.27 -0.46 -27.10
C PRO B 135 -12.47 -0.91 -25.64
N GLN B 136 -11.38 -0.99 -24.89
CA GLN B 136 -11.41 -1.55 -23.55
C GLN B 136 -10.92 -0.47 -22.59
N PHE B 137 -11.59 0.68 -22.55
CA PHE B 137 -11.18 1.80 -21.69
C PHE B 137 -11.65 1.57 -20.25
N LEU B 138 -10.71 1.59 -19.31
CA LEU B 138 -10.96 1.36 -17.90
C LEU B 138 -11.49 2.57 -17.14
N PHE B 139 -12.49 2.32 -16.32
CA PHE B 139 -13.11 3.39 -15.55
C PHE B 139 -13.79 2.74 -14.34
N SER B 140 -14.29 3.52 -13.40
CA SER B 140 -15.10 2.99 -12.32
C SER B 140 -16.61 3.34 -12.41
N CYS B 141 -17.46 2.35 -12.12
CA CYS B 141 -18.85 2.58 -11.72
C CYS B 141 -18.86 2.95 -10.24
N ALA B 142 -18.91 4.25 -9.97
CA ALA B 142 -18.81 4.75 -8.60
C ALA B 142 -20.17 4.92 -7.98
N PRO B 143 -20.27 4.80 -6.64
CA PRO B 143 -21.57 4.91 -6.01
C PRO B 143 -22.20 6.29 -6.21
N SER B 144 -23.51 6.31 -6.35
CA SER B 144 -24.21 7.50 -6.81
C SER B 144 -24.16 8.69 -5.85
N PHE B 145 -23.94 8.45 -4.55
CA PHE B 145 -23.85 9.57 -3.58
C PHE B 145 -22.75 10.56 -3.99
N LEU B 146 -21.74 10.09 -4.71
CA LEU B 146 -20.65 10.95 -5.14
C LEU B 146 -21.00 12.04 -6.15
N VAL B 147 -22.15 11.92 -6.82
CA VAL B 147 -22.57 12.95 -7.80
C VAL B 147 -23.54 13.99 -7.20
N GLN B 148 -23.98 13.76 -5.98
CA GLN B 148 -25.06 14.55 -5.40
C GLN B 148 -24.73 16.00 -5.16
N LYS B 149 -23.47 16.33 -4.84
CA LYS B 149 -23.13 17.73 -4.54
C LYS B 149 -21.86 18.21 -5.22
N GLY B 150 -21.91 19.47 -5.66
CA GLY B 150 -20.73 20.26 -6.02
C GLY B 150 -20.21 20.06 -7.43
N LEU B 151 -20.77 19.12 -8.17
CA LEU B 151 -20.37 18.98 -9.58
C LEU B 151 -21.20 19.95 -10.47
N PRO B 152 -20.69 20.33 -11.64
CA PRO B 152 -21.44 21.21 -12.54
C PRO B 152 -22.71 20.53 -12.98
N ARG B 153 -23.75 21.31 -13.26
CA ARG B 153 -25.08 20.74 -13.45
C ARG B 153 -25.05 19.65 -14.52
N ASN B 154 -25.75 18.56 -14.24
CA ASN B 154 -25.91 17.44 -15.17
C ASN B 154 -24.69 16.55 -15.37
N THR B 155 -23.56 16.82 -14.75
CA THR B 155 -22.45 15.88 -14.94
C THR B 155 -22.73 14.59 -14.18
N GLN B 156 -22.24 13.48 -14.72
CA GLN B 156 -22.55 12.14 -14.26
C GLN B 156 -21.31 11.43 -13.72
N GLY B 157 -20.22 12.17 -13.53
CA GLY B 157 -18.96 11.58 -13.12
C GLY B 157 -17.78 12.50 -13.30
N VAL B 158 -16.58 11.95 -13.19
CA VAL B 158 -15.38 12.77 -13.18
C VAL B 158 -14.28 12.07 -14.04
N ALA B 159 -13.66 12.83 -14.92
CA ALA B 159 -12.56 12.37 -15.77
C ALA B 159 -11.26 12.82 -15.14
N GLY B 160 -10.49 11.92 -14.56
CA GLY B 160 -9.22 12.32 -13.94
C GLY B 160 -8.07 12.39 -14.94
N LEU B 161 -7.24 13.39 -14.80
CA LEU B 161 -6.04 13.52 -15.62
C LEU B 161 -4.76 13.38 -14.82
N GLY B 162 -4.88 12.80 -13.64
CA GLY B 162 -3.72 12.60 -12.78
C GLY B 162 -2.72 11.58 -13.33
N HIS B 163 -1.56 11.63 -12.73
CA HIS B 163 -0.51 10.72 -13.08
C HIS B 163 -0.69 9.45 -12.29
N ALA B 164 -1.55 8.61 -12.79
CA ALA B 164 -1.99 7.42 -12.12
C ALA B 164 -2.29 6.41 -13.20
N PRO B 165 -2.20 5.12 -12.88
CA PRO B 165 -2.05 4.21 -14.04
C PRO B 165 -3.23 4.14 -15.03
N ILE B 166 -4.48 4.39 -14.57
CA ILE B 166 -5.64 4.33 -15.47
C ILE B 166 -6.31 5.68 -15.71
N SER B 167 -5.54 6.74 -15.57
CA SER B 167 -6.03 8.03 -15.86
C SER B 167 -6.24 8.27 -17.34
N LEU B 168 -6.97 9.30 -17.66
CA LEU B 168 -7.14 9.62 -19.07
C LEU B 168 -5.84 9.72 -19.89
N PRO B 169 -4.91 10.59 -19.49
CA PRO B 169 -3.72 10.77 -20.30
C PRO B 169 -2.86 9.50 -20.43
N ASN B 170 -2.81 8.70 -19.37
CA ASN B 170 -2.05 7.47 -19.40
C ASN B 170 -2.72 6.45 -20.29
N GLN B 171 -3.99 6.22 -20.13
CA GLN B 171 -4.65 5.27 -21.04
C GLN B 171 -4.60 5.70 -22.49
N LEU B 172 -4.76 6.99 -22.74
CA LEU B 172 -4.79 7.48 -24.12
C LEU B 172 -3.41 7.44 -24.76
N ALA B 173 -2.37 7.80 -23.98
CA ALA B 173 -1.01 7.75 -24.51
C ALA B 173 -0.56 6.34 -24.83
N SER B 174 -0.88 5.41 -23.94
CA SER B 174 -0.50 4.02 -24.06
C SER B 174 -1.22 3.33 -25.20
N HIS B 175 -2.48 3.66 -25.39
CA HIS B 175 -3.24 2.96 -26.39
C HIS B 175 -2.77 3.34 -27.79
N PHE B 176 -2.45 4.62 -27.97
CA PHE B 176 -2.15 5.12 -29.30
C PHE B 176 -0.65 5.31 -29.51
N GLY B 177 0.16 5.01 -28.49
CA GLY B 177 1.59 5.26 -28.61
C GLY B 177 1.97 6.73 -28.70
N LEU B 178 1.29 7.57 -27.92
CA LEU B 178 1.58 8.99 -27.86
C LEU B 178 2.77 9.25 -26.98
N GLN B 179 3.41 10.41 -27.17
CA GLN B 179 4.31 10.91 -26.14
C GLN B 179 3.52 11.08 -24.85
N ARG B 180 4.16 10.73 -23.73
CA ARG B 180 3.54 10.69 -22.41
C ARG B 180 3.49 12.06 -21.82
N GLN B 181 2.65 12.91 -22.43
CA GLN B 181 2.37 14.24 -21.97
C GLN B 181 1.00 14.72 -22.52
N PHE B 182 0.50 15.82 -21.99
CA PHE B 182 -0.72 16.47 -22.44
C PHE B 182 -0.61 17.96 -22.20
N THR B 183 -1.31 18.74 -23.01
CA THR B 183 -1.37 20.16 -22.82
C THR B 183 -2.82 20.62 -22.62
N THR B 184 -3.01 21.49 -21.63
CA THR B 184 -4.35 22.01 -21.33
C THR B 184 -4.44 23.41 -21.96
N CYS B 185 -5.60 23.74 -22.51
CA CYS B 185 -5.86 25.10 -22.92
C CYS B 185 -7.30 25.31 -22.57
N LEU B 186 -7.51 25.65 -21.31
CA LEU B 186 -8.84 25.78 -20.74
C LEU B 186 -9.36 27.19 -21.15
N SER B 187 -10.63 27.27 -21.47
CA SER B 187 -11.18 28.53 -21.95
C SER B 187 -11.74 29.37 -20.81
N ARG B 188 -11.52 30.68 -20.89
CA ARG B 188 -11.82 31.57 -19.79
C ARG B 188 -13.29 31.90 -19.68
N TYR B 189 -14.02 31.85 -20.79
CA TYR B 189 -15.34 32.44 -20.83
C TYR B 189 -16.41 31.39 -20.63
N PRO B 190 -17.43 31.70 -19.82
CA PRO B 190 -18.60 30.83 -19.59
C PRO B 190 -19.24 30.17 -20.82
N THR B 191 -19.52 28.87 -20.70
CA THR B 191 -19.96 28.00 -21.79
C THR B 191 -18.96 27.79 -22.93
N SER B 192 -17.91 28.62 -23.02
CA SER B 192 -16.93 28.46 -24.10
C SER B 192 -16.17 27.13 -23.99
N LYS B 193 -15.54 26.72 -25.08
CA LYS B 193 -14.81 25.46 -25.12
C LYS B 193 -13.32 25.68 -25.32
N GLY B 194 -12.53 25.07 -24.43
CA GLY B 194 -11.08 24.95 -24.61
C GLY B 194 -10.78 23.53 -25.01
N ALA B 195 -9.55 23.09 -24.76
CA ALA B 195 -9.18 21.76 -25.16
C ALA B 195 -8.14 21.13 -24.22
N ILE B 196 -8.26 19.81 -24.08
CA ILE B 196 -7.15 19.01 -23.59
C ILE B 196 -6.60 18.28 -24.82
N ILE B 197 -5.29 18.34 -24.99
CA ILE B 197 -4.58 17.70 -26.11
C ILE B 197 -3.60 16.68 -25.53
N PHE B 198 -3.82 15.42 -25.86
CA PHE B 198 -2.99 14.34 -25.35
C PHE B 198 -1.96 14.03 -26.45
N GLY B 199 -0.72 13.88 -26.03
CA GLY B 199 0.39 13.65 -26.93
C GLY B 199 1.23 14.90 -26.88
N ASP B 200 2.26 14.94 -27.72
CA ASP B 200 3.18 16.05 -27.75
C ASP B 200 2.63 17.19 -28.59
N ALA B 201 1.86 18.06 -27.93
CA ALA B 201 1.26 19.23 -28.55
C ALA B 201 2.32 20.23 -29.11
N PRO B 202 3.31 20.63 -28.29
CA PRO B 202 4.32 21.58 -28.77
C PRO B 202 5.02 21.19 -30.06
N ASN B 203 5.22 19.91 -30.32
CA ASN B 203 5.94 19.48 -31.51
C ASN B 203 5.02 19.10 -32.66
N ASN B 204 3.71 18.97 -32.37
CA ASN B 204 2.74 18.55 -33.39
C ASN B 204 1.61 19.55 -33.73
N MET B 205 1.61 20.72 -33.07
CA MET B 205 0.55 21.76 -33.20
C MET B 205 -0.76 21.36 -32.49
N ASP B 212 5.38 30.41 -33.51
CA ASP B 212 5.06 29.30 -32.63
C ASP B 212 4.49 29.80 -31.30
N ILE B 213 3.32 29.28 -30.94
CA ILE B 213 2.67 29.57 -29.64
C ILE B 213 3.38 28.90 -28.44
N PHE B 214 4.22 27.90 -28.72
CA PHE B 214 5.09 27.29 -27.69
C PHE B 214 6.56 27.72 -27.80
N HIS B 215 6.84 28.73 -28.62
CA HIS B 215 8.22 29.19 -28.81
C HIS B 215 8.91 29.51 -27.48
N ASP B 216 8.17 30.16 -26.59
CA ASP B 216 8.67 30.62 -25.29
C ASP B 216 8.31 29.69 -24.12
N LEU B 217 8.27 28.39 -24.38
CA LEU B 217 8.02 27.43 -23.30
C LEU B 217 9.20 27.47 -22.34
N ALA B 218 8.88 27.71 -21.06
CA ALA B 218 9.78 27.46 -19.94
C ALA B 218 9.19 26.30 -19.17
N PHE B 219 10.03 25.75 -18.29
CA PHE B 219 9.77 24.46 -17.67
C PHE B 219 10.20 24.45 -16.22
N THR B 220 9.43 23.77 -15.38
CA THR B 220 9.79 23.63 -13.97
C THR B 220 9.57 22.19 -13.50
N PRO B 221 10.36 21.72 -12.53
CA PRO B 221 10.14 20.31 -12.12
C PRO B 221 8.75 19.99 -11.60
N LEU B 222 8.18 18.86 -12.03
CA LEU B 222 6.88 18.35 -11.62
C LEU B 222 7.07 17.15 -10.69
N THR B 223 6.38 17.14 -9.53
CA THR B 223 6.37 16.05 -8.60
C THR B 223 4.89 15.60 -8.45
N ILE B 224 4.68 14.44 -7.87
CA ILE B 224 3.35 13.89 -7.67
C ILE B 224 3.26 13.56 -6.19
N THR B 225 2.23 14.10 -5.52
CA THR B 225 2.09 13.84 -4.08
C THR B 225 1.60 12.41 -3.88
N LEU B 226 1.64 11.92 -2.64
CA LEU B 226 1.07 10.60 -2.30
C LEU B 226 -0.45 10.46 -2.56
N GLN B 227 -1.19 11.55 -2.55
CA GLN B 227 -2.63 11.53 -2.93
C GLN B 227 -2.83 11.66 -4.44
N GLY B 228 -1.72 11.77 -5.17
CA GLY B 228 -1.74 11.76 -6.64
C GLY B 228 -1.98 13.08 -7.35
N GLU B 229 -1.59 14.18 -6.70
CA GLU B 229 -1.72 15.48 -7.28
C GLU B 229 -0.42 16.00 -7.84
N TYR B 230 -0.55 16.76 -8.91
CA TYR B 230 0.58 17.39 -9.58
C TYR B 230 1.04 18.51 -8.65
N ASN B 231 2.34 18.62 -8.43
CA ASN B 231 2.92 19.73 -7.65
C ASN B 231 4.10 20.32 -8.39
N VAL B 232 4.34 21.58 -8.14
CA VAL B 232 5.54 22.23 -8.58
C VAL B 232 6.00 23.01 -7.35
N ARG B 233 7.07 23.77 -7.50
CA ARG B 233 7.55 24.56 -6.38
C ARG B 233 7.57 26.02 -6.76
N VAL B 234 7.04 26.86 -5.87
CA VAL B 234 7.16 28.29 -5.99
C VAL B 234 8.26 28.75 -5.03
N ASN B 235 9.24 29.46 -5.59
CA ASN B 235 10.34 29.97 -4.80
C ASN B 235 10.03 31.37 -4.28
N SER B 236 9.32 32.16 -5.07
CA SER B 236 8.79 33.41 -4.58
C SER B 236 7.59 33.91 -5.35
N ILE B 237 6.88 34.82 -4.67
CA ILE B 237 5.77 35.56 -5.19
C ILE B 237 6.00 37.03 -4.93
N ARG B 238 5.85 37.81 -5.99
CA ARG B 238 5.79 39.23 -5.90
C ARG B 238 4.55 39.70 -6.56
N ILE B 239 4.06 40.83 -6.07
CA ILE B 239 2.93 41.54 -6.61
C ILE B 239 3.44 42.93 -6.95
N ASN B 240 3.28 43.35 -8.20
CA ASN B 240 3.94 44.60 -8.66
C ASN B 240 5.41 44.67 -8.15
N GLN B 241 6.12 43.55 -8.26
CA GLN B 241 7.51 43.41 -7.80
C GLN B 241 7.73 43.59 -6.26
N HIS B 242 6.63 43.69 -5.50
CA HIS B 242 6.67 43.60 -4.04
C HIS B 242 6.61 42.16 -3.50
N SER B 243 7.54 41.83 -2.61
CA SER B 243 7.67 40.49 -2.07
C SER B 243 6.52 40.17 -1.15
N VAL B 244 5.92 38.99 -1.40
CA VAL B 244 4.78 38.46 -0.68
C VAL B 244 5.18 37.15 -0.04
N PHE B 245 5.81 36.28 -0.83
CA PHE B 245 6.29 34.96 -0.43
C PHE B 245 7.75 34.81 -0.89
N PRO B 246 8.60 34.17 -0.07
CA PRO B 246 8.29 33.50 1.19
C PRO B 246 8.21 34.44 2.37
N LEU B 247 7.89 33.84 3.53
CA LEU B 247 8.21 34.40 4.85
C LEU B 247 7.21 35.42 5.30
N GLY B 260 7.79 26.07 -0.50
CA GLY B 260 6.76 26.62 -1.44
C GLY B 260 5.99 25.61 -2.31
N GLY B 261 5.71 24.44 -1.75
CA GLY B 261 4.86 23.39 -2.40
C GLY B 261 3.55 23.91 -3.01
N THR B 262 3.33 23.63 -4.31
CA THR B 262 2.30 24.32 -5.06
C THR B 262 1.56 23.29 -5.88
N MET B 263 0.24 23.19 -5.64
CA MET B 263 -0.56 22.24 -6.38
C MET B 263 -1.16 22.98 -7.59
N ILE B 264 -1.32 22.30 -8.70
CA ILE B 264 -2.06 22.80 -9.84
C ILE B 264 -3.32 21.94 -9.84
N SER B 265 -4.48 22.58 -9.97
CA SER B 265 -5.75 21.90 -9.78
C SER B 265 -6.83 22.52 -10.68
N THR B 266 -7.77 21.69 -11.15
CA THR B 266 -9.03 22.18 -11.76
C THR B 266 -10.26 21.85 -10.90
N SER B 267 -10.06 21.43 -9.64
CA SER B 267 -11.17 21.17 -8.73
C SER B 267 -11.49 22.33 -7.80
N THR B 268 -10.73 23.41 -7.89
CA THR B 268 -11.10 24.70 -7.35
C THR B 268 -11.01 25.68 -8.53
N PRO B 269 -11.98 26.59 -8.66
CA PRO B 269 -11.83 27.57 -9.72
C PRO B 269 -10.86 28.72 -9.41
N HIS B 270 -10.48 28.95 -8.14
CA HIS B 270 -9.62 30.10 -7.75
C HIS B 270 -8.25 29.70 -7.25
N MET B 271 -7.41 30.71 -7.05
CA MET B 271 -6.18 30.48 -6.32
C MET B 271 -6.48 30.32 -4.85
N VAL B 272 -5.75 29.41 -4.18
CA VAL B 272 -5.95 29.18 -2.76
C VAL B 272 -4.59 29.31 -2.08
N LEU B 273 -4.55 30.04 -0.99
CA LEU B 273 -3.32 30.17 -0.23
C LEU B 273 -3.52 29.81 1.23
N GLN B 274 -2.49 29.22 1.81
CA GLN B 274 -2.50 28.91 3.23
C GLN B 274 -2.65 30.22 3.96
N GLN B 275 -3.25 30.18 5.15
CA GLN B 275 -3.72 31.40 5.79
C GLN B 275 -2.66 32.49 5.91
N SER B 276 -1.46 32.20 6.40
CA SER B 276 -0.42 33.28 6.52
C SER B 276 0.08 33.84 5.18
N VAL B 277 0.14 33.01 4.16
CA VAL B 277 0.42 33.47 2.79
C VAL B 277 -0.78 34.32 2.24
N TYR B 278 -1.99 33.92 2.59
CA TYR B 278 -3.20 34.62 2.12
C TYR B 278 -3.23 36.01 2.64
N GLN B 279 -2.95 36.14 3.92
CA GLN B 279 -2.97 37.45 4.54
C GLN B 279 -1.94 38.39 3.88
N ALA B 280 -0.72 37.90 3.66
CA ALA B 280 0.35 38.74 3.07
C ALA B 280 -0.02 39.08 1.64
N PHE B 281 -0.48 38.09 0.89
CA PHE B 281 -0.80 38.33 -0.51
C PHE B 281 -1.92 39.37 -0.65
N THR B 282 -2.99 39.20 0.14
CA THR B 282 -4.17 40.04 -0.03
C THR B 282 -3.88 41.47 0.47
N GLN B 283 -3.09 41.57 1.51
CA GLN B 283 -2.66 42.89 1.99
C GLN B 283 -1.89 43.67 0.91
N VAL B 284 -0.81 43.07 0.40
CA VAL B 284 0.03 43.70 -0.61
C VAL B 284 -0.79 43.95 -1.86
N PHE B 285 -1.70 43.05 -2.23
CA PHE B 285 -2.49 43.26 -3.45
C PHE B 285 -3.34 44.51 -3.34
N ALA B 286 -3.91 44.70 -2.16
CA ALA B 286 -4.83 45.79 -1.86
C ALA B 286 -4.05 47.11 -1.83
N GLN B 287 -2.91 47.11 -1.15
CA GLN B 287 -2.12 48.35 -1.09
C GLN B 287 -1.49 48.77 -2.43
N GLN B 288 -1.46 47.88 -3.42
CA GLN B 288 -1.16 48.31 -4.80
C GLN B 288 -2.31 49.10 -5.46
N LEU B 289 -3.52 48.98 -4.93
CA LEU B 289 -4.66 49.73 -5.44
C LEU B 289 -4.97 50.87 -4.48
N PRO B 290 -5.75 51.87 -4.90
CA PRO B 290 -6.11 52.93 -3.95
C PRO B 290 -7.10 52.41 -2.90
N LYS B 291 -6.92 52.81 -1.63
CA LYS B 291 -7.73 52.28 -0.51
C LYS B 291 -9.21 52.68 -0.52
N GLN B 292 -9.54 53.73 -1.27
CA GLN B 292 -10.93 54.14 -1.44
C GLN B 292 -11.57 53.36 -2.57
N ALA B 293 -10.84 52.46 -3.18
CA ALA B 293 -11.42 51.67 -4.25
C ALA B 293 -12.18 50.49 -3.69
N GLN B 294 -11.95 50.21 -2.42
CA GLN B 294 -12.46 49.04 -1.75
C GLN B 294 -13.89 49.18 -1.31
N VAL B 295 -14.74 48.29 -1.80
CA VAL B 295 -16.11 48.23 -1.34
C VAL B 295 -16.31 47.01 -0.44
N LYS B 296 -17.54 46.79 -0.01
CA LYS B 296 -17.87 45.70 0.91
C LYS B 296 -17.61 44.34 0.24
N SER B 297 -17.18 43.36 1.05
CA SER B 297 -16.84 42.03 0.53
C SER B 297 -18.07 41.30 0.06
N VAL B 298 -18.02 40.76 -1.15
CA VAL B 298 -19.05 39.86 -1.63
C VAL B 298 -18.57 38.46 -1.31
N ALA B 299 -19.37 37.68 -0.57
CA ALA B 299 -19.04 36.28 -0.33
C ALA B 299 -18.93 35.58 -1.69
N PRO B 300 -18.02 34.61 -1.82
CA PRO B 300 -17.11 34.06 -0.83
C PRO B 300 -15.78 34.84 -0.69
N PHE B 301 -15.71 36.04 -1.26
CA PHE B 301 -14.43 36.75 -1.37
C PHE B 301 -14.16 37.63 -0.17
N GLY B 302 -12.92 38.08 -0.06
CA GLY B 302 -12.48 38.87 1.08
C GLY B 302 -12.05 40.28 0.75
N LEU B 303 -11.76 40.54 -0.52
CA LEU B 303 -11.23 41.83 -0.92
C LEU B 303 -11.85 42.20 -2.25
N CYS B 304 -12.77 43.15 -2.20
CA CYS B 304 -13.51 43.53 -3.38
C CYS B 304 -13.38 45.01 -3.62
N PHE B 305 -13.66 45.41 -4.85
CA PHE B 305 -13.44 46.77 -5.25
C PHE B 305 -14.55 47.26 -6.14
N ASN B 306 -14.73 48.58 -6.09
CA ASN B 306 -15.52 49.32 -7.07
C ASN B 306 -14.70 49.31 -8.37
N SER B 307 -15.27 48.72 -9.41
CA SER B 307 -14.55 48.51 -10.68
C SER B 307 -14.54 49.76 -11.57
N ASN B 308 -15.27 50.81 -11.15
CA ASN B 308 -15.11 52.14 -11.72
C ASN B 308 -13.75 52.73 -11.35
N LYS B 309 -13.35 52.47 -10.09
CA LYS B 309 -12.20 53.15 -9.47
C LYS B 309 -10.85 52.45 -9.65
N ILE B 310 -10.83 51.43 -10.51
CA ILE B 310 -9.59 50.76 -10.88
C ILE B 310 -9.37 50.85 -12.38
N ASN B 311 -8.18 51.29 -12.79
CA ASN B 311 -7.80 51.28 -14.21
C ASN B 311 -6.72 50.25 -14.60
N ALA B 312 -6.06 49.66 -13.61
CA ALA B 312 -4.99 48.71 -13.88
C ALA B 312 -4.73 47.87 -12.65
N TYR B 313 -4.60 46.56 -12.84
CA TYR B 313 -4.35 45.67 -11.71
C TYR B 313 -2.87 45.29 -11.70
N PRO B 314 -2.35 44.96 -10.53
CA PRO B 314 -0.93 44.61 -10.40
C PRO B 314 -0.56 43.25 -10.98
N SER B 315 0.66 43.14 -11.48
CA SER B 315 1.20 41.89 -11.98
C SER B 315 1.51 40.94 -10.81
N VAL B 316 1.27 39.65 -10.99
CA VAL B 316 1.62 38.66 -10.00
C VAL B 316 2.64 37.72 -10.67
N ASP B 317 3.84 37.68 -10.08
CA ASP B 317 5.00 36.96 -10.62
C ASP B 317 5.42 35.83 -9.71
N LEU B 318 5.43 34.63 -10.26
CA LEU B 318 5.80 33.44 -9.53
C LEU B 318 7.11 32.90 -10.08
N VAL B 319 8.16 33.03 -9.29
CA VAL B 319 9.43 32.39 -9.59
C VAL B 319 9.35 30.91 -9.19
N MET B 320 9.54 30.06 -10.19
CA MET B 320 9.37 28.62 -10.08
C MET B 320 10.69 27.91 -9.76
N ASP B 321 10.59 26.84 -8.97
CA ASP B 321 11.66 25.89 -8.70
C ASP B 321 12.71 26.41 -7.72
N LYS B 322 13.39 27.49 -8.09
CA LYS B 322 14.62 27.96 -7.43
C LYS B 322 14.77 29.46 -7.60
N PRO B 323 15.58 30.10 -6.74
CA PRO B 323 15.77 31.57 -6.79
C PRO B 323 15.88 32.19 -8.21
N ASN B 324 16.59 31.53 -9.12
CA ASN B 324 16.79 32.06 -10.47
C ASN B 324 16.01 31.31 -11.53
N GLY B 325 14.90 30.67 -11.16
CA GLY B 325 14.11 29.93 -12.12
C GLY B 325 13.24 30.83 -12.97
N PRO B 326 12.45 30.23 -13.88
CA PRO B 326 11.61 30.95 -14.81
C PRO B 326 10.34 31.48 -14.11
N VAL B 327 9.74 32.52 -14.68
CA VAL B 327 8.67 33.21 -13.97
C VAL B 327 7.32 32.94 -14.64
N TRP B 328 6.37 32.44 -13.84
CA TRP B 328 4.98 32.25 -14.25
C TRP B 328 4.35 33.57 -13.94
N ARG B 329 3.83 34.24 -14.96
CA ARG B 329 3.27 35.57 -14.78
C ARG B 329 1.76 35.52 -14.88
N ILE B 330 1.12 36.16 -13.92
CA ILE B 330 -0.32 36.29 -13.90
C ILE B 330 -0.59 37.78 -13.98
N SER B 331 -1.33 38.18 -15.01
CA SER B 331 -1.76 39.56 -15.10
C SER B 331 -2.87 39.74 -14.08
N GLY B 332 -2.84 40.83 -13.33
CA GLY B 332 -3.72 41.01 -12.18
C GLY B 332 -5.20 40.99 -12.50
N GLU B 333 -5.58 41.65 -13.60
CA GLU B 333 -6.96 41.57 -14.10
C GLU B 333 -7.45 40.11 -14.15
N ASP B 334 -6.58 39.17 -14.51
CA ASP B 334 -6.95 37.75 -14.61
C ASP B 334 -7.10 37.03 -13.26
N LEU B 335 -6.82 37.73 -12.17
CA LEU B 335 -7.07 37.22 -10.83
C LEU B 335 -8.41 37.71 -10.28
N MET B 336 -9.06 38.64 -10.99
CA MET B 336 -10.22 39.32 -10.46
C MET B 336 -11.49 38.66 -10.98
N VAL B 337 -12.49 38.63 -10.12
CA VAL B 337 -13.78 38.01 -10.44
C VAL B 337 -14.87 39.08 -10.42
N GLN B 338 -15.84 38.94 -11.31
CA GLN B 338 -17.00 39.85 -11.32
C GLN B 338 -18.05 39.25 -10.39
N ALA B 339 -18.12 39.76 -9.17
CA ALA B 339 -19.01 39.16 -8.20
C ALA B 339 -20.44 39.64 -8.45
N GLN B 340 -20.58 40.93 -8.76
CA GLN B 340 -21.88 41.57 -8.92
C GLN B 340 -21.95 42.33 -10.25
N PRO B 341 -22.97 43.18 -10.43
CA PRO B 341 -22.89 44.20 -11.47
C PRO B 341 -21.61 45.07 -11.45
N GLY B 342 -21.44 45.95 -10.44
CA GLY B 342 -20.33 46.91 -10.42
C GLY B 342 -19.19 46.62 -9.45
N VAL B 343 -18.98 45.35 -9.11
CA VAL B 343 -18.02 45.00 -8.07
C VAL B 343 -17.14 43.87 -8.56
N THR B 344 -15.83 44.03 -8.35
CA THR B 344 -14.84 43.05 -8.78
C THR B 344 -14.02 42.63 -7.56
N CYS B 345 -13.81 41.34 -7.39
CA CYS B 345 -13.11 40.79 -6.21
C CYS B 345 -11.87 40.01 -6.57
N LEU B 346 -10.88 40.09 -5.69
CA LEU B 346 -9.70 39.24 -5.77
C LEU B 346 -10.05 37.75 -5.60
N GLY B 347 -9.88 36.99 -6.69
CA GLY B 347 -10.13 35.56 -6.73
C GLY B 347 -8.99 34.75 -6.11
N VAL B 348 -8.74 35.05 -4.83
CA VAL B 348 -7.73 34.38 -4.03
C VAL B 348 -8.39 34.02 -2.72
N MET B 349 -8.42 32.73 -2.44
CA MET B 349 -9.11 32.17 -1.28
C MET B 349 -8.15 31.81 -0.14
N ASN B 350 -8.66 31.93 1.08
CA ASN B 350 -7.94 31.55 2.29
C ASN B 350 -8.17 30.04 2.52
N GLY B 351 -7.13 29.24 2.32
CA GLY B 351 -7.17 27.78 2.59
C GLY B 351 -7.07 27.40 4.06
N GLY B 352 -6.98 28.38 4.96
CA GLY B 352 -6.85 28.06 6.40
C GLY B 352 -5.49 27.52 6.74
N MET B 353 -5.38 26.80 7.85
CA MET B 353 -4.09 26.38 8.39
C MET B 353 -3.47 25.26 7.56
N GLN B 354 -4.29 24.34 7.06
CA GLN B 354 -3.83 23.11 6.47
C GLN B 354 -4.46 22.74 5.13
N PRO B 355 -4.32 23.64 4.13
CA PRO B 355 -4.63 23.18 2.78
C PRO B 355 -3.57 22.14 2.36
N ARG B 356 -3.86 21.31 1.36
CA ARG B 356 -2.91 20.28 0.91
C ARG B 356 -1.57 20.83 0.43
N ALA B 357 -1.63 22.01 -0.21
CA ALA B 357 -0.46 22.72 -0.68
C ALA B 357 -0.54 24.15 -0.16
N GLU B 358 0.62 24.70 0.17
CA GLU B 358 0.58 26.09 0.64
C GLU B 358 0.08 27.08 -0.43
N ILE B 359 0.37 26.83 -1.70
CA ILE B 359 -0.22 27.57 -2.83
C ILE B 359 -0.95 26.62 -3.75
N THR B 360 -2.14 27.00 -4.24
CA THR B 360 -2.81 26.18 -5.27
C THR B 360 -3.24 27.05 -6.44
N LEU B 361 -2.89 26.65 -7.66
CA LEU B 361 -3.24 27.39 -8.84
C LEU B 361 -4.46 26.68 -9.35
N GLY B 362 -5.57 27.39 -9.36
CA GLY B 362 -6.85 26.84 -9.79
C GLY B 362 -7.18 26.95 -11.26
N ALA B 363 -8.39 26.55 -11.59
CA ALA B 363 -8.90 26.62 -12.96
C ALA B 363 -8.63 27.97 -13.59
N ARG B 364 -8.94 29.06 -12.88
CA ARG B 364 -8.71 30.40 -13.40
C ARG B 364 -7.26 30.62 -13.86
N GLN B 365 -6.29 30.04 -13.15
CA GLN B 365 -4.88 30.22 -13.54
C GLN B 365 -4.47 29.36 -14.71
N LEU B 366 -5.22 28.30 -15.01
CA LEU B 366 -4.93 27.51 -16.20
CA LEU B 366 -4.92 27.52 -16.20
C LEU B 366 -5.68 28.09 -17.43
N GLU B 367 -6.63 28.97 -17.23
CA GLU B 367 -7.41 29.50 -18.39
C GLU B 367 -6.59 30.39 -19.34
N GLU B 368 -6.84 30.21 -20.64
CA GLU B 368 -6.12 30.98 -21.69
C GLU B 368 -4.61 30.92 -21.54
N ASN B 369 -4.14 29.76 -21.11
CA ASN B 369 -2.71 29.52 -20.90
C ASN B 369 -2.44 28.10 -21.34
N LEU B 370 -1.39 27.93 -22.14
CA LEU B 370 -0.94 26.62 -22.56
C LEU B 370 -0.15 26.08 -21.39
N VAL B 371 -0.52 24.91 -20.87
CA VAL B 371 0.23 24.29 -19.75
C VAL B 371 0.53 22.85 -20.12
N VAL B 372 1.81 22.54 -20.23
CA VAL B 372 2.27 21.23 -20.71
C VAL B 372 2.65 20.40 -19.52
N PHE B 373 1.94 19.29 -19.34
CA PHE B 373 2.31 18.30 -18.32
C PHE B 373 3.05 17.17 -18.98
N ASP B 374 4.34 17.20 -18.80
CA ASP B 374 5.25 16.21 -19.37
C ASP B 374 5.56 15.15 -18.34
N LEU B 375 4.87 14.02 -18.49
CA LEU B 375 4.96 12.90 -17.59
C LEU B 375 6.24 12.09 -17.83
N ALA B 376 6.72 12.10 -19.06
CA ALA B 376 7.96 11.44 -19.41
C ALA B 376 9.18 12.11 -18.80
N ARG B 377 9.21 13.43 -18.76
CA ARG B 377 10.38 14.15 -18.27
C ARG B 377 10.15 14.77 -16.90
N SER B 378 8.97 14.61 -16.32
CA SER B 378 8.67 15.14 -15.00
C SER B 378 8.85 16.66 -14.92
N ARG B 379 8.14 17.36 -15.81
CA ARG B 379 8.16 18.80 -15.80
C ARG B 379 6.86 19.32 -16.39
N VAL B 380 6.57 20.53 -15.99
CA VAL B 380 5.42 21.25 -16.40
C VAL B 380 5.96 22.43 -17.16
N GLY B 381 5.32 22.68 -18.30
CA GLY B 381 5.76 23.69 -19.22
C GLY B 381 4.68 24.74 -19.31
N PHE B 382 5.12 25.97 -19.45
CA PHE B 382 4.25 27.11 -19.57
C PHE B 382 5.05 28.17 -20.33
N SER B 383 4.32 29.10 -20.95
CA SER B 383 4.93 30.10 -21.80
C SER B 383 5.28 31.35 -20.97
N THR B 384 6.50 31.86 -21.18
CA THR B 384 6.92 33.13 -20.57
C THR B 384 6.15 34.29 -21.21
N SER B 385 5.70 34.08 -22.45
CA SER B 385 4.86 35.04 -23.17
C SER B 385 3.40 34.59 -23.24
N SER B 386 2.47 35.52 -23.01
CA SER B 386 1.03 35.25 -23.04
C SER B 386 0.56 34.60 -24.36
N LEU B 387 -0.48 33.78 -24.26
CA LEU B 387 -1.16 33.19 -25.44
C LEU B 387 -1.89 34.27 -26.27
N HIS B 388 -2.36 35.31 -25.59
CA HIS B 388 -3.05 36.43 -26.22
C HIS B 388 -2.13 37.41 -26.93
N SER B 389 -0.88 37.49 -26.50
CA SER B 389 0.12 38.34 -27.19
C SER B 389 0.52 37.74 -28.57
N HIS B 390 0.22 36.46 -28.77
CA HIS B 390 0.25 35.83 -30.11
C HIS B 390 -1.10 35.97 -30.81
N GLY B 391 -2.07 36.62 -30.16
CA GLY B 391 -3.41 36.82 -30.72
C GLY B 391 -4.36 35.63 -30.58
N VAL B 392 -3.87 34.52 -30.04
CA VAL B 392 -4.62 33.26 -29.99
C VAL B 392 -5.40 33.13 -28.67
N LYS B 393 -6.53 32.44 -28.76
CA LYS B 393 -7.33 32.08 -27.59
C LYS B 393 -7.41 30.58 -27.58
N CYS B 394 -7.66 30.01 -26.42
CA CYS B 394 -7.79 28.57 -26.34
C CYS B 394 -8.89 28.05 -27.26
N ALA B 395 -10.02 28.74 -27.28
CA ALA B 395 -11.14 28.38 -28.16
C ALA B 395 -10.81 28.34 -29.66
N ASP B 396 -9.77 29.05 -30.07
CA ASP B 396 -9.30 29.06 -31.47
C ASP B 396 -8.62 27.81 -32.00
N LEU B 397 -8.13 26.97 -31.10
CA LEU B 397 -7.16 25.95 -31.50
C LEU B 397 -7.82 24.93 -32.42
N PHE B 398 -9.02 24.49 -32.05
CA PHE B 398 -9.77 23.50 -32.83
C PHE B 398 -11.21 23.95 -33.05
N ASN B 399 -11.74 23.65 -34.24
CA ASN B 399 -13.17 23.80 -34.49
C ASN B 399 -13.97 22.53 -34.11
N PHE B 400 -14.68 22.59 -32.99
CA PHE B 400 -15.55 21.48 -32.56
C PHE B 400 -16.99 21.70 -33.00
N ALA B 401 -17.76 20.62 -33.07
CA ALA B 401 -19.23 20.69 -33.28
C ALA B 401 -19.83 19.31 -33.57
N PRO C 6 3.18 2.92 -38.75
CA PRO C 6 2.58 2.28 -37.59
C PRO C 6 3.29 0.95 -37.25
N ILE C 7 3.91 0.90 -36.08
CA ILE C 7 4.55 -0.33 -35.57
C ILE C 7 3.46 -1.21 -34.92
N ASN C 8 3.40 -2.49 -35.30
CA ASN C 8 2.46 -3.45 -34.69
C ASN C 8 3.13 -4.50 -33.77
N LEU C 9 4.33 -4.94 -34.13
CA LEU C 9 5.11 -5.83 -33.27
C LEU C 9 6.52 -5.29 -33.07
N VAL C 10 7.06 -5.73 -31.93
CA VAL C 10 8.43 -5.54 -31.57
C VAL C 10 8.92 -6.92 -31.09
N VAL C 11 10.14 -7.30 -31.45
CA VAL C 11 10.63 -8.65 -31.19
C VAL C 11 12.02 -8.70 -30.55
N LEU C 12 12.15 -9.53 -29.53
CA LEU C 12 13.42 -9.73 -28.81
C LEU C 12 13.81 -11.18 -28.98
N PRO C 13 14.95 -11.47 -29.62
CA PRO C 13 15.50 -12.83 -29.59
C PRO C 13 15.89 -13.28 -28.17
N VAL C 14 15.67 -14.55 -27.90
CA VAL C 14 15.89 -15.17 -26.60
C VAL C 14 16.69 -16.45 -26.76
N GLN C 15 17.80 -16.53 -26.03
CA GLN C 15 18.67 -17.70 -26.06
C GLN C 15 18.46 -18.66 -24.91
N ASN C 16 18.47 -19.94 -25.26
CA ASN C 16 18.44 -21.04 -24.31
C ASN C 16 19.89 -21.32 -23.92
N ASP C 17 20.15 -21.26 -22.62
CA ASP C 17 21.42 -21.62 -22.03
C ASP C 17 21.32 -23.09 -21.58
N GLY C 18 21.96 -23.98 -22.31
CA GLY C 18 21.84 -25.43 -22.04
C GLY C 18 22.29 -25.84 -20.63
N SER C 19 23.32 -25.16 -20.14
CA SER C 19 23.92 -25.41 -18.85
C SER C 19 23.01 -25.16 -17.62
N THR C 20 22.07 -24.21 -17.74
CA THR C 20 21.09 -23.93 -16.69
C THR C 20 19.64 -24.20 -17.08
N GLY C 21 19.36 -24.23 -18.38
CA GLY C 21 17.98 -24.36 -18.86
C GLY C 21 17.19 -23.06 -18.81
N LEU C 22 17.90 -21.99 -18.45
CA LEU C 22 17.25 -20.70 -18.32
C LEU C 22 17.41 -19.96 -19.65
N HIS C 23 16.60 -18.92 -19.82
CA HIS C 23 16.58 -18.19 -21.05
C HIS C 23 17.06 -16.77 -20.84
N TRP C 24 17.87 -16.28 -21.78
CA TRP C 24 18.46 -14.96 -21.65
C TRP C 24 18.39 -14.22 -22.97
N ALA C 25 18.39 -12.90 -22.89
CA ALA C 25 18.42 -12.03 -24.07
C ALA C 25 19.45 -10.89 -23.91
N ASN C 26 19.94 -10.38 -25.03
CA ASN C 26 20.75 -9.17 -25.08
C ASN C 26 19.83 -7.98 -25.28
N LEU C 27 19.77 -7.10 -24.28
CA LEU C 27 19.00 -5.86 -24.39
C LEU C 27 19.96 -4.79 -24.89
N GLN C 28 19.47 -3.97 -25.82
CA GLN C 28 20.25 -2.88 -26.39
C GLN C 28 19.87 -1.59 -25.67
N LYS C 29 20.81 -1.04 -24.92
CA LYS C 29 20.63 0.23 -24.26
C LYS C 29 21.82 1.14 -24.23
N ARG C 30 21.56 2.34 -23.74
CA ARG C 30 22.56 3.35 -23.38
C ARG C 30 22.92 4.21 -24.58
N THR C 31 23.68 5.25 -24.38
CA THR C 31 24.23 5.97 -25.51
C THR C 31 25.66 6.14 -25.16
N PRO C 32 26.56 5.50 -25.92
CA PRO C 32 26.27 4.72 -27.11
C PRO C 32 25.55 3.42 -26.83
N LEU C 33 24.81 2.95 -27.82
CA LEU C 33 24.07 1.69 -27.69
C LEU C 33 25.06 0.59 -27.40
N MET C 34 24.76 -0.21 -26.38
CA MET C 34 25.51 -1.46 -26.12
C MET C 34 24.64 -2.62 -25.66
N GLN C 35 25.22 -3.81 -25.69
CA GLN C 35 24.49 -5.01 -25.30
C GLN C 35 24.55 -5.20 -23.78
N VAL C 36 23.41 -5.54 -23.18
CA VAL C 36 23.33 -5.90 -21.77
C VAL C 36 22.63 -7.25 -21.71
N PRO C 37 23.41 -8.31 -21.44
CA PRO C 37 22.87 -9.64 -21.32
C PRO C 37 22.08 -9.80 -20.01
N VAL C 38 20.86 -10.25 -20.16
CA VAL C 38 19.91 -10.23 -19.11
C VAL C 38 19.05 -11.51 -19.15
N LEU C 39 18.88 -12.08 -17.98
CA LEU C 39 17.95 -13.19 -17.75
C LEU C 39 16.55 -12.76 -18.12
N VAL C 40 15.81 -13.63 -18.80
CA VAL C 40 14.39 -13.41 -19.02
C VAL C 40 13.58 -14.00 -17.86
N ASP C 41 12.92 -13.11 -17.10
CA ASP C 41 12.09 -13.50 -15.94
C ASP C 41 10.65 -13.12 -16.23
N LEU C 42 9.85 -14.10 -16.60
CA LEU C 42 8.47 -13.85 -17.01
C LEU C 42 7.69 -13.09 -15.95
N ASN C 43 7.94 -13.38 -14.67
CA ASN C 43 7.16 -12.81 -13.59
C ASN C 43 7.82 -11.60 -12.94
N GLY C 44 8.89 -11.12 -13.55
CA GLY C 44 9.63 -10.06 -12.94
C GLY C 44 8.98 -8.72 -13.11
N ASN C 45 9.10 -7.93 -12.07
CA ASN C 45 8.52 -6.63 -12.04
C ASN C 45 9.07 -5.63 -13.04
N HIS C 46 10.37 -5.70 -13.28
CA HIS C 46 11.04 -4.66 -14.06
C HIS C 46 12.30 -5.18 -14.66
N LEU C 47 12.97 -4.30 -15.42
CA LEU C 47 14.32 -4.56 -15.86
C LEU C 47 15.27 -4.07 -14.81
N TRP C 48 16.14 -4.95 -14.32
CA TRP C 48 17.25 -4.46 -13.50
C TRP C 48 18.59 -4.96 -14.01
N VAL C 49 19.61 -4.21 -13.65
CA VAL C 49 20.89 -4.28 -14.28
C VAL C 49 21.94 -3.82 -13.25
N ASN C 50 23.13 -4.41 -13.37
CA ASN C 50 24.31 -4.03 -12.66
C ASN C 50 24.79 -2.67 -13.13
N CYS C 51 24.79 -1.69 -12.24
CA CYS C 51 25.41 -0.41 -12.58
C CYS C 51 26.78 -0.22 -11.85
N GLU C 52 27.32 -1.26 -11.22
CA GLU C 52 28.64 -1.15 -10.53
C GLU C 52 29.79 -0.45 -11.28
N GLN C 53 29.66 0.83 -11.58
CA GLN C 53 30.87 1.58 -11.93
C GLN C 53 31.35 1.46 -13.39
N GLN C 54 31.00 0.36 -14.08
CA GLN C 54 31.34 0.21 -15.50
C GLN C 54 30.32 0.93 -16.42
N TYR C 55 29.04 0.85 -16.11
CA TYR C 55 28.00 1.71 -16.70
C TYR C 55 28.56 3.08 -17.17
N SER C 56 28.21 3.51 -18.40
CA SER C 56 28.47 4.89 -18.89
C SER C 56 27.57 5.29 -20.09
N SER C 57 26.86 6.42 -20.01
CA SER C 57 25.85 6.79 -21.04
C SER C 57 25.44 8.27 -21.09
N LYS C 58 25.34 8.83 -22.29
CA LYS C 58 24.98 10.25 -22.40
C LYS C 58 23.52 10.57 -22.07
N THR C 59 22.70 9.53 -21.96
CA THR C 59 21.27 9.70 -21.90
C THR C 59 20.70 9.12 -20.62
N TYR C 60 21.58 8.73 -19.71
CA TYR C 60 21.16 8.19 -18.47
C TYR C 60 20.88 9.28 -17.41
N GLN C 61 19.79 9.08 -16.69
CA GLN C 61 19.36 9.98 -15.62
C GLN C 61 18.78 9.11 -14.54
N ALA C 62 18.97 9.50 -13.29
CA ALA C 62 18.22 8.85 -12.23
C ALA C 62 17.11 9.79 -11.84
N PRO C 63 15.85 9.44 -12.12
CA PRO C 63 14.75 10.33 -11.73
C PRO C 63 14.83 10.81 -10.27
N PHE C 64 14.43 12.04 -10.04
CA PHE C 64 14.38 12.60 -8.67
C PHE C 64 13.16 12.08 -7.87
N CYS C 65 13.32 12.03 -6.54
CA CYS C 65 12.28 11.54 -5.66
C CYS C 65 11.04 12.34 -5.89
N HIS C 66 9.93 11.66 -6.01
CA HIS C 66 8.61 12.28 -6.14
C HIS C 66 8.32 12.70 -7.58
N SER C 67 9.22 12.37 -8.49
CA SER C 67 9.02 12.60 -9.90
C SER C 67 7.91 11.72 -10.47
N THR C 68 7.44 12.12 -11.65
CA THR C 68 6.49 11.32 -12.38
C THR C 68 7.01 9.95 -12.69
N GLN C 69 8.33 9.80 -12.94
CA GLN C 69 8.89 8.47 -13.25
C GLN C 69 8.84 7.56 -11.99
N CYS C 70 9.18 8.11 -10.82
CA CYS C 70 9.07 7.37 -9.55
C CYS C 70 7.63 6.99 -9.25
N SER C 71 6.69 7.90 -9.54
CA SER C 71 5.29 7.65 -9.33
C SER C 71 4.86 6.47 -10.24
N ARG C 72 5.24 6.55 -11.50
CA ARG C 72 4.96 5.47 -12.41
C ARG C 72 5.55 4.11 -11.93
N ALA C 73 6.78 4.11 -11.46
CA ALA C 73 7.40 2.84 -10.96
C ALA C 73 6.83 2.43 -9.61
N ASN C 74 5.98 3.29 -9.06
CA ASN C 74 5.31 3.11 -7.77
C ASN C 74 6.27 3.03 -6.59
N THR C 75 7.20 3.95 -6.55
CA THR C 75 7.99 4.09 -5.40
C THR C 75 8.01 5.53 -4.95
N HIS C 76 7.69 5.77 -3.69
CA HIS C 76 7.93 7.08 -3.09
C HIS C 76 9.03 7.02 -2.00
N GLN C 77 9.92 6.02 -2.08
CA GLN C 77 11.07 5.93 -1.13
C GLN C 77 12.31 6.68 -1.67
N CYS C 78 12.77 7.71 -0.99
CA CYS C 78 13.89 8.50 -1.52
C CYS C 78 15.18 7.91 -1.04
N LEU C 79 16.23 8.02 -1.85
CA LEU C 79 17.57 7.79 -1.32
C LEU C 79 18.60 8.75 -1.85
N SER C 80 19.82 8.63 -1.29
CA SER C 80 20.97 9.41 -1.73
C SER C 80 22.30 8.62 -1.64
N CYS C 81 23.34 9.11 -2.32
CA CYS C 81 24.64 8.42 -2.31
C CYS C 81 25.82 9.37 -2.02
N PRO C 82 26.73 8.98 -1.11
CA PRO C 82 27.79 9.92 -0.67
C PRO C 82 28.92 10.15 -1.67
N ALA C 83 29.29 9.12 -2.42
CA ALA C 83 30.31 9.20 -3.46
C ALA C 83 29.97 10.22 -4.54
N ALA C 84 30.94 10.53 -5.40
CA ALA C 84 30.69 11.37 -6.58
C ALA C 84 29.54 10.78 -7.40
N SER C 85 28.70 11.62 -8.01
CA SER C 85 27.50 11.10 -8.67
C SER C 85 27.80 10.33 -9.98
N ARG C 86 27.02 9.27 -10.22
CA ARG C 86 27.15 8.37 -11.37
C ARG C 86 25.98 7.38 -11.36
N PRO C 87 25.82 6.58 -12.43
CA PRO C 87 24.64 5.68 -12.41
C PRO C 87 24.62 4.76 -11.19
N GLY C 88 23.50 4.72 -10.46
CA GLY C 88 23.42 3.93 -9.22
C GLY C 88 23.72 4.75 -7.97
N CYS C 89 24.31 5.93 -8.15
CA CYS C 89 24.75 6.75 -7.04
C CYS C 89 24.35 8.22 -7.24
N HIS C 90 23.30 8.64 -6.55
CA HIS C 90 22.81 10.01 -6.65
C HIS C 90 22.32 10.65 -5.35
N LYS C 91 22.10 11.95 -5.45
CA LYS C 91 21.72 12.86 -4.34
C LYS C 91 20.27 12.75 -3.84
N ASN C 92 19.35 12.45 -4.73
CA ASN C 92 17.92 12.52 -4.44
C ASN C 92 17.25 11.64 -5.51
N THR C 93 17.21 10.35 -5.26
CA THR C 93 16.64 9.44 -6.24
C THR C 93 15.61 8.60 -5.55
N CYS C 94 15.01 7.66 -6.28
CA CYS C 94 13.94 6.77 -5.82
C CYS C 94 14.41 5.35 -5.72
N GLY C 95 14.00 4.65 -4.67
CA GLY C 95 14.44 3.28 -4.42
C GLY C 95 13.41 2.26 -4.87
N LEU C 96 13.89 1.11 -5.30
CA LEU C 96 13.10 0.04 -5.87
C LEU C 96 13.67 -1.30 -5.47
N MET C 97 12.88 -2.22 -4.94
CA MET C 97 13.40 -3.54 -4.63
C MET C 97 13.44 -4.41 -5.92
N SER C 98 14.60 -4.98 -6.20
CA SER C 98 14.79 -5.93 -7.29
C SER C 98 15.03 -7.34 -6.77
N THR C 99 14.63 -8.33 -7.57
CA THR C 99 14.68 -9.68 -7.12
C THR C 99 15.45 -10.53 -8.12
N ASN C 100 16.34 -11.38 -7.61
CA ASN C 100 16.92 -12.45 -8.42
C ASN C 100 15.99 -13.64 -8.30
N PRO C 101 15.25 -13.97 -9.37
CA PRO C 101 14.22 -14.99 -9.30
C PRO C 101 14.78 -16.39 -9.15
N ILE C 102 16.07 -16.57 -9.37
CA ILE C 102 16.69 -17.90 -9.25
C ILE C 102 17.01 -18.18 -7.77
N THR C 103 17.62 -17.24 -7.09
CA THR C 103 17.97 -17.44 -5.68
C THR C 103 16.90 -16.87 -4.69
N GLN C 104 15.96 -16.07 -5.22
CA GLN C 104 14.93 -15.32 -4.46
C GLN C 104 15.50 -14.25 -3.57
N GLN C 105 16.72 -13.82 -3.87
CA GLN C 105 17.29 -12.71 -3.23
C GLN C 105 16.62 -11.47 -3.72
N THR C 106 16.40 -10.56 -2.78
CA THR C 106 15.98 -9.23 -3.12
C THR C 106 16.87 -8.16 -2.44
N GLY C 107 16.93 -6.98 -3.07
CA GLY C 107 17.79 -5.88 -2.62
C GLY C 107 17.37 -4.53 -3.17
N LEU C 108 17.77 -3.43 -2.53
CA LEU C 108 17.29 -2.10 -2.90
C LEU C 108 18.23 -1.45 -3.89
N GLY C 109 17.66 -0.99 -4.98
CA GLY C 109 18.41 -0.29 -5.98
C GLY C 109 17.66 0.96 -6.36
N GLU C 110 18.21 1.70 -7.30
CA GLU C 110 17.66 3.02 -7.65
C GLU C 110 17.07 3.03 -9.05
N LEU C 111 15.94 3.73 -9.17
CA LEU C 111 15.30 3.92 -10.44
C LEU C 111 16.28 4.62 -11.34
N GLY C 112 16.38 4.14 -12.57
CA GLY C 112 17.18 4.74 -13.61
C GLY C 112 16.33 4.93 -14.87
N GLU C 113 16.82 5.75 -15.77
CA GLU C 113 16.19 6.00 -17.04
C GLU C 113 17.27 6.09 -18.12
N ASP C 114 17.05 5.41 -19.25
CA ASP C 114 18.04 5.48 -20.36
C ASP C 114 17.38 5.00 -21.62
N VAL C 115 18.08 5.10 -22.76
CA VAL C 115 17.55 4.67 -24.06
C VAL C 115 17.52 3.15 -24.08
N LEU C 116 16.44 2.57 -24.57
CA LEU C 116 16.41 1.12 -24.94
C LEU C 116 16.01 1.01 -26.39
N ALA C 117 16.72 0.19 -27.16
CA ALA C 117 16.39 -0.06 -28.58
C ALA C 117 16.00 -1.50 -28.79
N ILE C 118 15.10 -1.74 -29.73
CA ILE C 118 14.54 -3.08 -30.01
C ILE C 118 14.02 -3.06 -31.44
N HIS C 119 14.03 -4.23 -32.09
CA HIS C 119 13.57 -4.31 -33.46
C HIS C 119 12.06 -4.30 -33.57
N ALA C 120 11.56 -3.49 -34.49
CA ALA C 120 10.18 -3.62 -34.99
C ALA C 120 10.11 -4.64 -36.14
N THR C 121 8.91 -5.17 -36.38
CA THR C 121 8.61 -5.83 -37.64
C THR C 121 8.22 -4.74 -38.65
N LEU C 128 13.77 -7.97 -37.89
CA LEU C 128 13.38 -7.85 -39.29
C LEU C 128 13.18 -6.38 -39.73
N GLY C 129 12.41 -5.59 -38.98
CA GLY C 129 12.36 -4.13 -39.24
C GLY C 129 13.55 -3.41 -38.63
N PRO C 130 13.58 -2.09 -38.72
CA PRO C 130 14.71 -1.34 -38.11
C PRO C 130 14.68 -1.32 -36.58
N LEU C 131 15.80 -0.98 -35.97
CA LEU C 131 15.88 -0.81 -34.52
C LEU C 131 15.10 0.46 -34.20
N VAL C 132 14.14 0.34 -33.31
CA VAL C 132 13.43 1.50 -32.79
C VAL C 132 13.74 1.66 -31.30
N THR C 133 13.59 2.88 -30.79
CA THR C 133 14.02 3.21 -29.44
C THR C 133 12.91 3.75 -28.52
N VAL C 134 13.02 3.37 -27.23
CA VAL C 134 12.34 4.03 -26.15
C VAL C 134 13.36 4.97 -25.49
N PRO C 135 13.28 6.28 -25.76
CA PRO C 135 14.29 7.19 -25.24
C PRO C 135 14.42 7.22 -23.71
N GLN C 136 13.29 7.14 -23.03
CA GLN C 136 13.26 7.22 -21.59
C GLN C 136 12.71 5.94 -20.96
N PHE C 137 13.47 4.86 -21.07
CA PHE C 137 13.03 3.56 -20.63
C PHE C 137 13.43 3.46 -19.17
N LEU C 138 12.50 3.03 -18.31
CA LEU C 138 12.75 2.97 -16.90
C LEU C 138 13.20 1.57 -16.50
N PHE C 139 14.15 1.55 -15.59
CA PHE C 139 14.71 0.31 -15.06
C PHE C 139 15.36 0.58 -13.70
N SER C 140 15.93 -0.46 -13.08
CA SER C 140 16.59 -0.26 -11.78
C SER C 140 18.08 -0.65 -11.88
N CYS C 141 18.90 0.23 -11.32
CA CYS C 141 20.27 -0.07 -10.95
C CYS C 141 20.23 -0.85 -9.66
N ALA C 142 20.45 -2.14 -9.77
CA ALA C 142 20.29 -2.97 -8.62
C ALA C 142 21.68 -3.18 -7.98
N PRO C 143 21.71 -3.44 -6.68
CA PRO C 143 22.98 -3.90 -6.04
C PRO C 143 23.64 -5.05 -6.77
N SER C 144 24.95 -4.98 -7.01
CA SER C 144 25.66 -6.09 -7.69
C SER C 144 25.65 -7.46 -6.99
N PHE C 145 25.56 -7.51 -5.66
CA PHE C 145 25.39 -8.83 -4.98
C PHE C 145 24.24 -9.64 -5.61
N LEU C 146 23.24 -8.96 -6.18
CA LEU C 146 22.13 -9.67 -6.83
C LEU C 146 22.53 -10.49 -8.07
N VAL C 147 23.62 -10.14 -8.74
CA VAL C 147 24.04 -10.96 -9.90
C VAL C 147 25.00 -12.11 -9.51
N GLN C 148 25.47 -12.17 -8.26
CA GLN C 148 26.50 -13.15 -7.88
C GLN C 148 26.15 -14.61 -8.17
N LYS C 149 24.91 -14.99 -7.94
CA LYS C 149 24.54 -16.41 -7.96
C LYS C 149 23.36 -16.76 -8.87
N GLY C 150 23.42 -17.95 -9.47
CA GLY C 150 22.28 -18.57 -10.17
C GLY C 150 21.99 -18.09 -11.59
N LEU C 151 22.61 -16.99 -12.03
CA LEU C 151 22.32 -16.43 -13.36
C LEU C 151 23.18 -17.11 -14.45
N PRO C 152 22.61 -17.37 -15.65
CA PRO C 152 23.45 -17.96 -16.71
C PRO C 152 24.67 -17.09 -17.00
N ARG C 153 25.67 -17.69 -17.65
CA ARG C 153 27.01 -17.09 -17.73
C ARG C 153 26.99 -15.68 -18.26
N ASN C 154 27.68 -14.78 -17.60
CA ASN C 154 27.84 -13.42 -18.11
C ASN C 154 26.63 -12.49 -18.03
N THR C 155 25.50 -13.01 -17.55
CA THR C 155 24.29 -12.19 -17.33
C THR C 155 24.55 -11.04 -16.33
N GLN C 156 24.05 -9.86 -16.67
CA GLN C 156 24.27 -8.63 -15.91
C GLN C 156 22.94 -8.04 -15.35
N GLY C 157 21.87 -8.78 -15.48
CA GLY C 157 20.62 -8.31 -14.95
C GLY C 157 19.46 -9.18 -15.28
N VAL C 158 18.25 -8.69 -14.99
CA VAL C 158 17.05 -9.45 -15.25
C VAL C 158 16.00 -8.57 -15.96
N ALA C 159 15.52 -9.02 -17.12
CA ALA C 159 14.36 -8.37 -17.77
C ALA C 159 13.07 -9.00 -17.31
N GLY C 160 12.30 -8.24 -16.57
CA GLY C 160 11.01 -8.71 -16.10
C GLY C 160 9.90 -8.53 -17.10
N LEU C 161 9.10 -9.59 -17.30
CA LEU C 161 7.94 -9.51 -18.23
C LEU C 161 6.59 -9.51 -17.49
N GLY C 162 6.67 -9.23 -16.21
CA GLY C 162 5.52 -9.22 -15.31
C GLY C 162 4.51 -8.14 -15.60
N HIS C 163 3.34 -8.28 -15.01
CA HIS C 163 2.30 -7.29 -15.21
C HIS C 163 2.44 -6.26 -14.11
N ALA C 164 3.38 -5.37 -14.33
CA ALA C 164 3.73 -4.36 -13.35
C ALA C 164 4.05 -3.15 -14.20
N PRO C 165 3.97 -1.96 -13.62
CA PRO C 165 3.78 -0.82 -14.52
C PRO C 165 5.03 -0.46 -15.32
N ILE C 166 6.23 -0.85 -14.88
CA ILE C 166 7.41 -0.62 -15.68
C ILE C 166 8.05 -1.87 -16.24
N SER C 167 7.27 -2.96 -16.32
CA SER C 167 7.85 -4.15 -16.92
C SER C 167 8.13 -3.89 -18.39
N LEU C 168 8.93 -4.76 -19.00
CA LEU C 168 9.13 -4.69 -20.45
C LEU C 168 7.85 -4.64 -21.30
N PRO C 169 6.93 -5.59 -21.12
CA PRO C 169 5.75 -5.56 -22.00
C PRO C 169 4.92 -4.30 -21.88
N ASN C 170 4.76 -3.82 -20.65
CA ASN C 170 4.00 -2.64 -20.45
C ASN C 170 4.66 -1.42 -21.02
N GLN C 171 5.97 -1.26 -20.85
CA GLN C 171 6.62 -0.05 -21.36
C GLN C 171 6.63 -0.06 -22.88
N LEU C 172 6.87 -1.23 -23.45
CA LEU C 172 6.99 -1.34 -24.89
C LEU C 172 5.63 -1.13 -25.56
N ALA C 173 4.60 -1.83 -25.05
CA ALA C 173 3.22 -1.67 -25.53
C ALA C 173 2.78 -0.23 -25.47
N SER C 174 3.00 0.39 -24.31
CA SER C 174 2.73 1.81 -24.11
C SER C 174 3.46 2.77 -25.05
N HIS C 175 4.76 2.60 -25.23
CA HIS C 175 5.50 3.53 -26.06
C HIS C 175 5.06 3.51 -27.52
N PHE C 176 4.86 2.30 -28.07
CA PHE C 176 4.58 2.17 -29.49
C PHE C 176 3.12 1.99 -29.81
N GLY C 177 2.24 1.95 -28.81
CA GLY C 177 0.83 1.73 -29.07
C GLY C 177 0.51 0.35 -29.62
N LEU C 178 1.16 -0.64 -29.06
CA LEU C 178 0.92 -2.03 -29.44
C LEU C 178 -0.31 -2.49 -28.71
N GLN C 179 -0.90 -3.61 -29.14
CA GLN C 179 -1.85 -4.29 -28.27
C GLN C 179 -1.16 -4.76 -26.99
N ARG C 180 -1.91 -4.73 -25.89
CA ARG C 180 -1.37 -5.03 -24.56
C ARG C 180 -1.24 -6.51 -24.35
N GLN C 181 -0.30 -7.08 -25.07
CA GLN C 181 -0.05 -8.48 -25.00
C GLN C 181 1.34 -8.78 -25.48
N PHE C 182 1.79 -9.99 -25.19
CA PHE C 182 3.03 -10.48 -25.75
C PHE C 182 2.94 -11.98 -25.80
N THR C 183 3.78 -12.54 -26.65
CA THR C 183 3.80 -13.97 -26.95
C THR C 183 5.24 -14.44 -26.73
N THR C 184 5.42 -15.49 -25.95
CA THR C 184 6.68 -16.14 -25.86
C THR C 184 6.72 -17.33 -26.83
N CYS C 185 7.91 -17.55 -27.42
CA CYS C 185 8.19 -18.73 -28.20
C CYS C 185 9.64 -19.10 -27.89
N LEU C 186 9.81 -19.72 -26.74
CA LEU C 186 11.11 -20.11 -26.30
C LEU C 186 11.63 -21.29 -27.14
N SER C 187 12.93 -21.30 -27.37
CA SER C 187 13.58 -22.38 -28.08
C SER C 187 14.01 -23.51 -27.15
N ARG C 188 13.74 -24.75 -27.58
CA ARG C 188 14.28 -25.93 -26.90
C ARG C 188 15.78 -26.14 -27.13
N TYR C 189 16.32 -25.53 -28.18
CA TYR C 189 17.69 -25.80 -28.62
C TYR C 189 18.60 -24.57 -28.46
N PRO C 190 19.69 -24.66 -27.67
CA PRO C 190 20.57 -23.50 -27.57
C PRO C 190 21.06 -22.92 -28.91
N THR C 191 21.24 -23.74 -29.95
CA THR C 191 21.84 -23.17 -31.16
C THR C 191 20.86 -22.35 -32.00
N SER C 192 19.57 -22.36 -31.64
CA SER C 192 18.61 -21.52 -32.34
C SER C 192 17.81 -20.69 -31.35
N LYS C 193 17.86 -19.38 -31.52
CA LYS C 193 17.16 -18.51 -30.59
C LYS C 193 15.68 -18.40 -30.88
N GLY C 194 14.92 -18.36 -29.80
CA GLY C 194 13.51 -18.15 -29.85
C GLY C 194 13.28 -16.67 -29.69
N ALA C 195 12.02 -16.30 -29.39
CA ALA C 195 11.56 -14.92 -29.44
C ALA C 195 10.52 -14.59 -28.40
N ILE C 196 10.61 -13.38 -27.83
CA ILE C 196 9.46 -12.75 -27.20
C ILE C 196 8.95 -11.75 -28.22
N ILE C 197 7.65 -11.81 -28.47
CA ILE C 197 6.97 -10.91 -29.39
C ILE C 197 6.02 -10.00 -28.63
N PHE C 198 6.26 -8.71 -28.73
CA PHE C 198 5.46 -7.75 -27.99
C PHE C 198 4.46 -7.20 -28.96
N GLY C 199 3.20 -7.18 -28.56
CA GLY C 199 2.13 -6.77 -29.45
C GLY C 199 1.29 -7.96 -29.84
N ASP C 200 0.36 -7.72 -30.74
CA ASP C 200 -0.61 -8.76 -31.09
C ASP C 200 -0.03 -9.66 -32.14
N ALA C 201 0.70 -10.69 -31.71
CA ALA C 201 1.31 -11.66 -32.62
C ALA C 201 0.27 -12.46 -33.43
N PRO C 202 -0.76 -13.01 -32.76
CA PRO C 202 -1.71 -13.81 -33.54
C PRO C 202 -2.35 -13.11 -34.76
N ASN C 203 -2.56 -11.80 -34.68
CA ASN C 203 -3.15 -11.05 -35.81
C ASN C 203 -2.13 -10.25 -36.64
N ASN C 204 -0.84 -10.49 -36.43
CA ASN C 204 0.19 -9.76 -37.20
C ASN C 204 1.33 -10.67 -37.66
N MET C 205 1.00 -11.94 -37.91
CA MET C 205 1.98 -12.93 -38.34
C MET C 205 1.36 -13.94 -39.31
N PHE C 214 -1.00 -20.72 -34.10
CA PHE C 214 -1.92 -20.49 -35.21
C PHE C 214 -3.37 -20.33 -34.70
N HIS C 215 -4.36 -20.92 -35.39
CA HIS C 215 -5.77 -20.78 -34.99
C HIS C 215 -6.19 -21.72 -33.85
N ASP C 216 -5.40 -22.77 -33.60
CA ASP C 216 -5.69 -23.71 -32.50
C ASP C 216 -5.37 -23.13 -31.11
N LEU C 217 -5.63 -21.84 -30.92
CA LEU C 217 -5.37 -21.16 -29.65
C LEU C 217 -6.53 -21.37 -28.69
N ALA C 218 -6.24 -21.95 -27.54
CA ALA C 218 -7.20 -22.01 -26.45
C ALA C 218 -6.80 -20.87 -25.48
N PHE C 219 -7.74 -20.39 -24.69
CA PHE C 219 -7.47 -19.34 -23.72
C PHE C 219 -8.03 -19.73 -22.35
N THR C 220 -7.39 -19.28 -21.27
CA THR C 220 -7.85 -19.53 -19.93
C THR C 220 -7.68 -18.20 -19.16
N PRO C 221 -8.53 -17.96 -18.18
CA PRO C 221 -8.29 -16.67 -17.47
C PRO C 221 -6.93 -16.51 -16.76
N LEU C 222 -6.39 -15.30 -16.89
CA LEU C 222 -5.14 -14.90 -16.27
C LEU C 222 -5.43 -14.04 -15.04
N THR C 223 -4.77 -14.36 -13.93
CA THR C 223 -4.74 -13.52 -12.74
C THR C 223 -3.30 -13.18 -12.34
N ILE C 224 -3.14 -12.11 -11.56
CA ILE C 224 -1.83 -11.65 -11.11
C ILE C 224 -1.74 -11.77 -9.60
N THR C 225 -0.68 -12.37 -9.09
CA THR C 225 -0.56 -12.44 -7.63
C THR C 225 -0.06 -11.13 -7.06
N LEU C 226 -0.11 -11.03 -5.74
CA LEU C 226 0.33 -9.83 -5.06
C LEU C 226 1.85 -9.64 -5.20
N GLN C 227 2.59 -10.72 -5.41
CA GLN C 227 4.03 -10.61 -5.70
C GLN C 227 4.35 -10.33 -7.18
N GLY C 228 3.32 -10.18 -8.01
CA GLY C 228 3.53 -9.80 -9.42
C GLY C 228 3.64 -10.97 -10.39
N GLU C 229 3.18 -12.15 -10.02
CA GLU C 229 3.34 -13.34 -10.89
C GLU C 229 2.09 -13.66 -11.66
N TYR C 230 2.27 -14.20 -12.84
CA TYR C 230 1.16 -14.76 -13.60
C TYR C 230 0.67 -16.08 -13.03
N ASN C 231 -0.65 -16.17 -12.81
CA ASN C 231 -1.31 -17.39 -12.39
C ASN C 231 -2.41 -17.79 -13.38
N VAL C 232 -2.56 -19.09 -13.56
CA VAL C 232 -3.75 -19.62 -14.21
C VAL C 232 -4.36 -20.62 -13.21
N ARG C 233 -5.52 -21.18 -13.56
CA ARG C 233 -6.13 -22.16 -12.65
C ARG C 233 -6.18 -23.51 -13.37
N VAL C 234 -5.53 -24.51 -12.79
CA VAL C 234 -5.63 -25.87 -13.24
C VAL C 234 -6.74 -26.60 -12.47
N ASN C 235 -7.80 -26.94 -13.18
CA ASN C 235 -8.88 -27.69 -12.58
C ASN C 235 -8.47 -29.14 -12.26
N SER C 236 -7.72 -29.77 -13.14
CA SER C 236 -7.17 -31.10 -12.87
C SER C 236 -5.95 -31.40 -13.72
N ILE C 237 -5.05 -32.19 -13.16
CA ILE C 237 -3.90 -32.70 -13.86
C ILE C 237 -4.20 -34.18 -14.11
N ARG C 238 -4.03 -34.60 -15.34
CA ARG C 238 -4.27 -35.98 -15.73
CA ARG C 238 -4.29 -35.97 -15.71
C ARG C 238 -3.10 -36.58 -16.45
N ILE C 239 -2.91 -37.89 -16.26
CA ILE C 239 -1.82 -38.62 -16.87
C ILE C 239 -2.43 -39.81 -17.55
N ASN C 240 -2.37 -39.79 -18.89
CA ASN C 240 -3.12 -40.75 -19.70
C ASN C 240 -4.62 -40.74 -19.32
N GLN C 241 -5.11 -39.54 -19.00
CA GLN C 241 -6.47 -39.25 -18.50
C GLN C 241 -6.73 -39.59 -17.04
N HIS C 242 -5.83 -40.31 -16.38
CA HIS C 242 -6.04 -40.60 -14.96
C HIS C 242 -5.84 -39.35 -14.13
N SER C 243 -6.78 -39.10 -13.22
CA SER C 243 -6.68 -37.90 -12.38
C SER C 243 -5.57 -38.03 -11.38
N VAL C 244 -4.75 -37.01 -11.32
CA VAL C 244 -3.73 -36.89 -10.31
C VAL C 244 -4.20 -35.89 -9.27
N PHE C 245 -4.75 -34.77 -9.74
CA PHE C 245 -4.93 -33.53 -8.93
C PHE C 245 -6.41 -33.14 -8.67
N PRO C 246 -7.04 -33.76 -7.63
CA PRO C 246 -6.83 -35.10 -7.07
C PRO C 246 -7.99 -36.17 -7.22
N LEU C 247 -8.93 -36.22 -6.28
CA LEU C 247 -9.86 -37.35 -6.12
C LEU C 247 -10.90 -37.41 -7.24
N SER C 252 -20.35 -5.20 -1.58
CA SER C 252 -19.84 -6.06 -0.52
C SER C 252 -18.43 -6.47 -0.86
N THR C 253 -17.56 -6.53 0.14
CA THR C 253 -16.23 -7.05 -0.05
C THR C 253 -16.34 -8.57 0.04
N ILE C 254 -16.13 -9.22 -1.10
CA ILE C 254 -15.93 -10.66 -1.16
C ILE C 254 -14.73 -10.85 -0.33
N VAL C 255 -14.71 -11.91 0.42
CA VAL C 255 -13.46 -12.09 1.13
C VAL C 255 -12.51 -13.03 0.39
N GLY C 256 -12.30 -14.23 0.90
CA GLY C 256 -11.09 -14.97 0.57
C GLY C 256 -10.76 -15.36 -0.86
N SER C 257 -11.00 -14.50 -1.87
CA SER C 257 -10.68 -14.95 -3.23
C SER C 257 -9.18 -15.06 -3.42
N THR C 258 -8.77 -15.96 -4.30
CA THR C 258 -7.36 -16.15 -4.63
C THR C 258 -7.21 -16.09 -6.17
N SER C 259 -6.00 -15.87 -6.64
CA SER C 259 -5.69 -15.96 -8.07
C SER C 259 -5.66 -17.45 -8.47
N GLY C 260 -5.33 -17.74 -9.72
CA GLY C 260 -5.42 -19.09 -10.25
C GLY C 260 -4.83 -20.25 -9.46
N GLY C 261 -3.60 -20.09 -8.99
CA GLY C 261 -2.92 -21.16 -8.22
C GLY C 261 -1.92 -22.00 -9.02
N THR C 262 -1.84 -21.80 -10.33
CA THR C 262 -0.73 -22.33 -11.09
C THR C 262 0.10 -21.21 -11.66
N MET C 263 1.40 -21.23 -11.38
CA MET C 263 2.30 -20.22 -11.88
C MET C 263 3.00 -20.75 -13.13
N ILE C 264 3.19 -19.84 -14.09
CA ILE C 264 4.04 -20.03 -15.26
C ILE C 264 5.27 -19.14 -15.00
N SER C 265 6.45 -19.71 -15.16
CA SER C 265 7.68 -19.08 -14.75
C SER C 265 8.78 -19.47 -15.72
N THR C 266 9.73 -18.58 -15.94
CA THR C 266 10.93 -18.91 -16.68
C THR C 266 12.09 -18.90 -15.72
N SER C 267 11.81 -18.94 -14.42
CA SER C 267 12.88 -18.86 -13.40
C SER C 267 13.29 -20.24 -12.86
N THR C 268 12.56 -21.27 -13.32
CA THR C 268 12.86 -22.65 -13.07
C THR C 268 12.79 -23.35 -14.44
N PRO C 269 13.67 -24.32 -14.70
CA PRO C 269 13.61 -25.08 -15.95
C PRO C 269 12.50 -26.15 -16.04
N HIS C 270 12.20 -26.78 -14.91
CA HIS C 270 11.26 -27.88 -14.84
C HIS C 270 9.99 -27.52 -14.16
N MET C 271 9.00 -28.39 -14.32
CA MET C 271 7.74 -28.31 -13.62
C MET C 271 8.01 -28.53 -12.15
N VAL C 272 7.37 -27.74 -11.28
CA VAL C 272 7.45 -27.92 -9.83
C VAL C 272 6.05 -28.17 -9.24
N LEU C 273 5.94 -29.13 -8.32
CA LEU C 273 4.67 -29.44 -7.66
C LEU C 273 4.85 -29.48 -6.16
N GLN C 274 3.89 -28.93 -5.44
CA GLN C 274 3.81 -29.06 -4.00
C GLN C 274 3.90 -30.53 -3.60
N GLN C 275 4.61 -30.80 -2.52
CA GLN C 275 5.00 -32.17 -2.18
C GLN C 275 3.83 -33.19 -2.29
N SER C 276 2.67 -32.89 -1.72
CA SER C 276 1.54 -33.83 -1.83
C SER C 276 1.10 -34.13 -3.27
N VAL C 277 1.05 -33.09 -4.09
CA VAL C 277 0.75 -33.22 -5.49
C VAL C 277 1.88 -33.99 -6.21
N TYR C 278 3.12 -33.65 -5.87
CA TYR C 278 4.30 -34.33 -6.38
C TYR C 278 4.20 -35.84 -6.21
N GLN C 279 3.90 -36.29 -5.00
CA GLN C 279 3.85 -37.71 -4.73
C GLN C 279 2.71 -38.39 -5.52
N ALA C 280 1.53 -37.79 -5.50
CA ALA C 280 0.40 -38.28 -6.30
C ALA C 280 0.80 -38.41 -7.77
N PHE C 281 1.44 -37.37 -8.30
CA PHE C 281 1.81 -37.30 -9.72
C PHE C 281 2.77 -38.40 -10.13
N THR C 282 3.85 -38.53 -9.35
CA THR C 282 4.86 -39.57 -9.56
C THR C 282 4.30 -40.97 -9.43
N GLN C 283 3.46 -41.23 -8.44
CA GLN C 283 2.77 -42.55 -8.32
C GLN C 283 1.94 -42.88 -9.58
N VAL C 284 1.19 -41.89 -10.08
CA VAL C 284 0.34 -42.10 -11.24
C VAL C 284 1.16 -42.17 -12.53
N PHE C 285 2.23 -41.36 -12.66
CA PHE C 285 3.10 -41.41 -13.84
C PHE C 285 3.66 -42.81 -13.92
N ALA C 286 4.34 -43.24 -12.85
CA ALA C 286 4.92 -44.59 -12.77
C ALA C 286 3.92 -45.68 -13.12
N GLN C 287 2.68 -45.55 -12.67
CA GLN C 287 1.66 -46.57 -12.93
C GLN C 287 1.30 -46.69 -14.40
N GLN C 288 1.63 -45.69 -15.21
CA GLN C 288 1.38 -45.74 -16.65
C GLN C 288 2.47 -46.50 -17.43
N LEU C 289 3.49 -46.99 -16.71
CA LEU C 289 4.62 -47.69 -17.30
C LEU C 289 4.91 -48.98 -16.53
N PRO C 290 5.77 -49.86 -17.10
CA PRO C 290 5.99 -51.14 -16.42
C PRO C 290 6.93 -50.93 -15.24
N LYS C 291 6.50 -51.39 -14.04
CA LYS C 291 7.29 -51.27 -12.80
C LYS C 291 8.76 -51.66 -12.99
N GLN C 292 8.99 -52.60 -13.89
CA GLN C 292 10.32 -53.11 -14.19
C GLN C 292 11.22 -52.11 -14.92
N ALA C 293 10.63 -51.13 -15.59
CA ALA C 293 11.41 -50.13 -16.34
C ALA C 293 12.12 -49.14 -15.41
N GLN C 294 11.63 -49.03 -14.18
CA GLN C 294 12.22 -48.11 -13.19
C GLN C 294 13.69 -48.46 -12.94
N VAL C 295 14.45 -47.45 -12.55
CA VAL C 295 15.86 -47.64 -12.20
C VAL C 295 16.28 -46.76 -11.03
N LYS C 296 17.47 -47.04 -10.51
CA LYS C 296 18.09 -46.23 -9.45
C LYS C 296 17.95 -44.75 -9.77
N SER C 297 17.51 -43.98 -8.77
CA SER C 297 17.32 -42.56 -8.93
C SER C 297 18.68 -41.85 -9.13
N VAL C 298 18.63 -40.73 -9.85
CA VAL C 298 19.81 -40.00 -10.28
C VAL C 298 19.57 -38.51 -10.01
N ALA C 299 20.32 -37.92 -9.07
CA ALA C 299 20.15 -36.49 -8.74
C ALA C 299 20.39 -35.62 -9.99
N PRO C 300 19.62 -34.53 -10.15
CA PRO C 300 18.63 -33.90 -9.25
C PRO C 300 17.21 -34.48 -9.32
N PHE C 301 17.05 -35.68 -9.88
CA PHE C 301 15.73 -36.25 -10.10
C PHE C 301 15.36 -37.35 -9.11
N GLY C 302 14.07 -37.67 -9.11
CA GLY C 302 13.51 -38.67 -8.20
C GLY C 302 12.82 -39.85 -8.86
N LEU C 303 12.55 -39.75 -10.16
CA LEU C 303 11.86 -40.85 -10.88
C LEU C 303 12.49 -41.05 -12.25
N CYS C 304 13.20 -42.16 -12.39
CA CYS C 304 14.05 -42.42 -13.53
C CYS C 304 13.80 -43.80 -14.09
N PHE C 305 14.08 -43.96 -15.37
CA PHE C 305 13.69 -45.14 -16.12
C PHE C 305 14.81 -45.66 -16.99
N ASN C 306 14.81 -46.99 -17.13
CA ASN C 306 15.58 -47.63 -18.18
C ASN C 306 15.04 -47.17 -19.52
N SER C 307 15.73 -46.21 -20.12
CA SER C 307 15.48 -45.85 -21.51
C SER C 307 15.75 -47.12 -22.31
N ASN C 308 15.03 -47.33 -23.41
CA ASN C 308 15.10 -48.60 -24.20
C ASN C 308 14.09 -49.66 -23.72
N LYS C 309 13.64 -49.56 -22.48
CA LYS C 309 12.51 -50.36 -21.98
C LYS C 309 11.18 -49.60 -22.06
N ILE C 310 11.22 -48.37 -22.59
CA ILE C 310 10.02 -47.54 -22.82
C ILE C 310 9.93 -47.18 -24.30
N ASN C 311 8.79 -47.48 -24.91
CA ASN C 311 8.49 -46.95 -26.24
C ASN C 311 7.77 -45.60 -26.18
N ALA C 312 6.74 -45.48 -25.33
CA ALA C 312 6.00 -44.20 -25.17
C ALA C 312 5.79 -43.77 -23.72
N TYR C 313 6.05 -42.49 -23.47
CA TYR C 313 5.83 -41.89 -22.15
C TYR C 313 4.40 -41.33 -22.04
N PRO C 314 3.80 -41.36 -20.82
CA PRO C 314 2.43 -40.86 -20.64
C PRO C 314 2.26 -39.40 -21.00
N SER C 315 1.13 -39.02 -21.56
CA SER C 315 0.86 -37.59 -21.74
C SER C 315 0.31 -36.97 -20.49
N VAL C 316 0.69 -35.72 -20.23
CA VAL C 316 0.18 -35.01 -19.09
C VAL C 316 -0.77 -33.93 -19.62
N ASP C 317 -2.01 -33.94 -19.16
CA ASP C 317 -3.00 -32.96 -19.58
C ASP C 317 -3.35 -32.11 -18.38
N LEU C 318 -3.16 -30.81 -18.52
CA LEU C 318 -3.63 -29.86 -17.53
C LEU C 318 -4.94 -29.24 -18.00
N VAL C 319 -6.06 -29.62 -17.39
CA VAL C 319 -7.37 -29.10 -17.74
C VAL C 319 -7.53 -27.76 -17.02
N MET C 320 -7.78 -26.70 -17.78
CA MET C 320 -7.74 -25.36 -17.25
C MET C 320 -9.11 -24.84 -16.82
N ASP C 321 -9.12 -24.09 -15.73
CA ASP C 321 -10.25 -23.25 -15.36
C ASP C 321 -11.42 -23.98 -14.73
N LYS C 322 -11.97 -24.97 -15.44
CA LYS C 322 -13.15 -25.75 -15.00
C LYS C 322 -13.01 -27.19 -15.49
N PRO C 323 -13.81 -28.13 -14.92
CA PRO C 323 -13.60 -29.55 -15.21
C PRO C 323 -13.73 -29.92 -16.68
N ASN C 324 -14.37 -29.05 -17.45
CA ASN C 324 -14.49 -29.23 -18.88
C ASN C 324 -13.96 -28.03 -19.70
N GLY C 325 -12.94 -27.36 -19.16
CA GLY C 325 -12.31 -26.24 -19.84
C GLY C 325 -11.31 -26.73 -20.86
N PRO C 326 -10.56 -25.82 -21.47
CA PRO C 326 -9.55 -26.17 -22.46
C PRO C 326 -8.35 -26.85 -21.83
N VAL C 327 -7.62 -27.62 -22.63
CA VAL C 327 -6.57 -28.49 -22.11
C VAL C 327 -5.19 -28.11 -22.62
N TRP C 328 -4.28 -27.90 -21.68
CA TRP C 328 -2.87 -27.66 -21.97
C TRP C 328 -2.23 -29.01 -21.93
N ARG C 329 -1.91 -29.59 -23.08
CA ARG C 329 -1.34 -30.94 -23.13
C ARG C 329 0.20 -30.96 -23.26
N ILE C 330 0.87 -31.73 -22.40
CA ILE C 330 2.31 -31.96 -22.51
C ILE C 330 2.62 -33.41 -22.93
N SER C 331 3.37 -33.59 -24.01
CA SER C 331 3.83 -34.95 -24.39
C SER C 331 4.80 -35.46 -23.33
N GLY C 332 4.77 -36.75 -23.05
CA GLY C 332 5.61 -37.30 -21.99
C GLY C 332 7.09 -37.15 -22.27
N GLU C 333 7.47 -37.40 -23.53
CA GLU C 333 8.85 -37.18 -24.03
C GLU C 333 9.41 -35.80 -23.66
N ASP C 334 8.55 -34.79 -23.74
CA ASP C 334 8.94 -33.42 -23.49
C ASP C 334 9.12 -33.10 -22.00
N LEU C 335 8.57 -33.95 -21.14
CA LEU C 335 8.68 -33.77 -19.69
C LEU C 335 9.85 -34.59 -19.13
N MET C 336 10.50 -35.35 -20.02
CA MET C 336 11.56 -36.25 -19.63
C MET C 336 12.91 -35.64 -19.93
N VAL C 337 13.87 -35.98 -19.08
CA VAL C 337 15.25 -35.55 -19.26
C VAL C 337 16.18 -36.78 -19.28
N GLN C 338 17.22 -36.77 -20.11
CA GLN C 338 18.19 -37.88 -20.12
C GLN C 338 19.43 -37.53 -19.28
N ALA C 339 19.58 -38.24 -18.16
CA ALA C 339 20.61 -37.94 -17.16
C ALA C 339 21.94 -38.62 -17.49
N GLN C 340 21.91 -39.94 -17.60
CA GLN C 340 23.09 -40.81 -17.70
C GLN C 340 22.98 -41.61 -19.01
N PRO C 341 23.84 -42.64 -19.22
CA PRO C 341 23.80 -43.39 -20.49
C PRO C 341 22.43 -43.94 -20.91
N GLY C 342 21.89 -44.90 -20.17
CA GLY C 342 20.63 -45.52 -20.54
C GLY C 342 19.48 -45.19 -19.62
N VAL C 343 19.51 -44.01 -19.01
CA VAL C 343 18.56 -43.65 -17.97
C VAL C 343 18.01 -42.24 -18.17
N THR C 344 16.68 -42.17 -18.22
CA THR C 344 15.96 -40.93 -18.48
C THR C 344 15.02 -40.65 -17.31
N CYS C 345 14.99 -39.41 -16.86
CA CYS C 345 14.28 -39.07 -15.63
C CYS C 345 13.13 -38.08 -15.86
N LEU C 346 12.15 -38.15 -14.97
CA LEU C 346 11.00 -37.26 -15.05
C LEU C 346 11.40 -35.87 -14.61
N GLY C 347 11.06 -34.89 -15.46
CA GLY C 347 11.42 -33.47 -15.24
C GLY C 347 10.36 -32.70 -14.49
N VAL C 348 10.10 -33.20 -13.29
CA VAL C 348 9.10 -32.67 -12.37
C VAL C 348 9.74 -32.67 -10.99
N MET C 349 9.87 -31.50 -10.39
CA MET C 349 10.55 -31.38 -9.09
C MET C 349 9.56 -31.24 -7.94
N ASN C 350 9.98 -31.70 -6.76
CA ASN C 350 9.22 -31.55 -5.55
C ASN C 350 9.48 -30.17 -4.92
N GLY C 351 8.48 -29.30 -5.01
CA GLY C 351 8.52 -27.98 -4.42
C GLY C 351 8.28 -27.93 -2.92
N GLY C 352 8.16 -29.08 -2.26
CA GLY C 352 8.03 -29.11 -0.79
C GLY C 352 6.66 -28.65 -0.34
N MET C 353 6.56 -28.30 0.95
CA MET C 353 5.26 -27.97 1.56
C MET C 353 4.70 -26.63 1.09
N GLN C 354 5.57 -25.64 0.89
CA GLN C 354 5.14 -24.27 0.61
C GLN C 354 5.86 -23.59 -0.58
N PRO C 355 5.76 -24.20 -1.76
CA PRO C 355 6.10 -23.42 -2.97
C PRO C 355 5.09 -22.26 -3.07
N ARG C 356 5.42 -21.23 -3.82
CA ARG C 356 4.51 -20.11 -4.04
C ARG C 356 3.23 -20.47 -4.74
N ALA C 357 3.33 -21.46 -5.62
CA ALA C 357 2.17 -21.99 -6.28
C ALA C 357 2.22 -23.51 -6.17
N GLU C 358 1.03 -24.10 -6.17
CA GLU C 358 0.91 -25.54 -6.02
C GLU C 358 1.48 -26.27 -7.24
N ILE C 359 1.28 -25.69 -8.42
CA ILE C 359 1.85 -26.17 -9.68
C ILE C 359 2.58 -24.99 -10.32
N THR C 360 3.79 -25.24 -10.81
CA THR C 360 4.53 -24.29 -11.60
C THR C 360 5.00 -24.96 -12.87
N LEU C 361 4.65 -24.34 -13.99
CA LEU C 361 5.13 -24.70 -15.31
C LEU C 361 6.40 -23.87 -15.56
N GLY C 362 7.47 -24.57 -15.95
CA GLY C 362 8.79 -23.97 -16.09
C GLY C 362 9.17 -23.81 -17.56
N ALA C 363 10.42 -23.36 -17.78
CA ALA C 363 10.90 -23.01 -19.11
C ALA C 363 10.66 -24.13 -20.09
N ARG C 364 10.94 -25.34 -19.65
CA ARG C 364 10.78 -26.50 -20.54
C ARG C 364 9.37 -26.73 -21.00
N GLN C 365 8.38 -26.27 -20.22
CA GLN C 365 6.98 -26.39 -20.64
C GLN C 365 6.61 -25.26 -21.61
N LEU C 366 7.38 -24.20 -21.63
CA LEU C 366 7.13 -23.08 -22.53
C LEU C 366 7.91 -23.23 -23.84
N GLU C 367 8.92 -24.09 -23.85
CA GLU C 367 9.71 -24.29 -25.09
C GLU C 367 8.92 -24.94 -26.21
N GLU C 368 9.11 -24.40 -27.41
CA GLU C 368 8.46 -24.90 -28.61
C GLU C 368 6.96 -24.79 -28.61
N ASN C 369 6.45 -23.87 -27.80
CA ASN C 369 5.03 -23.53 -27.75
C ASN C 369 4.88 -22.03 -27.80
N LEU C 370 3.86 -21.57 -28.53
CA LEU C 370 3.42 -20.18 -28.49
C LEU C 370 2.63 -19.97 -27.24
N VAL C 371 2.94 -18.94 -26.46
CA VAL C 371 2.09 -18.63 -25.30
C VAL C 371 1.75 -17.15 -25.29
N VAL C 372 0.45 -16.88 -25.36
CA VAL C 372 -0.06 -15.54 -25.57
C VAL C 372 -0.53 -15.01 -24.22
N PHE C 373 0.21 -14.04 -23.74
CA PHE C 373 -0.11 -13.34 -22.52
C PHE C 373 -0.85 -12.06 -22.94
N ASP C 374 -2.16 -12.11 -22.82
CA ASP C 374 -3.04 -11.01 -23.16
C ASP C 374 -3.46 -10.24 -21.91
N LEU C 375 -2.76 -9.15 -21.72
CA LEU C 375 -2.93 -8.29 -20.57
C LEU C 375 -4.16 -7.39 -20.68
N ALA C 376 -4.63 -7.19 -21.92
CA ALA C 376 -5.85 -6.40 -22.20
C ALA C 376 -7.13 -7.11 -21.75
N ARG C 377 -7.18 -8.41 -22.01
CA ARG C 377 -8.34 -9.25 -21.68
C ARG C 377 -8.09 -10.22 -20.52
N SER C 378 -6.94 -10.10 -19.88
CA SER C 378 -6.57 -10.97 -18.75
C SER C 378 -6.80 -12.46 -19.06
N ARG C 379 -6.15 -12.92 -20.12
CA ARG C 379 -6.18 -14.35 -20.46
C ARG C 379 -4.81 -14.80 -21.03
N VAL C 380 -4.51 -16.10 -20.85
CA VAL C 380 -3.30 -16.73 -21.36
C VAL C 380 -3.77 -17.74 -22.39
N GLY C 381 -3.10 -17.74 -23.52
CA GLY C 381 -3.54 -18.50 -24.67
C GLY C 381 -2.43 -19.40 -25.15
N PHE C 382 -2.78 -20.63 -25.50
CA PHE C 382 -1.80 -21.65 -25.77
C PHE C 382 -2.34 -22.56 -26.85
N SER C 383 -1.46 -23.15 -27.66
CA SER C 383 -1.98 -24.04 -28.72
C SER C 383 -2.43 -25.39 -28.18
N THR C 384 -3.55 -25.84 -28.73
CA THR C 384 -4.11 -27.16 -28.49
C THR C 384 -3.70 -28.12 -29.62
N SER C 385 -2.74 -27.66 -30.43
CA SER C 385 -1.94 -28.52 -31.31
C SER C 385 -0.56 -27.84 -31.54
N SER C 386 0.42 -28.23 -30.72
CA SER C 386 1.77 -27.65 -30.74
C SER C 386 2.46 -27.83 -32.09
N LEU C 387 2.89 -26.72 -32.69
CA LEU C 387 3.42 -26.69 -34.09
C LEU C 387 3.54 -28.10 -34.64
N HIS C 388 4.76 -28.62 -34.58
CA HIS C 388 5.01 -30.05 -34.56
C HIS C 388 6.25 -30.24 -33.67
N SER C 389 6.44 -29.27 -32.78
CA SER C 389 7.63 -29.15 -31.90
C SER C 389 8.93 -28.98 -32.71
N CYS C 394 9.96 -22.50 -32.85
CA CYS C 394 10.11 -21.13 -32.35
C CYS C 394 11.14 -20.29 -33.13
N ALA C 395 12.27 -20.89 -33.53
CA ALA C 395 13.32 -20.17 -34.27
C ALA C 395 12.96 -19.72 -35.72
N ASP C 396 11.89 -20.29 -36.29
CA ASP C 396 11.47 -19.98 -37.69
C ASP C 396 10.75 -18.63 -37.84
N LEU C 397 9.94 -18.26 -36.86
CA LEU C 397 9.20 -17.01 -36.89
C LEU C 397 10.05 -15.84 -37.40
N PHE C 398 11.29 -15.73 -36.91
CA PHE C 398 12.17 -14.59 -37.27
C PHE C 398 13.61 -15.02 -37.60
N ASN C 399 14.48 -14.04 -37.84
CA ASN C 399 15.88 -14.30 -38.14
C ASN C 399 16.74 -13.04 -37.92
N PRO D 6 3.58 -5.96 39.13
CA PRO D 6 3.44 -5.69 37.70
C PRO D 6 4.67 -6.15 36.94
N ILE D 7 4.62 -6.09 35.61
CA ILE D 7 5.76 -6.43 34.76
C ILE D 7 6.14 -5.19 34.01
N ASN D 8 7.37 -4.73 34.16
CA ASN D 8 7.81 -3.56 33.40
C ASN D 8 9.07 -3.82 32.57
N LEU D 9 9.57 -5.05 32.63
CA LEU D 9 10.81 -5.40 31.96
C LEU D 9 10.75 -6.88 31.65
N VAL D 10 11.07 -7.25 30.40
CA VAL D 10 11.20 -8.66 30.05
C VAL D 10 12.55 -8.91 29.33
N VAL D 11 13.15 -10.09 29.49
CA VAL D 11 14.53 -10.25 28.96
C VAL D 11 14.75 -11.53 28.15
N LEU D 12 15.38 -11.36 27.00
CA LEU D 12 15.68 -12.50 26.14
C LEU D 12 17.20 -12.68 26.17
N PRO D 13 17.68 -13.86 26.65
CA PRO D 13 19.11 -14.03 26.49
C PRO D 13 19.45 -14.26 25.03
N VAL D 14 20.53 -13.63 24.59
CA VAL D 14 20.97 -13.75 23.21
C VAL D 14 22.45 -14.19 23.18
N GLN D 15 22.76 -15.12 22.31
CA GLN D 15 24.08 -15.76 22.26
C GLN D 15 24.94 -15.33 21.07
N ASN D 16 26.20 -15.03 21.35
CA ASN D 16 27.22 -14.79 20.33
C ASN D 16 27.73 -16.10 19.67
N ASP D 17 27.54 -16.20 18.36
CA ASP D 17 27.98 -17.37 17.57
C ASP D 17 29.33 -17.01 16.97
N GLY D 18 30.37 -17.67 17.41
CA GLY D 18 31.72 -17.32 16.98
C GLY D 18 32.00 -17.63 15.52
N SER D 19 31.40 -18.69 15.00
CA SER D 19 31.63 -19.05 13.60
C SER D 19 31.07 -18.05 12.59
N THR D 20 29.87 -17.50 12.83
CA THR D 20 29.27 -16.53 11.89
C THR D 20 29.48 -15.09 12.34
N GLY D 21 29.67 -14.86 13.65
CA GLY D 21 29.70 -13.51 14.25
C GLY D 21 28.32 -12.93 14.46
N LEU D 22 27.30 -13.78 14.31
CA LEU D 22 25.91 -13.40 14.50
C LEU D 22 25.36 -13.90 15.83
N HIS D 23 24.19 -13.37 16.18
CA HIS D 23 23.57 -13.66 17.45
C HIS D 23 22.22 -14.35 17.31
N TRP D 24 21.91 -15.17 18.29
CA TRP D 24 20.75 -16.02 18.20
C TRP D 24 20.19 -16.34 19.59
N ALA D 25 18.88 -16.57 19.65
CA ALA D 25 18.22 -16.87 20.90
C ALA D 25 17.52 -18.21 20.79
N ASN D 26 17.34 -18.87 21.96
CA ASN D 26 16.45 -20.02 22.11
C ASN D 26 15.08 -19.51 22.54
N LEU D 27 14.16 -19.37 21.60
CA LEU D 27 12.80 -18.92 21.95
C LEU D 27 11.98 -20.05 22.55
N GLN D 28 11.17 -19.72 23.56
CA GLN D 28 10.31 -20.69 24.21
C GLN D 28 8.91 -20.56 23.66
N LYS D 29 8.47 -21.60 22.96
CA LYS D 29 7.19 -21.59 22.28
C LYS D 29 6.46 -22.92 22.39
N ARG D 30 5.15 -22.84 22.22
CA ARG D 30 4.31 -23.98 21.89
C ARG D 30 3.74 -24.58 23.18
N THR D 31 2.89 -25.56 23.13
CA THR D 31 2.45 -26.23 24.34
C THR D 31 2.55 -27.71 24.07
N PRO D 32 3.38 -28.44 24.85
CA PRO D 32 4.27 -27.92 25.91
C PRO D 32 5.38 -27.04 25.36
N LEU D 33 5.99 -26.23 26.22
CA LEU D 33 7.05 -25.33 25.79
C LEU D 33 8.19 -26.14 25.21
N MET D 34 8.77 -25.60 24.15
CA MET D 34 9.98 -26.14 23.57
C MET D 34 10.86 -25.00 23.07
N GLN D 35 12.07 -25.35 22.69
CA GLN D 35 13.13 -24.39 22.47
C GLN D 35 13.25 -24.21 20.97
N VAL D 36 13.16 -22.97 20.51
CA VAL D 36 13.27 -22.68 19.10
C VAL D 36 14.45 -21.74 18.85
N PRO D 37 15.62 -22.31 18.44
CA PRO D 37 16.74 -21.48 18.08
C PRO D 37 16.49 -20.64 16.84
N VAL D 38 16.71 -19.35 17.00
CA VAL D 38 16.39 -18.40 15.98
CA VAL D 38 16.43 -18.41 15.95
C VAL D 38 17.51 -17.34 15.93
N LEU D 39 17.84 -16.87 14.72
CA LEU D 39 18.78 -15.76 14.57
C LEU D 39 18.08 -14.52 15.06
N VAL D 40 18.81 -13.65 15.74
CA VAL D 40 18.28 -12.32 16.08
C VAL D 40 18.63 -11.33 14.96
N ASP D 41 17.58 -10.80 14.33
CA ASP D 41 17.69 -9.84 13.23
C ASP D 41 17.08 -8.50 13.64
N LEU D 42 17.94 -7.52 13.95
CA LEU D 42 17.54 -6.27 14.59
C LEU D 42 16.49 -5.52 13.71
N ASN D 43 16.62 -5.67 12.40
CA ASN D 43 15.72 -4.98 11.47
C ASN D 43 14.63 -5.84 10.90
N GLY D 44 14.48 -7.04 11.42
CA GLY D 44 13.47 -7.98 10.94
C GLY D 44 12.04 -7.59 11.27
N ASN D 45 11.18 -7.72 10.27
CA ASN D 45 9.75 -7.37 10.29
C ASN D 45 8.96 -8.19 11.31
N HIS D 46 9.40 -9.44 11.51
CA HIS D 46 8.66 -10.43 12.27
C HIS D 46 9.48 -11.64 12.70
N LEU D 47 8.90 -12.49 13.52
CA LEU D 47 9.43 -13.79 13.84
C LEU D 47 8.95 -14.84 12.84
N TRP D 48 9.89 -15.53 12.20
CA TRP D 48 9.52 -16.67 11.37
C TRP D 48 10.38 -17.84 11.68
N VAL D 49 9.88 -18.98 11.27
CA VAL D 49 10.33 -20.30 11.70
C VAL D 49 10.00 -21.27 10.58
N ASN D 50 10.84 -22.29 10.47
CA ASN D 50 10.50 -23.44 9.64
C ASN D 50 9.58 -24.38 10.42
N CYS D 51 8.31 -24.46 9.99
CA CYS D 51 7.28 -25.28 10.62
C CYS D 51 7.19 -26.70 10.05
N GLU D 52 8.05 -27.04 9.09
CA GLU D 52 8.25 -28.45 8.67
C GLU D 52 9.21 -29.19 9.65
N GLN D 53 9.74 -28.45 10.64
CA GLN D 53 10.81 -28.97 11.53
C GLN D 53 10.24 -29.72 12.72
N GLN D 54 9.12 -30.39 12.50
CA GLN D 54 8.41 -31.16 13.53
C GLN D 54 7.79 -30.24 14.58
N TYR D 55 6.65 -29.71 14.16
CA TYR D 55 5.85 -28.80 14.92
C TYR D 55 4.82 -29.55 15.77
N SER D 56 5.06 -29.53 17.08
CA SER D 56 4.13 -30.05 18.07
C SER D 56 3.63 -28.89 18.92
N SER D 57 2.32 -28.76 19.06
CA SER D 57 1.74 -27.73 19.92
C SER D 57 0.26 -27.96 20.12
N LYS D 58 -0.25 -27.65 21.32
CA LYS D 58 -1.68 -27.71 21.58
C LYS D 58 -2.41 -26.41 21.28
N THR D 59 -1.64 -25.35 21.09
CA THR D 59 -2.18 -24.01 21.07
C THR D 59 -1.81 -23.29 19.77
N TYR D 60 -1.55 -24.07 18.71
CA TYR D 60 -1.26 -23.51 17.40
C TYR D 60 -2.53 -23.25 16.61
N GLN D 61 -2.61 -22.08 15.99
CA GLN D 61 -3.66 -21.72 15.06
C GLN D 61 -3.04 -20.96 13.88
N ALA D 62 -3.61 -21.11 12.70
CA ALA D 62 -3.27 -20.26 11.55
C ALA D 62 -4.48 -19.34 11.32
N PRO D 63 -4.29 -18.01 11.49
CA PRO D 63 -5.42 -17.11 11.32
C PRO D 63 -6.05 -17.18 9.91
N PHE D 64 -7.35 -16.94 9.81
CA PHE D 64 -8.03 -17.02 8.52
C PHE D 64 -7.83 -15.73 7.71
N CYS D 65 -8.00 -15.84 6.40
CA CYS D 65 -7.86 -14.65 5.57
C CYS D 65 -8.84 -13.55 5.94
N HIS D 66 -8.33 -12.33 5.92
CA HIS D 66 -9.07 -11.10 6.22
C HIS D 66 -9.38 -10.94 7.72
N SER D 67 -8.76 -11.77 8.57
CA SER D 67 -8.92 -11.70 9.98
C SER D 67 -8.21 -10.49 10.55
N THR D 68 -8.50 -10.25 11.82
CA THR D 68 -7.86 -9.20 12.56
C THR D 68 -6.36 -9.42 12.69
N GLN D 69 -5.94 -10.67 12.91
CA GLN D 69 -4.52 -10.94 13.03
C GLN D 69 -3.78 -10.67 11.71
N CYS D 70 -4.41 -11.03 10.57
CA CYS D 70 -3.80 -10.79 9.24
C CYS D 70 -3.72 -9.30 8.93
N SER D 71 -4.74 -8.58 9.36
CA SER D 71 -4.78 -7.13 9.22
C SER D 71 -3.64 -6.49 10.04
N ARG D 72 -3.50 -6.92 11.29
CA ARG D 72 -2.42 -6.46 12.19
C ARG D 72 -1.04 -6.71 11.56
N ALA D 73 -0.87 -7.88 10.93
CA ALA D 73 0.38 -8.26 10.27
C ALA D 73 0.55 -7.62 8.92
N ASN D 74 -0.46 -6.88 8.48
CA ASN D 74 -0.47 -6.14 7.23
C ASN D 74 -0.39 -7.03 6.00
N THR D 75 -1.15 -8.10 6.01
CA THR D 75 -1.31 -8.89 4.82
C THR D 75 -2.79 -9.11 4.50
N HIS D 76 -3.15 -8.82 3.26
CA HIS D 76 -4.46 -9.17 2.73
C HIS D 76 -4.39 -10.29 1.67
N GLN D 77 -3.27 -11.00 1.59
CA GLN D 77 -3.04 -12.08 0.60
C GLN D 77 -3.47 -13.44 1.16
N CYS D 78 -4.44 -14.10 0.53
CA CYS D 78 -5.00 -15.34 1.06
C CYS D 78 -4.24 -16.48 0.44
N LEU D 79 -3.94 -17.51 1.22
CA LEU D 79 -3.34 -18.67 0.62
C LEU D 79 -4.13 -19.94 0.86
N SER D 80 -3.83 -20.95 0.06
CA SER D 80 -4.36 -22.26 0.31
C SER D 80 -3.32 -23.30 -0.04
N CYS D 81 -3.25 -24.35 0.75
CA CYS D 81 -2.31 -25.39 0.55
C CYS D 81 -3.11 -26.59 0.10
N PRO D 82 -2.77 -27.20 -1.05
CA PRO D 82 -3.50 -28.33 -1.62
C PRO D 82 -2.98 -29.59 -0.99
N ALA D 83 -3.21 -29.72 0.30
CA ALA D 83 -2.68 -30.81 1.03
C ALA D 83 -3.49 -30.87 2.28
N ALA D 84 -3.20 -31.87 3.11
CA ALA D 84 -3.84 -31.99 4.39
C ALA D 84 -3.54 -30.74 5.21
N SER D 85 -4.04 -30.73 6.44
CA SER D 85 -3.95 -29.57 7.30
C SER D 85 -2.81 -29.83 8.29
N ARG D 86 -1.86 -28.90 8.38
CA ARG D 86 -0.75 -28.98 9.31
C ARG D 86 -0.13 -27.57 9.43
N PRO D 87 0.69 -27.35 10.46
CA PRO D 87 1.29 -26.02 10.59
C PRO D 87 2.05 -25.64 9.32
N GLY D 88 1.66 -24.53 8.69
CA GLY D 88 2.30 -24.10 7.44
C GLY D 88 1.54 -24.47 6.19
N CYS D 89 0.52 -25.32 6.35
CA CYS D 89 -0.32 -25.78 5.26
C CYS D 89 -1.78 -25.82 5.71
N HIS D 90 -2.56 -24.82 5.25
CA HIS D 90 -4.00 -24.72 5.51
C HIS D 90 -4.67 -24.22 4.25
N LYS D 91 -6.00 -24.21 4.27
CA LYS D 91 -6.76 -23.49 3.27
C LYS D 91 -7.21 -22.20 3.91
N ASN D 92 -7.36 -21.16 3.09
CA ASN D 92 -7.88 -19.86 3.55
C ASN D 92 -7.09 -19.20 4.70
N THR D 93 -5.77 -19.17 4.61
CA THR D 93 -4.96 -18.48 5.61
C THR D 93 -4.28 -17.25 4.95
N CYS D 94 -3.31 -16.61 5.61
CA CYS D 94 -2.75 -15.34 5.16
C CYS D 94 -1.34 -15.53 4.83
N GLY D 95 -0.92 -14.98 3.72
CA GLY D 95 0.46 -15.06 3.31
C GLY D 95 1.30 -13.88 3.68
N LEU D 96 2.52 -14.12 4.10
CA LEU D 96 3.47 -13.03 4.18
C LEU D 96 4.87 -13.44 3.83
N MET D 97 5.59 -12.46 3.30
CA MET D 97 6.98 -12.62 2.91
C MET D 97 7.92 -12.54 4.11
N SER D 98 8.73 -13.57 4.23
CA SER D 98 9.78 -13.61 5.23
C SER D 98 11.12 -13.53 4.58
N THR D 99 12.04 -12.86 5.27
CA THR D 99 13.37 -12.62 4.78
C THR D 99 14.47 -13.27 5.66
N ASN D 100 15.35 -14.05 4.99
CA ASN D 100 16.67 -14.48 5.49
C ASN D 100 17.62 -13.32 5.26
N PRO D 101 17.99 -12.64 6.32
CA PRO D 101 18.62 -11.36 6.09
C PRO D 101 20.10 -11.47 5.87
N ILE D 102 20.66 -12.70 5.92
CA ILE D 102 22.06 -12.94 5.63
C ILE D 102 22.20 -13.14 4.12
N THR D 103 21.38 -14.03 3.57
CA THR D 103 21.42 -14.28 2.13
C THR D 103 20.60 -13.23 1.35
N GLN D 104 19.75 -12.50 2.06
CA GLN D 104 18.72 -11.61 1.48
C GLN D 104 17.64 -12.36 0.65
N GLN D 105 17.48 -13.65 0.86
CA GLN D 105 16.36 -14.37 0.24
C GLN D 105 15.02 -14.08 0.94
N THR D 106 13.96 -14.09 0.16
CA THR D 106 12.62 -13.85 0.65
C THR D 106 11.67 -14.90 0.05
N GLY D 107 10.69 -15.32 0.84
CA GLY D 107 9.79 -16.38 0.40
C GLY D 107 8.45 -16.21 1.11
N LEU D 108 7.40 -16.63 0.43
CA LEU D 108 6.03 -16.49 0.87
C LEU D 108 5.66 -17.59 1.85
N GLY D 109 5.38 -17.22 3.08
CA GLY D 109 4.89 -18.17 4.09
C GLY D 109 3.53 -17.80 4.63
N GLU D 110 3.16 -18.46 5.70
CA GLU D 110 1.80 -18.41 6.26
C GLU D 110 1.81 -17.87 7.69
N LEU D 111 0.94 -16.93 7.95
CA LEU D 111 0.75 -16.36 9.31
C LEU D 111 0.31 -17.47 10.31
N GLY D 112 1.06 -17.61 11.41
CA GLY D 112 0.71 -18.54 12.50
C GLY D 112 0.60 -17.81 13.83
N GLU D 113 0.02 -18.51 14.81
CA GLU D 113 -0.22 -17.99 16.15
C GLU D 113 0.06 -19.11 17.11
N ASP D 114 0.84 -18.87 18.16
CA ASP D 114 1.10 -19.88 19.19
C ASP D 114 1.63 -19.18 20.47
N VAL D 115 1.84 -19.96 21.51
CA VAL D 115 2.36 -19.42 22.74
C VAL D 115 3.82 -19.07 22.59
N LEU D 116 4.22 -17.95 23.19
CA LEU D 116 5.63 -17.60 23.43
C LEU D 116 5.79 -17.26 24.91
N ALA D 117 6.87 -17.76 25.52
CA ALA D 117 7.22 -17.56 26.91
C ALA D 117 8.53 -16.78 27.00
N ILE D 118 8.60 -15.86 27.94
CA ILE D 118 9.82 -15.07 28.14
C ILE D 118 9.93 -14.66 29.60
N HIS D 119 11.15 -14.37 30.05
CA HIS D 119 11.40 -14.04 31.49
C HIS D 119 11.13 -12.60 31.78
N ALA D 120 10.40 -12.35 32.87
CA ALA D 120 10.16 -11.00 33.41
C ALA D 120 11.24 -10.61 34.42
N THR D 121 11.41 -9.30 34.62
CA THR D 121 12.28 -8.75 35.69
C THR D 121 11.62 -7.50 36.24
N GLY D 129 13.93 -13.64 36.24
CA GLY D 129 12.65 -13.84 36.93
C GLY D 129 11.88 -15.03 36.37
N PRO D 130 10.57 -15.14 36.70
CA PRO D 130 9.75 -16.25 36.23
C PRO D 130 9.30 -16.09 34.78
N LEU D 131 8.84 -17.18 34.16
CA LEU D 131 8.46 -17.18 32.74
C LEU D 131 6.99 -16.73 32.64
N VAL D 132 6.74 -15.69 31.84
CA VAL D 132 5.37 -15.20 31.58
C VAL D 132 5.08 -15.39 30.10
N THR D 133 3.82 -15.30 29.67
CA THR D 133 3.47 -15.68 28.31
C THR D 133 2.66 -14.67 27.49
N VAL D 134 2.88 -14.75 26.18
CA VAL D 134 1.97 -14.24 25.19
C VAL D 134 1.25 -15.47 24.61
N PRO D 135 0.01 -15.71 25.01
CA PRO D 135 -0.72 -16.88 24.51
C PRO D 135 -0.93 -16.85 22.98
N GLN D 136 -1.08 -15.66 22.44
CA GLN D 136 -1.25 -15.49 21.01
C GLN D 136 -0.13 -14.66 20.40
N PHE D 137 1.05 -15.24 20.31
CA PHE D 137 2.15 -14.56 19.66
C PHE D 137 2.09 -14.88 18.20
N LEU D 138 2.02 -13.83 17.36
CA LEU D 138 1.98 -14.00 15.91
C LEU D 138 3.35 -14.13 15.29
N PHE D 139 3.42 -14.99 14.29
CA PHE D 139 4.67 -15.28 13.63
C PHE D 139 4.39 -15.92 12.28
N SER D 140 5.42 -16.20 11.52
CA SER D 140 5.23 -16.86 10.24
C SER D 140 5.85 -18.23 10.10
N CYS D 141 5.10 -19.16 9.52
CA CYS D 141 5.65 -20.45 9.05
C CYS D 141 6.20 -20.21 7.66
N ALA D 142 7.49 -19.93 7.59
CA ALA D 142 8.16 -19.60 6.33
C ALA D 142 8.68 -20.85 5.61
N PRO D 143 8.81 -20.75 4.30
CA PRO D 143 9.27 -21.86 3.48
C PRO D 143 10.70 -22.28 3.86
N SER D 144 10.90 -23.58 3.92
CA SER D 144 12.10 -24.13 4.56
C SER D 144 13.38 -23.80 3.84
N PHE D 145 13.28 -23.37 2.57
CA PHE D 145 14.48 -23.02 1.75
C PHE D 145 15.24 -21.84 2.35
N LEU D 146 14.50 -21.01 3.10
CA LEU D 146 15.10 -19.87 3.79
C LEU D 146 16.03 -20.19 4.98
N VAL D 147 16.05 -21.42 5.48
CA VAL D 147 16.95 -21.77 6.60
C VAL D 147 18.18 -22.52 6.08
N GLN D 148 18.27 -22.72 4.78
CA GLN D 148 19.33 -23.56 4.24
C GLN D 148 20.71 -22.88 4.24
N LYS D 149 20.79 -21.56 4.01
CA LYS D 149 22.09 -20.90 3.96
C LYS D 149 22.18 -19.71 4.90
N GLY D 150 23.37 -19.52 5.44
CA GLY D 150 23.76 -18.30 6.12
C GLY D 150 23.47 -18.21 7.60
N LEU D 151 22.53 -18.99 8.13
CA LEU D 151 22.14 -18.83 9.52
C LEU D 151 23.12 -19.56 10.47
N PRO D 152 23.21 -19.14 11.73
CA PRO D 152 23.99 -19.91 12.69
C PRO D 152 23.49 -21.33 12.73
N ARG D 153 24.41 -22.27 13.00
CA ARG D 153 24.09 -23.68 12.96
C ARG D 153 22.86 -24.01 13.79
N ASN D 154 22.06 -24.93 13.29
CA ASN D 154 20.88 -25.39 13.99
C ASN D 154 19.76 -24.37 14.18
N THR D 155 19.94 -23.10 13.78
CA THR D 155 18.81 -22.17 13.88
C THR D 155 17.72 -22.55 12.86
N GLN D 156 16.48 -22.30 13.29
CA GLN D 156 15.25 -22.73 12.65
C GLN D 156 14.38 -21.57 12.17
N GLY D 157 14.90 -20.36 12.26
CA GLY D 157 14.13 -19.18 11.91
C GLY D 157 14.85 -17.93 12.35
N VAL D 158 14.12 -16.82 12.31
CA VAL D 158 14.68 -15.52 12.58
C VAL D 158 13.65 -14.76 13.38
N ALA D 159 14.11 -14.13 14.45
CA ALA D 159 13.27 -13.28 15.28
C ALA D 159 13.62 -11.84 14.96
N GLY D 160 12.64 -11.16 14.39
CA GLY D 160 12.76 -9.75 13.98
C GLY D 160 12.42 -8.74 15.08
N LEU D 161 13.26 -7.73 15.22
CA LEU D 161 13.11 -6.71 16.23
C LEU D 161 12.89 -5.34 15.61
N GLY D 162 12.56 -5.36 14.32
CA GLY D 162 12.29 -4.16 13.51
C GLY D 162 11.02 -3.45 13.98
N HIS D 163 10.85 -2.21 13.53
CA HIS D 163 9.74 -1.45 13.96
C HIS D 163 8.65 -1.66 12.97
N ALA D 164 7.91 -2.72 13.23
CA ALA D 164 6.91 -3.24 12.37
C ALA D 164 5.88 -3.88 13.31
N PRO D 165 4.61 -3.95 12.86
CA PRO D 165 3.50 -4.20 13.79
C PRO D 165 3.57 -5.53 14.55
N ILE D 166 4.12 -6.58 13.96
CA ILE D 166 4.24 -7.82 14.69
C ILE D 166 5.67 -8.22 15.03
N SER D 167 6.59 -7.28 15.07
CA SER D 167 7.95 -7.58 15.50
C SER D 167 7.98 -7.98 16.97
N LEU D 168 9.11 -8.53 17.42
CA LEU D 168 9.21 -8.98 18.81
C LEU D 168 8.93 -7.89 19.82
N PRO D 169 9.58 -6.74 19.69
CA PRO D 169 9.38 -5.69 20.67
C PRO D 169 8.00 -5.09 20.70
N ASN D 170 7.35 -5.04 19.54
CA ASN D 170 6.03 -4.49 19.51
C ASN D 170 5.02 -5.40 20.13
N GLN D 171 5.04 -6.69 19.77
CA GLN D 171 4.18 -7.66 20.42
C GLN D 171 4.35 -7.76 21.94
N LEU D 172 5.60 -7.89 22.42
CA LEU D 172 5.87 -7.95 23.85
C LEU D 172 5.46 -6.67 24.64
N ALA D 173 5.81 -5.50 24.11
CA ALA D 173 5.46 -4.23 24.81
C ALA D 173 3.94 -4.05 24.90
N SER D 174 3.27 -4.37 23.81
CA SER D 174 1.80 -4.28 23.73
C SER D 174 1.12 -5.27 24.67
N HIS D 175 1.62 -6.51 24.71
CA HIS D 175 0.97 -7.49 25.56
C HIS D 175 1.13 -7.16 27.03
N PHE D 176 2.31 -6.71 27.41
CA PHE D 176 2.59 -6.51 28.83
C PHE D 176 2.42 -5.10 29.25
N GLY D 177 2.14 -4.21 28.31
CA GLY D 177 2.05 -2.81 28.62
C GLY D 177 3.36 -2.17 29.05
N LEU D 178 4.44 -2.54 28.39
CA LEU D 178 5.76 -2.00 28.70
C LEU D 178 5.91 -0.67 27.98
N GLN D 179 6.80 0.19 28.47
CA GLN D 179 7.27 1.33 27.66
C GLN D 179 7.84 0.82 26.33
N ARG D 180 7.53 1.55 25.26
CA ARG D 180 7.84 1.15 23.88
C ARG D 180 9.31 1.34 23.58
N GLN D 181 10.14 0.48 24.15
CA GLN D 181 11.54 0.61 23.92
C GLN D 181 12.19 -0.69 24.29
N PHE D 182 13.38 -0.92 23.77
CA PHE D 182 14.15 -2.09 24.15
C PHE D 182 15.62 -1.76 24.19
N THR D 183 16.38 -2.44 25.04
CA THR D 183 17.80 -2.21 25.00
C THR D 183 18.57 -3.50 24.68
N THR D 184 19.67 -3.26 23.99
CA THR D 184 20.49 -4.26 23.42
C THR D 184 21.79 -4.27 24.23
N CYS D 185 22.21 -5.46 24.66
CA CYS D 185 23.52 -5.65 25.29
C CYS D 185 24.01 -6.99 24.78
N LEU D 186 24.60 -6.94 23.58
CA LEU D 186 25.18 -8.12 22.98
C LEU D 186 26.59 -8.30 23.54
N SER D 187 26.99 -9.54 23.72
CA SER D 187 28.33 -9.85 24.21
C SER D 187 29.31 -10.11 23.07
N ARG D 188 30.55 -9.67 23.28
CA ARG D 188 31.64 -9.85 22.33
C ARG D 188 32.17 -11.27 22.30
N TYR D 189 32.02 -11.98 23.40
CA TYR D 189 32.74 -13.24 23.59
C TYR D 189 31.95 -14.40 22.98
N PRO D 190 32.55 -15.07 21.97
CA PRO D 190 31.79 -16.13 21.31
C PRO D 190 31.35 -17.19 22.31
N THR D 191 30.09 -17.61 22.15
CA THR D 191 29.40 -18.58 22.99
C THR D 191 28.79 -17.95 24.27
N SER D 192 29.13 -16.70 24.57
CA SER D 192 28.58 -16.05 25.73
C SER D 192 27.26 -15.45 25.36
N LYS D 193 26.47 -15.17 26.38
CA LYS D 193 25.19 -14.62 26.11
C LYS D 193 24.98 -13.30 26.79
N GLY D 194 24.64 -12.31 25.96
CA GLY D 194 24.17 -11.02 26.41
C GLY D 194 22.66 -11.10 26.53
N ALA D 195 21.97 -9.97 26.38
CA ALA D 195 20.52 -9.95 26.51
C ALA D 195 19.95 -8.84 25.65
N ILE D 196 18.68 -8.97 25.28
CA ILE D 196 17.86 -7.87 24.76
C ILE D 196 16.80 -7.68 25.85
N ILE D 197 16.75 -6.49 26.44
CA ILE D 197 15.78 -6.14 27.47
C ILE D 197 14.62 -5.32 26.86
N PHE D 198 13.40 -5.81 27.02
CA PHE D 198 12.22 -5.12 26.48
C PHE D 198 11.56 -4.28 27.56
N GLY D 199 11.25 -3.04 27.24
CA GLY D 199 10.66 -2.14 28.24
C GLY D 199 11.72 -1.16 28.67
N ASP D 200 11.40 -0.32 29.66
CA ASP D 200 12.25 0.83 30.01
C ASP D 200 13.39 0.37 30.89
N ALA D 201 14.37 -0.28 30.26
CA ALA D 201 15.57 -0.75 30.98
C ALA D 201 16.23 0.42 31.76
N PRO D 202 16.53 1.54 31.07
CA PRO D 202 17.20 2.62 31.81
C PRO D 202 16.57 2.97 33.15
N ASN D 203 15.24 3.00 33.26
CA ASN D 203 14.57 3.26 34.55
C ASN D 203 14.19 2.03 35.39
N ASN D 204 14.32 0.82 34.85
CA ASN D 204 13.86 -0.37 35.58
C ASN D 204 14.94 -1.37 35.99
N MET D 205 16.12 -0.87 36.33
CA MET D 205 17.13 -1.71 37.03
C MET D 205 18.27 -0.90 37.65
N ILE D 213 24.71 2.78 35.39
CA ILE D 213 25.13 2.21 34.11
C ILE D 213 24.49 2.93 32.91
N PHE D 214 23.29 3.47 33.10
CA PHE D 214 22.63 4.30 32.08
C PHE D 214 22.80 5.81 32.39
N HIS D 215 23.85 6.14 33.14
CA HIS D 215 24.11 7.52 33.56
C HIS D 215 24.54 8.41 32.36
N ASP D 216 25.30 7.83 31.42
CA ASP D 216 25.92 8.57 30.29
C ASP D 216 25.31 8.23 28.93
N LEU D 217 23.98 8.24 28.86
CA LEU D 217 23.32 7.87 27.62
C LEU D 217 23.26 9.10 26.73
N ALA D 218 24.01 9.06 25.63
CA ALA D 218 23.84 10.01 24.55
C ALA D 218 22.57 9.57 23.80
N PHE D 219 22.12 10.40 22.85
CA PHE D 219 20.91 10.12 22.10
C PHE D 219 20.95 10.77 20.72
N THR D 220 20.39 10.07 19.75
CA THR D 220 20.35 10.57 18.39
C THR D 220 19.01 10.16 17.72
N PRO D 221 18.48 11.00 16.82
CA PRO D 221 17.19 10.68 16.18
C PRO D 221 17.18 9.37 15.39
N LEU D 222 16.12 8.59 15.58
CA LEU D 222 15.89 7.36 14.83
C LEU D 222 14.77 7.54 13.81
N THR D 223 15.01 7.06 12.58
CA THR D 223 14.09 7.01 11.52
C THR D 223 13.91 5.55 11.15
N ILE D 224 12.80 5.24 10.53
CA ILE D 224 12.52 3.91 10.09
C ILE D 224 12.40 3.97 8.62
N THR D 225 13.09 3.08 7.95
CA THR D 225 12.95 3.09 6.51
C THR D 225 11.71 2.38 6.07
N LEU D 226 11.42 2.59 4.78
CA LEU D 226 10.31 1.92 4.17
C LEU D 226 10.48 0.40 4.21
N GLN D 227 11.71 -0.11 4.17
CA GLN D 227 11.90 -1.58 4.35
C GLN D 227 11.94 -2.05 5.81
N GLY D 228 11.63 -1.17 6.76
CA GLY D 228 11.48 -1.53 8.19
C GLY D 228 12.77 -1.51 8.99
N GLU D 229 13.78 -0.84 8.47
CA GLU D 229 15.06 -0.78 9.10
C GLU D 229 15.23 0.47 9.92
N TYR D 230 15.97 0.31 11.01
CA TYR D 230 16.40 1.42 11.84
C TYR D 230 17.48 2.18 11.12
N ASN D 231 17.36 3.51 11.09
CA ASN D 231 18.40 4.40 10.62
C ASN D 231 18.70 5.48 11.66
N VAL D 232 19.95 5.89 11.65
CA VAL D 232 20.39 7.09 12.33
C VAL D 232 21.18 7.86 11.28
N ARG D 233 21.65 9.05 11.62
CA ARG D 233 22.42 9.84 10.65
C ARG D 233 23.80 10.13 11.21
N VAL D 234 24.82 9.80 10.43
CA VAL D 234 26.22 10.05 10.79
C VAL D 234 26.70 11.27 10.04
N ASN D 235 27.01 12.32 10.78
CA ASN D 235 27.53 13.55 10.22
C ASN D 235 29.01 13.49 9.82
N SER D 236 29.82 12.82 10.65
CA SER D 236 31.20 12.57 10.30
C SER D 236 31.78 11.31 10.94
N ILE D 237 32.86 10.82 10.31
CA ILE D 237 33.68 9.72 10.83
C ILE D 237 35.13 10.21 10.85
N ARG D 238 35.79 10.00 11.99
CA ARG D 238 37.21 10.22 12.08
C ARG D 238 37.92 8.95 12.54
N ILE D 239 39.13 8.71 12.01
CA ILE D 239 40.00 7.62 12.45
C ILE D 239 41.22 8.26 13.09
N ASN D 240 41.38 8.01 14.39
CA ASN D 240 42.35 8.71 15.16
C ASN D 240 42.39 10.21 14.84
N GLN D 241 41.24 10.85 14.96
CA GLN D 241 41.06 12.27 14.65
C GLN D 241 41.22 12.67 13.17
N HIS D 242 41.47 11.71 12.28
CA HIS D 242 41.63 12.00 10.85
C HIS D 242 40.30 11.82 10.09
N SER D 243 39.88 12.83 9.35
CA SER D 243 38.60 12.82 8.63
C SER D 243 38.60 11.78 7.52
N VAL D 244 37.52 10.99 7.53
CA VAL D 244 37.29 9.95 6.55
C VAL D 244 35.93 10.22 5.89
N PHE D 245 34.97 10.66 6.70
CA PHE D 245 33.64 10.99 6.21
C PHE D 245 33.14 12.26 6.86
N PRO D 246 32.63 13.21 6.04
CA PRO D 246 32.57 13.14 4.58
C PRO D 246 33.86 13.65 3.92
N SER D 252 0.32 21.76 5.93
CA SER D 252 0.51 20.47 5.26
C SER D 252 0.72 20.54 3.72
N THR D 253 1.65 21.42 3.28
CA THR D 253 2.36 21.24 2.00
C THR D 253 3.18 19.93 2.06
N ILE D 254 3.30 19.24 0.93
CA ILE D 254 4.08 18.02 0.86
C ILE D 254 5.52 18.36 0.50
N VAL D 255 6.48 17.69 1.15
CA VAL D 255 7.93 17.99 0.98
C VAL D 255 8.73 16.91 0.19
N GLY D 256 9.06 15.81 0.88
CA GLY D 256 9.76 14.67 0.26
C GLY D 256 11.23 14.41 0.57
N SER D 257 11.46 13.82 1.73
CA SER D 257 12.78 13.75 2.34
C SER D 257 13.28 12.31 2.49
N THR D 258 14.33 12.14 3.27
CA THR D 258 14.93 10.82 3.43
C THR D 258 15.13 10.56 4.92
N SER D 259 15.41 9.30 5.27
CA SER D 259 15.80 8.91 6.64
C SER D 259 17.26 9.30 6.91
N GLY D 260 17.77 8.88 8.07
CA GLY D 260 19.14 9.18 8.48
C GLY D 260 20.21 8.78 7.49
N GLY D 261 20.13 7.55 6.94
CA GLY D 261 21.13 7.05 6.00
C GLY D 261 22.23 6.16 6.58
N THR D 262 22.24 5.95 7.89
CA THR D 262 23.15 4.97 8.49
C THR D 262 22.32 3.92 9.18
N MET D 263 22.52 2.66 8.81
CA MET D 263 21.74 1.56 9.35
C MET D 263 22.48 0.88 10.53
N ILE D 264 21.72 0.53 11.55
CA ILE D 264 22.22 -0.34 12.62
C ILE D 264 21.62 -1.71 12.34
N SER D 265 22.43 -2.76 12.41
CA SER D 265 22.02 -4.09 11.99
C SER D 265 22.73 -5.16 12.77
N THR D 266 22.06 -6.29 13.00
CA THR D 266 22.68 -7.55 13.47
C THR D 266 22.63 -8.68 12.40
N SER D 267 22.40 -8.33 11.15
CA SER D 267 22.41 -9.34 10.08
C SER D 267 23.75 -9.35 9.34
N THR D 268 24.66 -8.44 9.72
CA THR D 268 26.05 -8.59 9.39
C THR D 268 26.86 -8.47 10.69
N PRO D 269 27.94 -9.24 10.81
CA PRO D 269 28.79 -9.00 11.99
C PRO D 269 29.60 -7.72 11.90
N HIS D 270 29.82 -7.25 10.68
CA HIS D 270 30.87 -6.29 10.39
C HIS D 270 30.31 -4.99 9.92
N MET D 271 31.12 -3.95 10.07
CA MET D 271 30.78 -2.65 9.56
C MET D 271 30.90 -2.66 8.05
N VAL D 272 29.89 -2.13 7.37
CA VAL D 272 29.84 -2.15 5.93
C VAL D 272 29.74 -0.72 5.40
N LEU D 273 30.55 -0.39 4.40
CA LEU D 273 30.62 0.95 3.85
C LEU D 273 30.46 0.93 2.34
N GLN D 274 29.84 1.98 1.83
CA GLN D 274 29.72 2.22 0.41
C GLN D 274 31.14 2.39 -0.17
N GLN D 275 31.38 1.84 -1.37
CA GLN D 275 32.74 1.57 -1.90
C GLN D 275 33.72 2.70 -1.58
N SER D 276 33.36 3.93 -1.94
CA SER D 276 34.25 5.07 -1.81
C SER D 276 34.56 5.44 -0.36
N VAL D 277 33.57 5.32 0.52
CA VAL D 277 33.75 5.54 1.96
C VAL D 277 34.69 4.45 2.53
N TYR D 278 34.52 3.24 2.01
CA TYR D 278 35.36 2.09 2.37
C TYR D 278 36.82 2.29 2.03
N GLN D 279 37.11 2.73 0.81
CA GLN D 279 38.49 3.05 0.38
C GLN D 279 39.13 4.07 1.35
N ALA D 280 38.49 5.23 1.48
CA ALA D 280 38.95 6.27 2.40
C ALA D 280 39.19 5.70 3.80
N PHE D 281 38.22 4.96 4.31
CA PHE D 281 38.27 4.44 5.67
C PHE D 281 39.47 3.56 5.86
N THR D 282 39.50 2.45 5.11
CA THR D 282 40.49 1.41 5.33
C THR D 282 41.89 1.98 5.16
N GLN D 283 42.06 2.82 4.15
CA GLN D 283 43.35 3.42 3.86
C GLN D 283 43.82 4.23 5.04
N VAL D 284 42.97 5.14 5.50
CA VAL D 284 43.29 5.97 6.66
C VAL D 284 43.58 5.11 7.91
N PHE D 285 42.77 4.07 8.12
CA PHE D 285 43.05 3.10 9.19
C PHE D 285 44.42 2.43 9.04
N ALA D 286 44.81 2.12 7.81
CA ALA D 286 46.14 1.51 7.53
C ALA D 286 47.23 2.46 8.00
N GLN D 287 47.05 3.74 7.71
CA GLN D 287 48.04 4.76 8.00
C GLN D 287 48.24 5.03 9.50
N GLN D 288 47.29 4.62 10.35
CA GLN D 288 47.46 4.71 11.80
C GLN D 288 48.33 3.56 12.34
N LEU D 289 48.85 2.73 11.43
CA LEU D 289 49.71 1.60 11.80
C LEU D 289 50.89 1.50 10.82
N PRO D 290 51.88 0.62 11.12
CA PRO D 290 52.91 0.24 10.15
C PRO D 290 52.35 -0.39 8.89
N VAL D 295 50.10 -7.34 6.10
CA VAL D 295 50.40 -8.73 5.73
C VAL D 295 49.42 -9.27 4.67
N LYS D 296 49.67 -10.50 4.22
CA LYS D 296 48.82 -11.12 3.19
C LYS D 296 47.36 -11.21 3.64
N SER D 297 46.56 -10.29 3.13
CA SER D 297 45.12 -10.26 3.38
C SER D 297 44.51 -11.66 3.43
N VAL D 298 43.70 -11.92 4.45
CA VAL D 298 43.04 -13.23 4.60
C VAL D 298 41.54 -13.10 4.40
N ALA D 299 40.99 -13.87 3.47
CA ALA D 299 39.57 -13.79 3.09
C ALA D 299 38.62 -13.94 4.26
N PRO D 300 37.48 -13.20 4.27
CA PRO D 300 37.00 -12.26 3.24
C PRO D 300 37.48 -10.83 3.45
N PHE D 301 38.47 -10.63 4.31
CA PHE D 301 38.90 -9.29 4.71
C PHE D 301 39.95 -8.76 3.74
N GLY D 302 39.98 -7.43 3.63
CA GLY D 302 40.83 -6.75 2.66
C GLY D 302 42.07 -6.07 3.25
N LEU D 303 42.16 -6.07 4.57
CA LEU D 303 43.26 -5.41 5.29
C LEU D 303 43.58 -6.17 6.56
N CYS D 304 44.73 -6.85 6.61
CA CYS D 304 45.11 -7.67 7.76
C CYS D 304 46.54 -7.40 8.27
N PHE D 305 46.77 -7.80 9.53
CA PHE D 305 48.03 -7.54 10.22
C PHE D 305 48.51 -8.71 11.07
N ASN D 306 49.80 -8.67 11.37
CA ASN D 306 50.43 -9.46 12.44
C ASN D 306 49.55 -9.84 13.64
N SER D 307 49.36 -8.90 14.58
CA SER D 307 48.66 -9.11 15.87
C SER D 307 49.54 -8.61 17.02
N ALA D 312 48.34 -0.85 20.18
CA ALA D 312 47.48 0.32 20.01
C ALA D 312 46.77 0.34 18.65
N TYR D 313 45.44 0.27 18.69
CA TYR D 313 44.63 0.47 17.49
C TYR D 313 43.93 1.82 17.57
N PRO D 314 43.84 2.55 16.43
CA PRO D 314 43.26 3.88 16.42
C PRO D 314 41.76 3.84 16.73
N SER D 315 41.21 4.96 17.18
CA SER D 315 39.76 5.04 17.45
C SER D 315 38.98 5.66 16.29
N VAL D 316 37.75 5.16 16.10
CA VAL D 316 36.81 5.70 15.13
C VAL D 316 35.74 6.52 15.87
N ASP D 317 35.57 7.77 15.45
CA ASP D 317 34.57 8.64 16.07
C ASP D 317 33.49 8.92 15.04
N LEU D 318 32.25 8.61 15.40
CA LEU D 318 31.12 8.92 14.56
C LEU D 318 30.34 10.10 15.18
N VAL D 319 30.38 11.26 14.53
CA VAL D 319 29.53 12.36 14.96
C VAL D 319 28.11 12.08 14.44
N MET D 320 27.16 11.94 15.37
CA MET D 320 25.79 11.54 15.06
C MET D 320 24.88 12.75 14.84
N ASP D 321 23.87 12.56 13.99
CA ASP D 321 22.83 13.55 13.67
C ASP D 321 23.34 14.76 12.90
N LYS D 322 24.19 15.57 13.53
CA LYS D 322 24.66 16.80 12.89
C LYS D 322 25.95 17.26 13.58
N PRO D 323 26.57 18.34 13.08
CA PRO D 323 27.87 18.79 13.56
C PRO D 323 28.03 18.94 15.08
N ASN D 324 26.95 19.27 15.77
CA ASN D 324 27.01 19.47 17.22
C ASN D 324 26.85 18.16 17.99
N GLY D 325 26.58 17.08 17.28
CA GLY D 325 26.01 15.89 17.88
C GLY D 325 26.88 15.18 18.89
N PRO D 326 26.28 14.25 19.65
CA PRO D 326 27.07 13.41 20.53
C PRO D 326 27.89 12.46 19.65
N VAL D 327 28.95 11.88 20.19
CA VAL D 327 29.85 11.07 19.38
C VAL D 327 29.71 9.61 19.79
N TRP D 328 29.54 8.76 18.79
CA TRP D 328 29.58 7.34 18.99
C TRP D 328 31.04 6.91 18.77
N ARG D 329 31.66 6.34 19.79
CA ARG D 329 33.08 5.99 19.74
C ARG D 329 33.34 4.50 19.80
N ILE D 330 34.03 3.99 18.78
CA ILE D 330 34.43 2.60 18.71
C ILE D 330 35.95 2.60 18.82
N SER D 331 36.48 1.94 19.84
CA SER D 331 37.95 1.76 19.91
C SER D 331 38.41 0.76 18.86
N GLY D 332 39.56 1.02 18.28
CA GLY D 332 40.07 0.24 17.15
C GLY D 332 40.04 -1.27 17.35
N GLU D 333 40.48 -1.75 18.51
CA GLU D 333 40.62 -3.19 18.71
C GLU D 333 39.27 -3.89 18.53
N ASP D 334 38.19 -3.20 18.89
CA ASP D 334 36.84 -3.74 18.73
C ASP D 334 36.39 -3.85 17.27
N LEU D 335 37.04 -3.17 16.34
CA LEU D 335 36.72 -3.36 14.92
C LEU D 335 37.44 -4.60 14.43
N MET D 336 38.60 -4.87 15.05
CA MET D 336 39.53 -5.87 14.58
C MET D 336 39.04 -7.30 14.85
N VAL D 337 39.38 -8.19 13.92
CA VAL D 337 38.97 -9.59 13.95
C VAL D 337 40.21 -10.43 13.80
N GLN D 338 40.13 -11.71 14.16
CA GLN D 338 41.24 -12.66 14.00
C GLN D 338 40.93 -13.76 12.99
N ALA D 339 41.57 -13.69 11.82
CA ALA D 339 41.31 -14.62 10.73
C ALA D 339 41.97 -15.97 10.98
N THR D 344 45.34 -10.68 12.58
CA THR D 344 44.21 -9.81 12.90
C THR D 344 43.85 -8.83 11.75
N CYS D 345 42.56 -8.70 11.45
CA CYS D 345 42.06 -7.95 10.28
C CYS D 345 40.98 -6.91 10.59
N LEU D 346 40.90 -5.89 9.73
CA LEU D 346 39.94 -4.83 9.90
C LEU D 346 38.56 -5.36 9.53
N GLY D 347 37.69 -5.46 10.54
CA GLY D 347 36.31 -5.94 10.35
C GLY D 347 35.38 -4.92 9.75
N VAL D 348 35.80 -4.34 8.63
CA VAL D 348 35.02 -3.34 7.89
C VAL D 348 35.00 -3.80 6.45
N MET D 349 33.80 -4.05 5.91
CA MET D 349 33.65 -4.59 4.55
C MET D 349 33.23 -3.54 3.53
N ASN D 350 33.42 -3.89 2.26
CA ASN D 350 33.08 -3.05 1.13
C ASN D 350 31.67 -3.46 0.67
N GLY D 351 30.72 -2.56 0.87
CA GLY D 351 29.34 -2.82 0.48
C GLY D 351 29.05 -2.46 -0.96
N GLY D 352 30.08 -2.09 -1.71
CA GLY D 352 29.94 -1.82 -3.14
C GLY D 352 29.36 -0.45 -3.42
N MET D 353 28.95 -0.24 -4.67
CA MET D 353 28.42 1.04 -5.10
C MET D 353 27.11 1.39 -4.38
N GLN D 354 26.24 0.38 -4.26
CA GLN D 354 24.88 0.53 -3.73
C GLN D 354 24.50 -0.44 -2.61
N PRO D 355 25.10 -0.33 -1.42
CA PRO D 355 24.56 -1.02 -0.24
C PRO D 355 23.22 -0.39 0.13
N ARG D 356 22.46 -0.91 1.11
CA ARG D 356 21.21 -0.23 1.55
C ARG D 356 21.50 1.15 2.11
N ALA D 357 22.53 1.24 2.94
CA ALA D 357 22.92 2.50 3.57
C ALA D 357 24.37 2.77 3.21
N GLU D 358 24.76 4.04 3.21
CA GLU D 358 26.13 4.46 2.98
C GLU D 358 27.04 3.82 4.02
N ILE D 359 26.54 3.79 5.26
CA ILE D 359 27.23 3.23 6.41
C ILE D 359 26.29 2.26 7.11
N THR D 360 26.81 1.10 7.50
CA THR D 360 26.07 0.16 8.32
C THR D 360 26.92 -0.23 9.51
N LEU D 361 26.34 -0.20 10.70
CA LEU D 361 26.98 -0.66 11.91
C LEU D 361 26.47 -2.07 12.19
N GLY D 362 27.37 -3.04 12.16
CA GLY D 362 27.03 -4.46 12.36
C GLY D 362 27.04 -4.93 13.81
N ALA D 363 26.91 -6.25 13.99
CA ALA D 363 26.71 -6.87 15.31
C ALA D 363 27.84 -6.51 16.26
N ARG D 364 29.05 -6.52 15.74
CA ARG D 364 30.26 -6.35 16.55
C ARG D 364 30.36 -4.98 17.22
N GLN D 365 29.73 -3.97 16.60
CA GLN D 365 29.72 -2.60 17.16
C GLN D 365 28.63 -2.39 18.18
N LEU D 366 27.66 -3.28 18.25
CA LEU D 366 26.68 -3.27 19.31
C LEU D 366 27.23 -4.03 20.52
N GLU D 367 28.19 -4.91 20.29
CA GLU D 367 28.70 -5.76 21.38
C GLU D 367 29.31 -4.96 22.52
N GLU D 368 28.96 -5.35 23.75
CA GLU D 368 29.51 -4.73 24.96
C GLU D 368 29.26 -3.22 24.97
N ASN D 369 28.17 -2.81 24.32
CA ASN D 369 27.69 -1.43 24.27
C ASN D 369 26.20 -1.49 24.54
N LEU D 370 25.72 -0.62 25.40
CA LEU D 370 24.31 -0.62 25.80
C LEU D 370 23.63 0.29 24.78
N VAL D 371 22.83 -0.29 23.88
CA VAL D 371 22.12 0.49 22.85
C VAL D 371 20.59 0.38 23.03
N VAL D 372 19.98 1.54 23.25
CA VAL D 372 18.62 1.66 23.72
C VAL D 372 17.82 2.11 22.49
N PHE D 373 16.82 1.33 22.08
CA PHE D 373 15.98 1.74 20.98
C PHE D 373 14.68 2.27 21.54
N ASP D 374 14.57 3.58 21.64
CA ASP D 374 13.35 4.20 22.12
C ASP D 374 12.38 4.52 20.99
N LEU D 375 11.41 3.61 20.83
CA LEU D 375 10.39 3.66 19.78
C LEU D 375 9.26 4.62 20.12
N ALA D 376 9.10 4.98 21.40
CA ALA D 376 8.12 6.01 21.79
C ALA D 376 8.65 7.40 21.51
N ARG D 377 9.96 7.61 21.61
CA ARG D 377 10.51 8.95 21.38
C ARG D 377 11.27 9.09 20.06
N SER D 378 11.34 8.00 19.30
CA SER D 378 12.10 7.95 18.05
C SER D 378 13.56 8.41 18.16
N ARG D 379 14.31 7.80 19.06
CA ARG D 379 15.73 8.06 19.17
C ARG D 379 16.42 6.79 19.65
N VAL D 380 17.72 6.72 19.40
CA VAL D 380 18.54 5.62 19.84
C VAL D 380 19.51 6.13 20.87
N GLY D 381 19.57 5.42 22.00
CA GLY D 381 20.41 5.80 23.12
C GLY D 381 21.66 4.97 23.14
N PHE D 382 22.76 5.60 23.50
CA PHE D 382 24.03 4.89 23.56
C PHE D 382 25.00 5.46 24.59
N SER D 383 25.84 4.56 25.05
CA SER D 383 26.83 4.81 26.06
C SER D 383 27.97 5.63 25.49
N THR D 384 28.04 6.90 25.88
CA THR D 384 29.20 7.77 25.61
C THR D 384 30.48 7.22 26.24
N SER D 389 35.51 4.35 35.68
CA SER D 389 34.37 3.43 35.71
C SER D 389 34.16 2.76 34.34
N HIS D 390 34.85 1.63 34.15
CA HIS D 390 34.81 0.89 32.89
C HIS D 390 33.49 0.18 32.70
N GLY D 391 33.19 -0.16 31.45
CA GLY D 391 32.02 -0.99 31.13
C GLY D 391 32.17 -2.34 31.82
N VAL D 392 31.07 -2.84 32.39
CA VAL D 392 31.03 -4.20 32.96
C VAL D 392 30.85 -5.14 31.76
N LYS D 393 30.18 -6.27 31.90
CA LYS D 393 30.01 -7.15 30.74
C LYS D 393 28.54 -7.32 30.45
N CYS D 394 28.19 -7.34 29.18
CA CYS D 394 26.82 -7.60 28.81
C CYS D 394 26.41 -8.94 29.44
N ALA D 395 27.35 -9.88 29.48
CA ALA D 395 27.10 -11.22 30.00
C ALA D 395 26.85 -11.26 31.50
N ASP D 396 27.31 -10.24 32.24
CA ASP D 396 27.06 -10.09 33.68
C ASP D 396 25.66 -9.70 34.10
N LEU D 397 24.86 -9.18 33.18
CA LEU D 397 23.62 -8.52 33.55
C LEU D 397 22.65 -9.46 34.21
N PHE D 398 22.59 -10.70 33.72
CA PHE D 398 21.61 -11.66 34.21
C PHE D 398 22.18 -13.08 34.38
N ASN D 399 21.36 -13.94 34.99
CA ASN D 399 21.70 -15.33 35.26
C ASN D 399 20.55 -16.30 34.91
N PHE D 400 20.68 -17.02 33.78
CA PHE D 400 19.72 -18.06 33.37
C PHE D 400 20.44 -19.31 32.85
#